data_4IRL
#
_entry.id   4IRL
#
_cell.length_a   65.749
_cell.length_b   124.750
_cell.length_c   178.044
_cell.angle_alpha   90.00
_cell.angle_beta   90.00
_cell.angle_gamma   90.00
#
_symmetry.space_group_name_H-M   'P 21 21 21'
#
loop_
_entity.id
_entity.type
_entity.pdbx_description
1 polymer 'Maltose-binding periplasmic protein, Novel protein similar to vertebrate guanylate binding protein family'
2 branched alpha-D-glucopyranose-(1-4)-alpha-D-glucopyranose-(1-4)-alpha-D-glucopyranose-(1-4)-alpha-D-glucopyranose
3 non-polymer 'MALONATE ION'
4 non-polymer 1,2-ETHANEDIOL
5 non-polymer 'ACETATE ION'
6 non-polymer 'SODIUM ION'
7 non-polymer DI(HYDROXYETHYL)ETHER
8 water water
#
_entity_poly.entity_id   1
_entity_poly.type   'polypeptide(L)'
_entity_poly.pdbx_seq_one_letter_code
;MKIEEGKLVIWINGDKGYNGLAEVGKKFEKDTGIKVTVEHPDKLEEKFPQVAATGDGPDIIFWAHDRFGGYAQSGLLAEI
TPAAAFQDKLYPFTWDAVRYNGKLIAYPIAVEALSLIYNKDLLPNPPKTWEEIPALDKELKAKGKSALMFNLQEPYFTWP
LIAADGGYAFKYAAGKYDIKDVGVDNAGAKAGLTFLVDLIKNKHMNADTDYSIAEAAFNKGETAMTINGPWAWSNIDTSA
VNYGVTVLPTFKGQPSKPFVGVLSAGINAASPNKELAKEFLENYLLTDEGLEAVNKDKPLGAVALKSYEEELAKDPRIAA
TMENAQKGEIMPNIPQMSAFWYAVRTAVINAASGRQTVDAALAAAQTNAARAAAASEFVDALRGDLIQKVSSVMAIADSL
MSERMITDELYSEVHYADTNQRKMRLLFRALDSGGASVKAEFYRLLMENEPRLVHELESRHSESSGPQLEHHHHHH
;
_entity_poly.pdbx_strand_id   A,B,C
#
# COMPACT_ATOMS: atom_id res chain seq x y z
N MET A 1 -31.98 -8.60 37.76
CA MET A 1 -31.49 -7.68 36.74
C MET A 1 -32.58 -7.40 35.72
N LYS A 2 -32.53 -6.22 35.08
CA LYS A 2 -33.57 -5.82 34.12
C LYS A 2 -33.70 -6.75 32.92
N ILE A 3 -32.59 -7.06 32.28
CA ILE A 3 -32.61 -8.00 31.17
C ILE A 3 -31.92 -9.28 31.63
N GLU A 4 -32.46 -10.43 31.23
CA GLU A 4 -31.96 -11.70 31.73
C GLU A 4 -30.66 -12.09 31.05
N GLU A 5 -29.60 -12.30 31.83
CA GLU A 5 -28.34 -12.79 31.29
C GLU A 5 -28.46 -14.28 30.97
N GLY A 6 -27.89 -14.69 29.85
CA GLY A 6 -27.83 -16.11 29.53
C GLY A 6 -28.88 -16.59 28.57
N LYS A 7 -29.62 -15.65 27.99
CA LYS A 7 -30.50 -15.97 26.88
C LYS A 7 -30.63 -14.74 26.00
N LEU A 8 -31.28 -14.92 24.85
CA LEU A 8 -31.54 -13.82 23.93
C LEU A 8 -33.02 -13.72 23.67
N VAL A 9 -33.55 -12.51 23.85
CA VAL A 9 -34.92 -12.22 23.45
C VAL A 9 -34.83 -11.33 22.22
N ILE A 10 -35.56 -11.70 21.16
CA ILE A 10 -35.49 -11.00 19.88
C ILE A 10 -36.87 -10.48 19.52
N TRP A 11 -36.98 -9.20 19.12
CA TRP A 11 -38.24 -8.67 18.58
C TRP A 11 -38.14 -8.41 17.09
N ILE A 12 -39.15 -8.84 16.34
CA ILE A 12 -39.21 -8.68 14.88
C ILE A 12 -40.66 -8.52 14.48
N ASN A 13 -40.92 -7.76 13.40
CA ASN A 13 -42.29 -7.44 13.02
C ASN A 13 -43.04 -8.68 12.55
N GLY A 14 -44.33 -8.69 12.81
CA GLY A 14 -45.15 -9.86 12.52
C GLY A 14 -45.32 -10.12 11.03
N ASP A 15 -44.88 -9.20 10.16
CA ASP A 15 -44.89 -9.48 8.72
C ASP A 15 -43.63 -10.17 8.19
N LYS A 16 -42.66 -10.43 9.04
CA LYS A 16 -41.40 -11.04 8.62
C LYS A 16 -41.38 -12.51 8.99
N GLY A 17 -40.33 -13.21 8.57
CA GLY A 17 -40.26 -14.65 8.79
C GLY A 17 -39.83 -15.04 10.20
N TYR A 18 -40.67 -14.76 11.19
CA TYR A 18 -40.31 -15.03 12.57
C TYR A 18 -40.25 -16.51 12.93
N ASN A 19 -41.02 -17.37 12.28
CA ASN A 19 -40.85 -18.80 12.55
C ASN A 19 -39.52 -19.32 12.02
N GLY A 20 -39.07 -18.80 10.89
CA GLY A 20 -37.76 -19.15 10.37
C GLY A 20 -36.66 -18.68 11.27
N LEU A 21 -36.81 -17.46 11.81
CA LEU A 21 -35.80 -16.94 12.71
C LEU A 21 -35.73 -17.79 13.99
N ALA A 22 -36.89 -18.22 14.50
CA ALA A 22 -36.94 -19.08 15.70
C ALA A 22 -36.20 -20.38 15.41
N GLU A 23 -36.30 -20.88 14.18
CA GLU A 23 -35.51 -22.06 13.82
C GLU A 23 -34.00 -21.82 13.92
N VAL A 24 -33.54 -20.65 13.46
CA VAL A 24 -32.15 -20.27 13.65
C VAL A 24 -31.80 -20.21 15.13
N GLY A 25 -32.72 -19.67 15.92
CA GLY A 25 -32.55 -19.63 17.37
C GLY A 25 -32.38 -21.03 17.96
N LYS A 26 -33.14 -22.02 17.50
CA LYS A 26 -33.01 -23.39 18.01
C LYS A 26 -31.64 -23.96 17.68
N LYS A 27 -31.10 -23.57 16.52
CA LYS A 27 -29.76 -24.02 16.15
CA LYS A 27 -29.76 -24.01 16.13
C LYS A 27 -28.72 -23.40 17.08
N PHE A 28 -28.87 -22.12 17.39
CA PHE A 28 -27.96 -21.46 18.33
C PHE A 28 -28.03 -22.17 19.68
N GLU A 29 -29.25 -22.53 20.10
CA GLU A 29 -29.43 -23.10 21.43
C GLU A 29 -28.77 -24.47 21.48
N LYS A 30 -28.88 -25.26 20.42
CA LYS A 30 -28.28 -26.59 20.42
C LYS A 30 -26.74 -26.53 20.45
N ASP A 31 -26.17 -25.41 20.02
CA ASP A 31 -24.73 -25.28 19.91
C ASP A 31 -24.12 -24.61 21.14
N THR A 32 -24.91 -23.81 21.85
CA THR A 32 -24.38 -22.95 22.89
C THR A 32 -25.08 -23.11 24.23
N GLY A 33 -26.25 -23.73 24.25
CA GLY A 33 -27.05 -23.83 25.46
C GLY A 33 -27.79 -22.56 25.82
N ILE A 34 -27.76 -21.59 24.92
CA ILE A 34 -28.38 -20.28 25.14
C ILE A 34 -29.74 -20.27 24.44
N LYS A 35 -30.82 -20.21 25.21
CA LYS A 35 -32.17 -20.15 24.63
C LYS A 35 -32.41 -18.85 23.87
N VAL A 36 -33.03 -18.97 22.70
CA VAL A 36 -33.38 -17.80 21.91
C VAL A 36 -34.91 -17.75 21.76
N THR A 37 -35.50 -16.65 22.20
CA THR A 37 -36.94 -16.47 22.13
C THR A 37 -37.25 -15.33 21.16
N VAL A 38 -38.07 -15.61 20.15
CA VAL A 38 -38.44 -14.63 19.11
C VAL A 38 -39.87 -14.15 19.38
N GLU A 39 -40.08 -12.85 19.48
CA GLU A 39 -41.42 -12.32 19.73
C GLU A 39 -41.76 -11.30 18.66
N HIS A 40 -43.06 -11.14 18.36
CA HIS A 40 -43.52 -10.14 17.40
C HIS A 40 -44.63 -9.24 17.94
N PRO A 41 -44.33 -8.48 18.99
CA PRO A 41 -45.40 -7.65 19.56
C PRO A 41 -45.93 -6.58 18.58
N ASP A 42 -47.20 -6.18 18.75
CA ASP A 42 -47.76 -5.08 17.97
C ASP A 42 -46.95 -3.82 18.27
N LYS A 43 -46.81 -2.94 17.28
CA LYS A 43 -46.18 -1.63 17.50
C LYS A 43 -44.81 -1.71 18.17
N LEU A 44 -44.02 -2.71 17.79
CA LEU A 44 -42.72 -2.92 18.46
C LEU A 44 -41.73 -1.78 18.29
N GLU A 45 -41.87 -1.01 17.21
CA GLU A 45 -40.90 0.02 16.89
C GLU A 45 -41.14 1.23 17.80
N GLU A 46 -42.34 1.29 18.37
CA GLU A 46 -42.68 2.29 19.36
C GLU A 46 -42.47 1.76 20.77
N LYS A 47 -42.73 0.47 20.96
CA LYS A 47 -42.53 -0.16 22.27
C LYS A 47 -41.04 -0.26 22.61
N PHE A 48 -40.21 -0.51 21.61
CA PHE A 48 -38.78 -0.71 21.87
C PHE A 48 -38.18 0.45 22.67
N PRO A 49 -38.30 1.72 22.18
CA PRO A 49 -37.68 2.78 22.97
C PRO A 49 -38.36 2.98 24.33
N GLN A 50 -39.65 2.68 24.45
CA GLN A 50 -40.35 2.80 25.73
C GLN A 50 -39.78 1.88 26.81
N VAL A 51 -39.31 0.72 26.42
CA VAL A 51 -38.64 -0.16 27.37
C VAL A 51 -37.12 0.03 27.45
N ALA A 52 -36.47 0.26 26.30
CA ALA A 52 -35.02 0.38 26.29
C ALA A 52 -34.52 1.64 27.00
N ALA A 53 -35.32 2.70 27.04
CA ALA A 53 -34.91 3.95 27.70
C ALA A 53 -34.83 3.81 29.21
N THR A 54 -35.41 2.73 29.72
CA THR A 54 -35.43 2.45 31.15
C THR A 54 -34.52 1.27 31.46
N GLY A 55 -33.83 0.78 30.43
CA GLY A 55 -32.85 -0.29 30.60
C GLY A 55 -33.42 -1.69 30.47
N ASP A 56 -34.65 -1.81 29.98
CA ASP A 56 -35.31 -3.10 29.77
C ASP A 56 -35.41 -3.44 28.29
N GLY A 57 -36.15 -4.51 27.98
CA GLY A 57 -36.50 -4.80 26.60
C GLY A 57 -35.78 -5.99 26.01
N PRO A 58 -35.96 -6.21 24.70
CA PRO A 58 -35.28 -7.34 24.04
C PRO A 58 -33.77 -7.09 23.93
N ASP A 59 -33.02 -8.17 23.79
CA ASP A 59 -31.59 -8.06 23.48
C ASP A 59 -31.37 -7.59 22.06
N ILE A 60 -32.22 -8.07 21.14
CA ILE A 60 -32.06 -7.75 19.72
C ILE A 60 -33.37 -7.21 19.16
N ILE A 61 -33.30 -6.12 18.39
CA ILE A 61 -34.47 -5.48 17.79
C ILE A 61 -34.29 -5.42 16.28
N PHE A 62 -35.28 -5.93 15.54
CA PHE A 62 -35.29 -5.86 14.06
C PHE A 62 -36.31 -4.81 13.58
N TRP A 63 -35.89 -3.98 12.62
CA TRP A 63 -36.79 -3.04 11.92
C TRP A 63 -36.02 -2.55 10.73
N ALA A 64 -36.71 -1.91 9.79
CA ALA A 64 -35.93 -1.19 8.76
C ALA A 64 -35.05 -0.09 9.39
N HIS A 65 -33.97 0.21 8.71
CA HIS A 65 -32.93 1.07 9.25
C HIS A 65 -33.38 2.50 9.51
N ASP A 66 -34.50 2.95 8.94
CA ASP A 66 -34.94 4.34 9.16
C ASP A 66 -35.23 4.68 10.63
N ARG A 67 -35.55 3.66 11.44
CA ARG A 67 -35.78 3.88 12.87
C ARG A 67 -34.50 3.98 13.69
N PHE A 68 -33.38 3.52 13.14
CA PHE A 68 -32.22 3.25 13.98
C PHE A 68 -31.41 4.46 14.44
N GLY A 69 -31.30 5.51 13.62
CA GLY A 69 -30.63 6.73 14.10
C GLY A 69 -31.28 7.32 15.32
N GLY A 70 -32.62 7.37 15.35
CA GLY A 70 -33.36 7.78 16.51
C GLY A 70 -33.04 6.94 17.74
N TYR A 71 -33.05 5.63 17.60
CA TYR A 71 -32.66 4.74 18.69
C TYR A 71 -31.24 5.03 19.18
N ALA A 72 -30.30 5.23 18.25
CA ALA A 72 -28.88 5.42 18.59
C ALA A 72 -28.71 6.75 19.30
N GLN A 73 -29.37 7.78 18.76
CA GLN A 73 -29.29 9.11 19.33
C GLN A 73 -29.91 9.13 20.73
N SER A 74 -30.85 8.22 20.98
CA SER A 74 -31.55 8.16 22.27
C SER A 74 -30.84 7.23 23.26
N GLY A 75 -29.64 6.77 22.89
CA GLY A 75 -28.80 5.99 23.80
C GLY A 75 -29.21 4.53 23.92
N LEU A 76 -29.97 4.01 22.98
CA LEU A 76 -30.58 2.70 23.14
C LEU A 76 -29.85 1.53 22.50
N LEU A 77 -28.84 1.79 21.66
CA LEU A 77 -28.16 0.74 20.89
C LEU A 77 -26.67 0.62 21.24
N ALA A 78 -26.18 -0.61 21.17
CA ALA A 78 -24.75 -0.86 21.28
C ALA A 78 -24.05 -0.58 19.94
N GLU A 79 -22.85 0.01 19.98
CA GLU A 79 -22.09 0.17 18.74
C GLU A 79 -21.69 -1.20 18.21
N ILE A 80 -21.82 -1.38 16.89
CA ILE A 80 -21.49 -2.63 16.22
C ILE A 80 -20.10 -2.46 15.59
N THR A 81 -19.22 -3.44 15.77
CA THR A 81 -17.85 -3.35 15.27
C THR A 81 -17.37 -4.66 14.69
N PRO A 82 -17.88 -5.02 13.49
CA PRO A 82 -17.46 -6.27 12.89
C PRO A 82 -16.01 -6.23 12.44
N ALA A 83 -15.33 -7.36 12.53
CA ALA A 83 -14.02 -7.48 11.90
C ALA A 83 -14.15 -7.32 10.39
N ALA A 84 -13.07 -6.90 9.74
CA ALA A 84 -13.09 -6.68 8.30
C ALA A 84 -13.55 -7.90 7.52
N ALA A 85 -13.11 -9.08 7.93
CA ALA A 85 -13.54 -10.30 7.25
C ALA A 85 -15.07 -10.49 7.25
N PHE A 86 -15.73 -10.10 8.34
CA PHE A 86 -17.19 -10.11 8.34
C PHE A 86 -17.78 -8.95 7.55
N GLN A 87 -17.27 -7.74 7.74
CA GLN A 87 -17.80 -6.59 7.02
C GLN A 87 -17.77 -6.87 5.51
N ASP A 88 -16.71 -7.50 5.02
CA ASP A 88 -16.56 -7.78 3.59
C ASP A 88 -17.60 -8.81 3.09
N LYS A 89 -18.32 -9.45 3.98
CA LYS A 89 -19.36 -10.39 3.57
C LYS A 89 -20.68 -9.74 3.11
N LEU A 90 -20.87 -8.47 3.45
CA LEU A 90 -22.12 -7.78 3.12
C LEU A 90 -21.86 -6.66 2.10
N TYR A 91 -22.88 -6.30 1.34
CA TYR A 91 -22.77 -5.21 0.35
C TYR A 91 -22.44 -3.89 1.03
N PRO A 92 -21.51 -3.11 0.46
CA PRO A 92 -21.09 -1.84 1.07
C PRO A 92 -22.27 -0.90 1.38
N PHE A 93 -23.22 -0.78 0.46
CA PHE A 93 -24.33 0.14 0.69
C PHE A 93 -25.21 -0.28 1.86
N THR A 94 -25.20 -1.57 2.20
CA THR A 94 -26.01 -1.98 3.36
C THR A 94 -25.36 -1.51 4.66
N TRP A 95 -24.04 -1.56 4.74
CA TRP A 95 -23.37 -0.99 5.92
C TRP A 95 -23.63 0.51 5.97
N ASP A 96 -23.63 1.17 4.81
CA ASP A 96 -23.90 2.62 4.78
C ASP A 96 -25.24 2.97 5.42
N ALA A 97 -26.24 2.11 5.24
CA ALA A 97 -27.58 2.39 5.75
C ALA A 97 -27.63 2.37 7.28
N VAL A 98 -26.71 1.64 7.91
CA VAL A 98 -26.69 1.49 9.37
C VAL A 98 -25.52 2.23 10.00
N ARG A 99 -24.93 3.16 9.25
CA ARG A 99 -23.88 4.03 9.79
C ARG A 99 -24.46 5.38 10.27
N TYR A 100 -24.18 5.76 11.52
CA TYR A 100 -24.78 6.97 12.06
C TYR A 100 -23.70 7.68 12.83
N ASN A 101 -23.40 8.90 12.41
CA ASN A 101 -22.34 9.70 13.01
C ASN A 101 -21.02 8.96 13.15
N GLY A 102 -20.64 8.26 12.09
CA GLY A 102 -19.34 7.63 12.03
C GLY A 102 -19.30 6.18 12.49
N LYS A 103 -20.32 5.76 13.24
CA LYS A 103 -20.31 4.43 13.87
C LYS A 103 -21.38 3.54 13.25
N LEU A 104 -21.13 2.23 13.19
CA LEU A 104 -22.17 1.29 12.77
C LEU A 104 -23.08 0.97 13.95
N ILE A 105 -24.39 0.97 13.73
CA ILE A 105 -25.34 0.88 14.85
CA ILE A 105 -25.34 0.88 14.85
C ILE A 105 -26.27 -0.32 14.71
N ALA A 106 -26.08 -1.11 13.68
CA ALA A 106 -26.90 -2.32 13.52
C ALA A 106 -26.24 -3.24 12.49
N TYR A 107 -26.71 -4.48 12.41
CA TYR A 107 -26.33 -5.38 11.35
C TYR A 107 -27.40 -5.34 10.26
N PRO A 108 -27.02 -5.06 9.01
CA PRO A 108 -28.00 -5.08 7.92
C PRO A 108 -28.31 -6.53 7.53
N ILE A 109 -29.57 -6.76 7.18
CA ILE A 109 -30.04 -8.14 6.89
C ILE A 109 -30.51 -8.26 5.45
N ALA A 110 -31.39 -7.35 5.03
CA ALA A 110 -31.96 -7.49 3.69
C ALA A 110 -32.51 -6.19 3.17
N VAL A 111 -32.56 -6.06 1.85
CA VAL A 111 -32.99 -4.85 1.18
C VAL A 111 -34.41 -5.03 0.65
N GLU A 112 -35.28 -4.12 1.04
CA GLU A 112 -36.71 -4.19 0.73
C GLU A 112 -37.09 -3.02 -0.12
N ALA A 113 -37.75 -3.29 -1.24
CA ALA A 113 -38.38 -2.22 -2.00
C ALA A 113 -39.75 -2.69 -2.44
N LEU A 114 -40.70 -1.77 -2.51
CA LEU A 114 -42.03 -2.04 -3.07
C LEU A 114 -41.97 -2.29 -4.59
N SER A 115 -42.81 -3.19 -5.08
CA SER A 115 -42.91 -3.37 -6.52
C SER A 115 -44.38 -3.37 -6.88
N LEU A 116 -44.64 -3.39 -8.19
CA LEU A 116 -45.99 -3.58 -8.70
C LEU A 116 -46.19 -5.08 -8.85
N ILE A 117 -47.24 -5.59 -8.20
CA ILE A 117 -47.57 -6.99 -8.28
C ILE A 117 -48.88 -7.08 -9.07
N TYR A 118 -48.93 -7.94 -10.09
CA TYR A 118 -50.09 -7.95 -10.97
C TYR A 118 -50.54 -9.35 -11.28
N ASN A 119 -51.82 -9.48 -11.64
CA ASN A 119 -52.40 -10.76 -11.98
C ASN A 119 -52.22 -10.93 -13.48
N LYS A 120 -51.45 -11.93 -13.91
CA LYS A 120 -51.09 -12.11 -15.30
C LYS A 120 -52.27 -12.66 -16.11
N ASP A 121 -53.24 -13.25 -15.42
CA ASP A 121 -54.38 -13.79 -16.17
C ASP A 121 -55.37 -12.66 -16.50
N LEU A 122 -55.56 -11.74 -15.56
CA LEU A 122 -56.44 -10.59 -15.79
C LEU A 122 -55.76 -9.53 -16.62
N LEU A 123 -54.43 -9.44 -16.48
CA LEU A 123 -53.67 -8.33 -17.01
C LEU A 123 -52.28 -8.78 -17.46
N PRO A 124 -52.20 -9.40 -18.65
CA PRO A 124 -50.92 -9.93 -19.15
C PRO A 124 -49.90 -8.85 -19.41
N ASN A 125 -50.36 -7.66 -19.79
CA ASN A 125 -49.48 -6.50 -19.95
C ASN A 125 -49.82 -5.37 -19.00
N PRO A 126 -49.18 -5.37 -17.83
CA PRO A 126 -49.49 -4.32 -16.85
C PRO A 126 -49.08 -2.94 -17.37
N PRO A 127 -49.78 -1.90 -16.88
CA PRO A 127 -49.56 -0.51 -17.28
C PRO A 127 -48.18 -0.01 -16.89
N LYS A 128 -47.57 0.75 -17.78
CA LYS A 128 -46.26 1.29 -17.54
C LYS A 128 -46.40 2.61 -16.85
N THR A 129 -47.59 3.20 -16.91
CA THR A 129 -47.85 4.52 -16.28
C THR A 129 -49.02 4.52 -15.31
N TRP A 130 -48.95 5.37 -14.30
CA TRP A 130 -50.08 5.61 -13.40
C TRP A 130 -51.24 6.23 -14.17
N GLU A 131 -50.94 7.08 -15.14
CA GLU A 131 -51.97 7.76 -15.89
C GLU A 131 -52.94 6.83 -16.62
N GLU A 132 -52.51 5.62 -16.98
CA GLU A 132 -53.44 4.75 -17.70
C GLU A 132 -54.33 3.89 -16.79
N ILE A 133 -54.17 4.04 -15.48
CA ILE A 133 -54.93 3.21 -14.54
C ILE A 133 -56.46 3.46 -14.51
N PRO A 134 -56.91 4.74 -14.52
CA PRO A 134 -58.36 4.99 -14.57
C PRO A 134 -59.05 4.31 -15.74
N ALA A 135 -58.51 4.39 -16.95
CA ALA A 135 -59.15 3.73 -18.08
C ALA A 135 -59.12 2.23 -17.87
N LEU A 136 -58.01 1.74 -17.32
CA LEU A 136 -57.90 0.33 -17.08
C LEU A 136 -58.95 -0.13 -16.07
N ASP A 137 -59.16 0.66 -15.02
CA ASP A 137 -60.15 0.29 -14.03
C ASP A 137 -61.56 0.26 -14.62
N LYS A 138 -61.89 1.23 -15.46
CA LYS A 138 -63.23 1.31 -16.07
C LYS A 138 -63.51 0.03 -16.83
N GLU A 139 -62.49 -0.42 -17.54
CA GLU A 139 -62.52 -1.64 -18.32
C GLU A 139 -62.71 -2.87 -17.42
N LEU A 140 -61.94 -2.93 -16.32
CA LEU A 140 -62.05 -4.05 -15.40
C LEU A 140 -63.38 -4.07 -14.63
N LYS A 141 -63.90 -2.90 -14.30
CA LYS A 141 -65.19 -2.80 -13.60
C LYS A 141 -66.34 -3.43 -14.38
N ALA A 142 -66.30 -3.30 -15.70
CA ALA A 142 -67.23 -3.98 -16.61
C ALA A 142 -67.21 -5.51 -16.49
N LYS A 143 -66.06 -6.08 -16.15
CA LYS A 143 -65.92 -7.51 -15.91
C LYS A 143 -66.02 -7.87 -14.41
N GLY A 144 -66.47 -6.95 -13.59
CA GLY A 144 -66.63 -7.23 -12.17
C GLY A 144 -65.33 -7.26 -11.37
N LYS A 145 -64.30 -6.61 -11.87
CA LYS A 145 -63.00 -6.59 -11.22
C LYS A 145 -62.57 -5.14 -11.03
N SER A 146 -61.42 -4.89 -10.41
CA SER A 146 -60.87 -3.54 -10.36
C SER A 146 -59.42 -3.56 -10.77
N ALA A 147 -58.86 -2.38 -11.07
CA ALA A 147 -57.48 -2.33 -11.53
C ALA A 147 -56.46 -2.45 -10.42
N LEU A 148 -56.67 -1.71 -9.33
CA LEU A 148 -55.60 -1.54 -8.33
C LEU A 148 -56.10 -1.34 -6.91
N MET A 149 -55.57 -2.15 -5.99
CA MET A 149 -55.80 -1.93 -4.57
C MET A 149 -54.53 -2.10 -3.76
N PHE A 150 -54.22 -1.11 -2.95
CA PHE A 150 -53.05 -1.16 -2.07
C PHE A 150 -53.33 -0.38 -0.79
N ASN A 151 -52.48 -0.60 0.21
CA ASN A 151 -52.66 -0.01 1.53
C ASN A 151 -52.56 1.50 1.48
N LEU A 152 -53.66 2.18 1.82
CA LEU A 152 -53.66 3.64 1.81
C LEU A 152 -53.55 4.21 3.22
N GLN A 153 -53.32 3.35 4.22
CA GLN A 153 -53.26 3.80 5.61
C GLN A 153 -51.85 4.05 6.11
N GLU A 154 -50.87 3.51 5.40
CA GLU A 154 -49.47 3.66 5.76
C GLU A 154 -48.74 4.41 4.66
N PRO A 155 -48.11 5.54 5.01
CA PRO A 155 -47.51 6.39 3.96
C PRO A 155 -46.39 5.68 3.14
N TYR A 156 -45.79 4.63 3.69
CA TYR A 156 -44.78 3.88 2.96
C TYR A 156 -45.26 3.44 1.57
N PHE A 157 -46.55 3.09 1.47
CA PHE A 157 -47.11 2.59 0.22
C PHE A 157 -47.49 3.67 -0.78
N THR A 158 -47.76 4.88 -0.31
CA THR A 158 -48.13 5.97 -1.21
CA THR A 158 -48.11 5.98 -1.23
C THR A 158 -46.91 6.84 -1.57
N TRP A 159 -45.89 6.80 -0.72
CA TRP A 159 -44.69 7.59 -0.94
C TRP A 159 -44.11 7.46 -2.35
N PRO A 160 -44.12 6.25 -2.96
CA PRO A 160 -43.42 6.24 -4.24
C PRO A 160 -44.07 7.15 -5.30
N LEU A 161 -45.38 7.37 -5.19
CA LEU A 161 -46.12 8.22 -6.11
C LEU A 161 -45.90 9.69 -5.73
N ILE A 162 -45.86 9.95 -4.43
CA ILE A 162 -45.61 11.32 -3.98
C ILE A 162 -44.19 11.79 -4.36
N ALA A 163 -43.25 10.85 -4.32
CA ALA A 163 -41.86 11.14 -4.63
C ALA A 163 -41.55 11.24 -6.11
N ALA A 164 -42.36 10.57 -6.94
CA ALA A 164 -42.05 10.39 -8.35
C ALA A 164 -41.70 11.71 -9.02
N ASP A 165 -42.54 12.72 -8.86
CA ASP A 165 -42.28 13.99 -9.56
C ASP A 165 -41.77 15.09 -8.65
N GLY A 166 -41.19 14.74 -7.52
CA GLY A 166 -40.44 15.73 -6.78
C GLY A 166 -40.56 15.74 -5.27
N GLY A 167 -41.48 14.97 -4.69
CA GLY A 167 -41.53 14.94 -3.24
C GLY A 167 -40.26 14.36 -2.65
N TYR A 168 -39.87 14.80 -1.46
CA TYR A 168 -38.74 14.20 -0.76
C TYR A 168 -38.89 14.46 0.73
N ALA A 169 -38.16 13.68 1.56
CA ALA A 169 -38.22 13.88 3.01
C ALA A 169 -37.28 15.02 3.42
N PHE A 170 -35.98 14.74 3.34
CA PHE A 170 -34.93 15.71 3.62
C PHE A 170 -33.94 15.72 2.49
N LYS A 171 -33.56 16.91 2.04
CA LYS A 171 -32.65 17.04 0.92
C LYS A 171 -31.26 16.57 1.32
N TYR A 172 -30.60 15.75 0.49
CA TYR A 172 -29.18 15.46 0.71
C TYR A 172 -28.31 16.53 0.04
N ALA A 173 -27.47 17.16 0.85
CA ALA A 173 -26.65 18.28 0.37
C ALA A 173 -25.44 18.50 1.28
N ALA A 174 -24.30 18.83 0.67
CA ALA A 174 -23.06 19.07 1.41
C ALA A 174 -22.71 17.89 2.30
N GLY A 175 -22.89 16.67 1.77
CA GLY A 175 -22.51 15.46 2.48
C GLY A 175 -23.38 15.07 3.66
N LYS A 176 -24.62 15.57 3.71
CA LYS A 176 -25.55 15.17 4.77
C LYS A 176 -27.00 15.49 4.42
N TYR A 177 -27.93 14.95 5.21
CA TYR A 177 -29.34 15.32 5.06
C TYR A 177 -29.58 16.65 5.76
N ASP A 178 -30.18 17.57 5.02
CA ASP A 178 -30.47 18.91 5.52
C ASP A 178 -31.87 18.87 6.14
N ILE A 179 -31.96 18.95 7.47
CA ILE A 179 -33.25 18.84 8.14
C ILE A 179 -34.05 20.12 8.03
N LYS A 180 -33.41 21.20 7.53
CA LYS A 180 -34.13 22.42 7.24
C LYS A 180 -34.76 22.43 5.84
N ASP A 181 -34.49 21.39 5.04
CA ASP A 181 -34.99 21.33 3.66
C ASP A 181 -35.87 20.09 3.49
N VAL A 182 -37.17 20.29 3.70
CA VAL A 182 -38.17 19.22 3.65
C VAL A 182 -39.02 19.36 2.40
N GLY A 183 -39.31 18.23 1.75
CA GLY A 183 -39.94 18.33 0.44
C GLY A 183 -41.32 17.68 0.34
N VAL A 184 -42.14 17.92 1.35
CA VAL A 184 -43.44 17.31 1.50
C VAL A 184 -44.54 18.17 0.83
N ASP A 185 -44.34 19.49 0.69
CA ASP A 185 -45.38 20.31 0.07
C ASP A 185 -45.00 21.01 -1.24
N ASN A 186 -43.98 20.53 -1.94
CA ASN A 186 -43.64 21.09 -3.25
C ASN A 186 -44.62 20.59 -4.32
N ALA A 187 -44.49 21.07 -5.54
CA ALA A 187 -45.46 20.80 -6.57
C ALA A 187 -45.50 19.31 -6.91
N GLY A 188 -44.35 18.65 -6.81
CA GLY A 188 -44.26 17.24 -7.15
C GLY A 188 -45.04 16.37 -6.17
N ALA A 189 -44.87 16.66 -4.89
CA ALA A 189 -45.61 15.92 -3.86
C ALA A 189 -47.11 16.12 -4.03
N LYS A 190 -47.51 17.35 -4.29
CA LYS A 190 -48.92 17.72 -4.45
C LYS A 190 -49.49 17.01 -5.67
N ALA A 191 -48.73 16.99 -6.75
CA ALA A 191 -49.21 16.32 -7.95
C ALA A 191 -49.44 14.83 -7.68
N GLY A 192 -48.49 14.17 -7.01
CA GLY A 192 -48.67 12.74 -6.77
C GLY A 192 -49.86 12.47 -5.85
N LEU A 193 -49.96 13.21 -4.75
CA LEU A 193 -51.07 12.96 -3.84
C LEU A 193 -52.40 13.31 -4.50
N THR A 194 -52.43 14.37 -5.30
CA THR A 194 -53.66 14.70 -6.02
C THR A 194 -54.05 13.56 -6.96
N PHE A 195 -53.07 12.94 -7.60
CA PHE A 195 -53.40 11.83 -8.48
C PHE A 195 -54.09 10.73 -7.65
N LEU A 196 -53.55 10.44 -6.48
CA LEU A 196 -54.13 9.39 -5.61
C LEU A 196 -55.55 9.74 -5.18
N VAL A 197 -55.75 10.98 -4.75
CA VAL A 197 -57.06 11.39 -4.29
C VAL A 197 -58.06 11.37 -5.45
N ASP A 198 -57.63 11.75 -6.65
CA ASP A 198 -58.52 11.69 -7.80
C ASP A 198 -58.97 10.25 -8.10
N LEU A 199 -58.10 9.26 -7.86
CA LEU A 199 -58.49 7.85 -8.07
C LEU A 199 -59.64 7.50 -7.14
N ILE A 200 -59.57 8.01 -5.90
CA ILE A 200 -60.61 7.79 -4.89
C ILE A 200 -61.92 8.53 -5.21
N LYS A 201 -61.83 9.80 -5.55
CA LYS A 201 -63.01 10.58 -5.94
C LYS A 201 -63.71 9.93 -7.10
N ASN A 202 -62.94 9.33 -8.02
CA ASN A 202 -63.55 8.77 -9.23
C ASN A 202 -63.93 7.30 -9.06
N LYS A 203 -63.82 6.83 -7.81
CA LYS A 203 -64.22 5.47 -7.40
C LYS A 203 -63.37 4.35 -8.02
N HIS A 204 -62.11 4.66 -8.32
CA HIS A 204 -61.15 3.65 -8.75
C HIS A 204 -60.45 3.02 -7.54
N MET A 205 -60.52 3.70 -6.40
CA MET A 205 -60.01 3.18 -5.13
C MET A 205 -60.93 3.69 -4.00
N ASN A 206 -60.83 3.11 -2.81
CA ASN A 206 -61.60 3.52 -1.64
C ASN A 206 -60.63 3.96 -0.56
N ALA A 207 -60.97 5.05 0.13
CA ALA A 207 -60.04 5.70 1.06
C ALA A 207 -59.68 4.78 2.23
N ASP A 208 -60.55 3.81 2.52
CA ASP A 208 -60.32 2.99 3.71
C ASP A 208 -59.62 1.68 3.47
N THR A 209 -59.18 1.47 2.23
CA THR A 209 -58.37 0.29 1.92
C THR A 209 -57.09 0.27 2.72
N ASP A 210 -56.88 -0.85 3.42
CA ASP A 210 -55.71 -1.03 4.26
C ASP A 210 -54.93 -2.24 3.80
N TYR A 211 -53.98 -2.69 4.60
CA TYR A 211 -53.13 -3.79 4.17
C TYR A 211 -53.96 -5.09 3.95
N SER A 212 -54.78 -5.44 4.92
CA SER A 212 -55.49 -6.72 4.83
CA SER A 212 -55.56 -6.69 4.89
C SER A 212 -56.55 -6.71 3.73
N ILE A 213 -57.22 -5.56 3.53
CA ILE A 213 -58.21 -5.44 2.47
CA ILE A 213 -58.21 -5.43 2.47
C ILE A 213 -57.55 -5.62 1.09
N ALA A 214 -56.45 -4.90 0.85
CA ALA A 214 -55.78 -4.98 -0.45
C ALA A 214 -55.17 -6.39 -0.70
N GLU A 215 -54.56 -6.96 0.33
CA GLU A 215 -54.04 -8.32 0.22
C GLU A 215 -55.15 -9.33 -0.09
N ALA A 216 -56.27 -9.24 0.61
CA ALA A 216 -57.37 -10.18 0.39
C ALA A 216 -57.93 -10.07 -1.04
N ALA A 217 -58.10 -8.85 -1.54
CA ALA A 217 -58.68 -8.67 -2.86
C ALA A 217 -57.71 -9.17 -3.93
N PHE A 218 -56.43 -8.89 -3.77
CA PHE A 218 -55.50 -9.36 -4.78
C PHE A 218 -55.41 -10.87 -4.75
N ASN A 219 -55.28 -11.45 -3.57
CA ASN A 219 -55.08 -12.89 -3.46
C ASN A 219 -56.35 -13.70 -3.78
N LYS A 220 -57.49 -13.04 -3.80
CA LYS A 220 -58.74 -13.69 -4.23
C LYS A 220 -59.06 -13.47 -5.72
N GLY A 221 -58.19 -12.76 -6.44
CA GLY A 221 -58.41 -12.51 -7.85
C GLY A 221 -59.41 -11.41 -8.16
N GLU A 222 -59.69 -10.53 -7.20
CA GLU A 222 -60.71 -9.50 -7.39
C GLU A 222 -60.15 -8.23 -8.00
N THR A 223 -58.87 -7.94 -7.73
CA THR A 223 -58.21 -6.73 -8.26
C THR A 223 -56.99 -7.17 -9.07
N ALA A 224 -56.69 -6.44 -10.15
CA ALA A 224 -55.60 -6.86 -11.06
C ALA A 224 -54.20 -6.53 -10.59
N MET A 225 -54.09 -5.59 -9.66
CA MET A 225 -52.78 -5.13 -9.23
C MET A 225 -52.78 -4.76 -7.75
N THR A 226 -51.61 -4.92 -7.16
CA THR A 226 -51.40 -4.36 -5.83
C THR A 226 -49.97 -3.83 -5.75
N ILE A 227 -49.67 -3.14 -4.65
CA ILE A 227 -48.31 -2.68 -4.44
CA ILE A 227 -48.32 -2.64 -4.41
C ILE A 227 -47.85 -3.23 -3.10
N ASN A 228 -46.77 -4.01 -3.12
CA ASN A 228 -46.32 -4.63 -1.88
C ASN A 228 -44.84 -5.01 -1.93
N GLY A 229 -44.33 -5.54 -0.83
CA GLY A 229 -42.94 -5.94 -0.73
C GLY A 229 -42.78 -7.43 -0.72
N PRO A 230 -41.54 -7.92 -0.64
CA PRO A 230 -41.24 -9.34 -0.78
C PRO A 230 -41.94 -10.22 0.28
N TRP A 231 -42.16 -9.66 1.45
CA TRP A 231 -42.75 -10.41 2.55
C TRP A 231 -44.13 -10.88 2.21
N ALA A 232 -44.78 -10.18 1.27
CA ALA A 232 -46.15 -10.55 0.85
C ALA A 232 -46.23 -11.74 -0.09
N TRP A 233 -45.11 -12.10 -0.70
CA TRP A 233 -45.14 -13.09 -1.77
C TRP A 233 -45.57 -14.46 -1.26
N SER A 234 -45.25 -14.76 0.00
CA SER A 234 -45.63 -16.05 0.58
CA SER A 234 -45.62 -16.07 0.56
C SER A 234 -47.13 -16.31 0.49
N ASN A 235 -47.93 -15.35 0.94
CA ASN A 235 -49.38 -15.52 0.87
C ASN A 235 -49.90 -15.57 -0.57
N ILE A 236 -49.23 -14.87 -1.48
CA ILE A 236 -49.69 -14.89 -2.86
C ILE A 236 -49.42 -16.28 -3.49
N ASP A 237 -48.27 -16.89 -3.15
CA ASP A 237 -47.99 -18.26 -3.59
C ASP A 237 -49.13 -19.18 -3.16
N THR A 238 -49.49 -19.13 -1.89
CA THR A 238 -50.59 -19.99 -1.40
C THR A 238 -51.93 -19.76 -2.13
N SER A 239 -52.17 -18.53 -2.54
CA SER A 239 -53.47 -18.12 -3.11
C SER A 239 -53.76 -18.65 -4.50
N ALA A 240 -52.72 -19.20 -5.14
CA ALA A 240 -52.80 -19.73 -6.48
C ALA A 240 -53.00 -18.70 -7.60
N VAL A 241 -52.92 -17.41 -7.28
CA VAL A 241 -52.94 -16.38 -8.33
C VAL A 241 -51.67 -16.46 -9.19
N ASN A 242 -51.85 -16.39 -10.52
CA ASN A 242 -50.72 -16.38 -11.48
C ASN A 242 -50.20 -14.95 -11.51
N TYR A 243 -49.29 -14.65 -10.60
CA TYR A 243 -48.85 -13.28 -10.42
C TYR A 243 -47.47 -12.99 -10.96
N GLY A 244 -47.21 -11.69 -11.17
CA GLY A 244 -45.90 -11.25 -11.64
C GLY A 244 -45.49 -10.09 -10.75
N VAL A 245 -44.18 -9.83 -10.67
CA VAL A 245 -43.66 -8.71 -9.86
C VAL A 245 -42.83 -7.86 -10.83
N THR A 246 -43.18 -6.58 -10.93
CA THR A 246 -42.57 -5.76 -11.97
C THR A 246 -42.29 -4.32 -11.54
N VAL A 247 -41.68 -3.55 -12.44
CA VAL A 247 -41.42 -2.14 -12.16
C VAL A 247 -42.72 -1.38 -11.88
N LEU A 248 -42.67 -0.49 -10.89
CA LEU A 248 -43.79 0.39 -10.57
C LEU A 248 -44.11 1.31 -11.76
N PRO A 249 -45.37 1.78 -11.86
CA PRO A 249 -45.74 2.66 -12.97
C PRO A 249 -45.01 4.00 -12.85
N THR A 250 -44.73 4.63 -13.97
CA THR A 250 -44.21 5.98 -13.94
C THR A 250 -45.32 7.00 -13.69
N PHE A 251 -44.92 8.19 -13.23
CA PHE A 251 -45.86 9.31 -13.08
C PHE A 251 -45.21 10.54 -13.71
N LYS A 252 -45.95 11.18 -14.61
CA LYS A 252 -45.39 12.30 -15.40
C LYS A 252 -44.05 11.87 -16.03
N GLY A 253 -43.96 10.60 -16.41
CA GLY A 253 -42.78 10.07 -17.07
C GLY A 253 -41.61 9.70 -16.17
N GLN A 254 -41.68 10.10 -14.90
CA GLN A 254 -40.65 9.76 -13.94
C GLN A 254 -40.93 8.43 -13.28
N PRO A 255 -39.86 7.70 -12.91
CA PRO A 255 -40.14 6.48 -12.18
C PRO A 255 -40.80 6.74 -10.83
N SER A 256 -41.68 5.85 -10.38
CA SER A 256 -42.04 5.86 -8.97
C SER A 256 -40.78 5.63 -8.16
N LYS A 257 -40.71 6.29 -7.01
CA LYS A 257 -39.48 6.27 -6.21
C LYS A 257 -39.77 5.77 -4.81
N PRO A 258 -39.80 4.45 -4.65
CA PRO A 258 -40.05 3.92 -3.29
C PRO A 258 -38.93 4.26 -2.34
N PHE A 259 -39.28 4.52 -1.08
CA PHE A 259 -38.25 4.62 -0.03
C PHE A 259 -37.77 3.21 0.30
N VAL A 260 -36.46 2.97 0.18
CA VAL A 260 -35.91 1.64 0.27
C VAL A 260 -35.51 1.42 1.71
N GLY A 261 -35.94 0.30 2.27
CA GLY A 261 -35.61 -0.07 3.65
C GLY A 261 -34.62 -1.22 3.69
N VAL A 262 -33.70 -1.15 4.65
CA VAL A 262 -32.80 -2.24 4.93
C VAL A 262 -33.20 -2.77 6.29
N LEU A 263 -33.81 -3.95 6.31
CA LEU A 263 -34.13 -4.65 7.52
C LEU A 263 -32.81 -4.82 8.27
N SER A 264 -32.79 -4.40 9.53
CA SER A 264 -31.55 -4.33 10.30
C SER A 264 -31.78 -4.86 11.70
N ALA A 265 -30.73 -5.40 12.30
CA ALA A 265 -30.78 -5.93 13.66
C ALA A 265 -29.87 -5.13 14.59
N GLY A 266 -30.46 -4.46 15.59
CA GLY A 266 -29.70 -3.73 16.59
C GLY A 266 -29.62 -4.50 17.90
N ILE A 267 -28.61 -4.19 18.70
CA ILE A 267 -28.41 -4.79 20.01
C ILE A 267 -28.68 -3.73 21.07
N ASN A 268 -29.55 -4.05 22.02
CA ASN A 268 -29.92 -3.15 23.10
C ASN A 268 -28.69 -2.73 23.90
N ALA A 269 -28.48 -1.42 24.06
CA ALA A 269 -27.38 -0.89 24.88
C ALA A 269 -27.40 -1.48 26.30
N ALA A 270 -28.57 -1.85 26.79
CA ALA A 270 -28.69 -2.40 28.16
C ALA A 270 -28.49 -3.91 28.26
N SER A 271 -28.32 -4.59 27.12
CA SER A 271 -28.24 -6.05 27.15
C SER A 271 -26.95 -6.55 27.78
N PRO A 272 -27.07 -7.52 28.71
CA PRO A 272 -25.88 -8.15 29.28
C PRO A 272 -25.41 -9.33 28.42
N ASN A 273 -25.99 -9.45 27.24
CA ASN A 273 -25.69 -10.57 26.35
C ASN A 273 -25.16 -10.12 25.00
N LYS A 274 -24.42 -9.02 24.97
CA LYS A 274 -24.06 -8.45 23.68
C LYS A 274 -23.12 -9.35 22.87
N GLU A 275 -22.20 -10.06 23.52
CA GLU A 275 -21.22 -10.86 22.77
C GLU A 275 -21.89 -12.04 22.13
N LEU A 276 -22.80 -12.68 22.83
CA LEU A 276 -23.52 -13.80 22.23
C LEU A 276 -24.56 -13.32 21.22
N ALA A 277 -25.11 -12.11 21.40
CA ALA A 277 -25.97 -11.52 20.36
C ALA A 277 -25.18 -11.34 19.06
N LYS A 278 -23.96 -10.82 19.18
CA LYS A 278 -23.05 -10.70 18.03
C LYS A 278 -22.77 -12.07 17.38
N GLU A 279 -22.51 -13.10 18.19
CA GLU A 279 -22.31 -14.43 17.62
C GLU A 279 -23.55 -14.92 16.88
N PHE A 280 -24.71 -14.73 17.50
CA PHE A 280 -25.94 -15.16 16.85
C PHE A 280 -26.15 -14.47 15.49
N LEU A 281 -26.03 -13.15 15.47
CA LEU A 281 -26.25 -12.39 14.23
C LEU A 281 -25.18 -12.65 13.15
N GLU A 282 -23.91 -12.64 13.50
CA GLU A 282 -22.84 -12.81 12.51
C GLU A 282 -22.72 -14.25 12.04
N ASN A 283 -22.78 -15.19 12.99
CA ASN A 283 -22.40 -16.56 12.69
C ASN A 283 -23.52 -17.58 12.64
N TYR A 284 -24.76 -17.16 12.92
CA TYR A 284 -25.94 -18.03 12.72
C TYR A 284 -26.93 -17.40 11.75
N LEU A 285 -27.31 -16.15 11.98
CA LEU A 285 -28.30 -15.56 11.08
C LEU A 285 -27.68 -15.15 9.76
N LEU A 286 -26.61 -14.35 9.80
CA LEU A 286 -26.01 -13.86 8.55
C LEU A 286 -25.08 -14.90 7.91
N THR A 287 -25.61 -16.10 7.63
CA THR A 287 -24.94 -17.17 6.90
C THR A 287 -25.92 -17.63 5.85
N ASP A 288 -25.43 -18.41 4.86
CA ASP A 288 -26.33 -18.90 3.83
C ASP A 288 -27.50 -19.69 4.44
N GLU A 289 -27.19 -20.54 5.41
CA GLU A 289 -28.20 -21.42 6.02
C GLU A 289 -29.19 -20.65 6.91
N GLY A 290 -28.69 -19.64 7.60
CA GLY A 290 -29.54 -18.79 8.44
C GLY A 290 -30.56 -17.98 7.67
N LEU A 291 -30.10 -17.26 6.66
CA LEU A 291 -31.00 -16.46 5.85
C LEU A 291 -31.97 -17.34 5.05
N GLU A 292 -31.51 -18.52 4.65
CA GLU A 292 -32.37 -19.46 3.90
C GLU A 292 -33.56 -19.86 4.78
N ALA A 293 -33.32 -20.07 6.07
CA ALA A 293 -34.40 -20.49 6.98
C ALA A 293 -35.42 -19.38 7.13
N VAL A 294 -34.95 -18.13 7.26
CA VAL A 294 -35.86 -17.03 7.42
C VAL A 294 -36.59 -16.76 6.12
N ASN A 295 -35.83 -16.73 5.03
CA ASN A 295 -36.37 -16.46 3.70
C ASN A 295 -37.44 -17.45 3.25
N LYS A 296 -37.29 -18.72 3.64
CA LYS A 296 -38.28 -19.75 3.28
C LYS A 296 -39.60 -19.54 4.00
N ASP A 297 -39.54 -18.85 5.13
CA ASP A 297 -40.75 -18.56 5.92
C ASP A 297 -41.49 -17.39 5.25
N LYS A 298 -40.81 -16.24 5.17
CA LYS A 298 -41.32 -15.08 4.43
CA LYS A 298 -41.33 -15.09 4.42
C LYS A 298 -40.14 -14.47 3.68
N PRO A 299 -40.27 -14.27 2.34
CA PRO A 299 -39.12 -13.74 1.60
C PRO A 299 -38.61 -12.42 2.18
N LEU A 300 -37.29 -12.33 2.30
CA LEU A 300 -36.60 -11.15 2.81
C LEU A 300 -36.41 -10.03 1.81
N GLY A 301 -36.52 -10.32 0.52
CA GLY A 301 -36.01 -9.44 -0.52
C GLY A 301 -34.57 -9.76 -0.90
N ALA A 302 -33.81 -8.74 -1.29
CA ALA A 302 -32.40 -8.94 -1.67
C ALA A 302 -31.51 -8.87 -0.44
N VAL A 303 -30.94 -10.00 -0.05
CA VAL A 303 -30.22 -10.04 1.20
C VAL A 303 -28.89 -9.32 1.19
N ALA A 304 -28.49 -8.85 2.37
CA ALA A 304 -27.25 -8.08 2.55
C ALA A 304 -26.04 -9.01 2.37
N LEU A 305 -26.22 -10.31 2.62
CA LEU A 305 -25.12 -11.28 2.52
C LEU A 305 -24.87 -11.69 1.08
N LYS A 306 -23.72 -11.31 0.55
CA LYS A 306 -23.43 -11.48 -0.86
C LYS A 306 -23.50 -12.93 -1.31
N SER A 307 -22.99 -13.86 -0.50
CA SER A 307 -22.98 -15.27 -0.91
C SER A 307 -24.40 -15.78 -1.07
N TYR A 308 -25.32 -15.41 -0.17
CA TYR A 308 -26.67 -15.93 -0.29
C TYR A 308 -27.45 -15.20 -1.38
N GLU A 309 -27.16 -13.92 -1.58
CA GLU A 309 -27.84 -13.19 -2.66
C GLU A 309 -27.64 -13.85 -4.02
N GLU A 310 -26.51 -14.52 -4.20
CA GLU A 310 -26.24 -15.26 -5.45
C GLU A 310 -27.33 -16.28 -5.73
N GLU A 311 -27.86 -16.91 -4.67
CA GLU A 311 -28.93 -17.89 -4.82
C GLU A 311 -30.25 -17.21 -5.21
N LEU A 312 -30.44 -15.95 -4.78
CA LEU A 312 -31.73 -15.26 -4.95
C LEU A 312 -31.79 -14.37 -6.19
N ALA A 313 -30.64 -13.94 -6.68
CA ALA A 313 -30.58 -12.92 -7.73
C ALA A 313 -31.23 -13.30 -9.05
N LYS A 314 -31.31 -14.58 -9.39
CA LYS A 314 -31.92 -14.93 -10.66
C LYS A 314 -33.44 -15.07 -10.62
N ASP A 315 -34.01 -14.95 -9.43
CA ASP A 315 -35.47 -14.91 -9.30
C ASP A 315 -35.93 -13.59 -9.89
N PRO A 316 -36.80 -13.63 -10.90
CA PRO A 316 -37.28 -12.37 -11.50
C PRO A 316 -37.97 -11.43 -10.50
N ARG A 317 -38.51 -11.96 -9.41
CA ARG A 317 -39.14 -11.11 -8.41
C ARG A 317 -38.08 -10.30 -7.67
N ILE A 318 -36.91 -10.90 -7.47
CA ILE A 318 -35.82 -10.19 -6.80
C ILE A 318 -35.21 -9.14 -7.74
N ALA A 319 -35.06 -9.51 -9.01
CA ALA A 319 -34.61 -8.56 -10.03
C ALA A 319 -35.53 -7.34 -10.07
N ALA A 320 -36.84 -7.56 -10.04
CA ALA A 320 -37.78 -6.44 -10.00
C ALA A 320 -37.65 -5.58 -8.73
N THR A 321 -37.45 -6.24 -7.60
CA THR A 321 -37.27 -5.56 -6.33
C THR A 321 -36.06 -4.65 -6.45
N MET A 322 -34.95 -5.15 -6.98
CA MET A 322 -33.78 -4.30 -7.13
C MET A 322 -33.94 -3.20 -8.19
N GLU A 323 -34.73 -3.45 -9.23
CA GLU A 323 -35.00 -2.41 -10.24
C GLU A 323 -35.73 -1.24 -9.60
N ASN A 324 -36.76 -1.56 -8.83
CA ASN A 324 -37.48 -0.54 -8.08
C ASN A 324 -36.64 0.17 -7.00
N ALA A 325 -35.82 -0.59 -6.28
CA ALA A 325 -34.91 0.01 -5.31
C ALA A 325 -33.95 1.00 -5.97
N GLN A 326 -33.42 0.68 -7.15
CA GLN A 326 -32.44 1.56 -7.79
C GLN A 326 -33.09 2.83 -8.33
N LYS A 327 -34.38 2.74 -8.65
CA LYS A 327 -35.16 3.92 -9.03
C LYS A 327 -35.62 4.76 -7.83
N GLY A 328 -35.58 4.17 -6.64
CA GLY A 328 -35.98 4.86 -5.42
C GLY A 328 -34.79 5.41 -4.68
N GLU A 329 -34.96 5.63 -3.37
CA GLU A 329 -33.87 6.19 -2.58
C GLU A 329 -33.81 5.40 -1.30
N ILE A 330 -32.61 5.11 -0.83
CA ILE A 330 -32.42 4.57 0.52
CA ILE A 330 -32.43 4.57 0.52
C ILE A 330 -32.94 5.59 1.53
N MET A 331 -33.75 5.15 2.49
CA MET A 331 -34.22 6.07 3.54
C MET A 331 -33.06 6.62 4.33
N PRO A 332 -33.17 7.90 4.73
CA PRO A 332 -32.26 8.40 5.77
C PRO A 332 -32.47 7.54 7.04
N ASN A 333 -31.44 7.48 7.87
CA ASN A 333 -31.59 6.82 9.17
C ASN A 333 -31.67 7.84 10.32
N ILE A 334 -31.72 9.12 9.97
CA ILE A 334 -31.62 10.18 10.97
C ILE A 334 -32.80 10.13 11.97
N PRO A 335 -32.60 10.66 13.20
CA PRO A 335 -33.68 10.56 14.20
C PRO A 335 -34.98 11.25 13.79
N GLN A 336 -34.91 12.16 12.83
CA GLN A 336 -36.07 12.95 12.47
C GLN A 336 -37.01 12.16 11.57
N MET A 337 -36.60 10.96 11.17
CA MET A 337 -37.42 10.16 10.24
C MET A 337 -38.81 9.83 10.79
N SER A 338 -38.90 9.51 12.08
CA SER A 338 -40.20 9.16 12.66
C SER A 338 -41.17 10.33 12.59
N ALA A 339 -40.68 11.55 12.83
CA ALA A 339 -41.50 12.74 12.71
C ALA A 339 -41.98 12.99 11.27
N PHE A 340 -41.11 12.77 10.29
CA PHE A 340 -41.50 12.86 8.91
C PHE A 340 -42.65 11.87 8.61
N TRP A 341 -42.49 10.63 9.05
CA TRP A 341 -43.49 9.62 8.71
C TRP A 341 -44.85 9.88 9.39
N TYR A 342 -44.85 10.35 10.64
CA TYR A 342 -46.10 10.63 11.31
C TYR A 342 -46.84 11.75 10.58
N ALA A 343 -46.08 12.76 10.14
CA ALA A 343 -46.69 13.90 9.45
C ALA A 343 -47.29 13.49 8.14
N VAL A 344 -46.57 12.67 7.37
CA VAL A 344 -47.02 12.30 6.05
C VAL A 344 -48.23 11.34 6.21
N ARG A 345 -48.22 10.45 7.20
CA ARG A 345 -49.38 9.56 7.44
CA ARG A 345 -49.37 9.56 7.44
C ARG A 345 -50.66 10.34 7.58
N THR A 346 -50.64 11.35 8.43
CA THR A 346 -51.80 12.17 8.66
C THR A 346 -52.25 12.83 7.36
N ALA A 347 -51.30 13.36 6.59
CA ALA A 347 -51.63 14.08 5.38
C ALA A 347 -52.33 13.19 4.39
N VAL A 348 -51.76 12.01 4.15
CA VAL A 348 -52.38 11.10 3.19
C VAL A 348 -53.78 10.67 3.66
N ILE A 349 -53.91 10.32 4.93
CA ILE A 349 -55.22 9.86 5.40
C ILE A 349 -56.28 10.98 5.32
N ASN A 350 -55.89 12.21 5.68
CA ASN A 350 -56.80 13.34 5.66
C ASN A 350 -57.19 13.73 4.26
N ALA A 351 -56.24 13.68 3.34
CA ALA A 351 -56.55 14.06 1.95
C ALA A 351 -57.42 12.97 1.32
N ALA A 352 -57.11 11.71 1.57
CA ALA A 352 -57.85 10.59 0.98
C ALA A 352 -59.30 10.52 1.49
N SER A 353 -59.50 10.91 2.75
CA SER A 353 -60.82 10.87 3.38
C SER A 353 -61.70 12.06 3.01
N GLY A 354 -61.07 13.13 2.52
CA GLY A 354 -61.77 14.38 2.26
C GLY A 354 -61.85 15.32 3.46
N ARG A 355 -61.14 14.98 4.53
CA ARG A 355 -61.10 15.85 5.72
C ARG A 355 -60.34 17.13 5.42
N GLN A 356 -59.32 17.03 4.58
CA GLN A 356 -58.54 18.21 4.16
C GLN A 356 -58.28 18.15 2.67
N THR A 357 -58.06 19.29 2.01
CA THR A 357 -57.62 19.25 0.63
C THR A 357 -56.17 18.75 0.60
N VAL A 358 -55.73 18.30 -0.57
CA VAL A 358 -54.33 17.92 -0.75
C VAL A 358 -53.39 19.05 -0.38
N ASP A 359 -53.68 20.26 -0.85
CA ASP A 359 -52.82 21.40 -0.56
CA ASP A 359 -52.83 21.41 -0.55
C ASP A 359 -52.72 21.67 0.95
N ALA A 360 -53.86 21.64 1.64
CA ALA A 360 -53.95 21.96 3.06
C ALA A 360 -53.25 20.87 3.89
N ALA A 361 -53.49 19.64 3.50
CA ALA A 361 -52.90 18.48 4.18
C ALA A 361 -51.38 18.50 4.09
N LEU A 362 -50.86 18.63 2.87
CA LEU A 362 -49.41 18.66 2.69
C LEU A 362 -48.74 19.91 3.26
N ALA A 363 -49.44 21.05 3.19
CA ALA A 363 -48.91 22.25 3.81
C ALA A 363 -48.74 22.01 5.30
N ALA A 364 -49.70 21.33 5.92
CA ALA A 364 -49.64 21.11 7.35
C ALA A 364 -48.53 20.10 7.70
N ALA A 365 -48.40 19.06 6.89
CA ALA A 365 -47.35 18.06 7.10
C ALA A 365 -45.94 18.66 6.97
N GLN A 366 -45.76 19.50 5.96
CA GLN A 366 -44.50 20.22 5.77
C GLN A 366 -44.16 21.05 7.00
N THR A 367 -45.11 21.88 7.45
CA THR A 367 -44.86 22.72 8.61
C THR A 367 -44.51 21.89 9.85
N ASN A 368 -45.30 20.84 10.10
CA ASN A 368 -45.10 20.02 11.28
CA ASN A 368 -45.10 20.02 11.28
C ASN A 368 -43.82 19.22 11.22
N ALA A 369 -43.51 18.63 10.06
CA ALA A 369 -42.28 17.89 9.95
C ALA A 369 -41.05 18.78 10.12
N ALA A 370 -41.05 19.94 9.46
CA ALA A 370 -39.92 20.87 9.54
C ALA A 370 -39.74 21.33 10.98
N ARG A 371 -40.85 21.68 11.64
CA ARG A 371 -40.80 22.20 13.01
C ARG A 371 -40.26 21.10 13.93
N ALA A 372 -40.82 19.90 13.82
CA ALA A 372 -40.34 18.80 14.67
C ALA A 372 -38.87 18.45 14.40
N ALA A 373 -38.43 18.57 13.15
CA ALA A 373 -37.10 18.12 12.78
C ALA A 373 -36.11 19.06 13.45
N ALA A 374 -36.38 20.37 13.35
CA ALA A 374 -35.45 21.35 13.90
C ALA A 374 -35.46 21.27 15.40
N ALA A 375 -36.65 21.15 15.99
CA ALA A 375 -36.80 21.18 17.45
C ALA A 375 -36.11 19.96 18.07
N SER A 376 -36.35 18.78 17.50
CA SER A 376 -35.72 17.57 18.04
C SER A 376 -34.19 17.59 17.92
N GLU A 377 -33.66 18.18 16.85
CA GLU A 377 -32.22 18.30 16.68
CA GLU A 377 -32.21 18.28 16.70
C GLU A 377 -31.62 19.16 17.79
N PHE A 378 -32.29 20.27 18.08
CA PHE A 378 -31.90 21.18 19.13
C PHE A 378 -31.84 20.42 20.46
N VAL A 379 -32.91 19.68 20.75
CA VAL A 379 -33.05 19.02 22.03
C VAL A 379 -31.93 18.03 22.25
N ASP A 380 -31.63 17.24 21.21
CA ASP A 380 -30.57 16.23 21.27
C ASP A 380 -29.21 16.90 21.36
N ALA A 381 -29.03 17.99 20.61
CA ALA A 381 -27.75 18.71 20.62
C ALA A 381 -27.42 19.37 21.93
N LEU A 382 -28.43 19.86 22.64
CA LEU A 382 -28.21 20.67 23.84
CA LEU A 382 -28.19 20.67 23.84
C LEU A 382 -28.61 19.97 25.13
N ARG A 383 -28.70 18.64 25.07
CA ARG A 383 -29.07 17.79 26.19
C ARG A 383 -28.45 18.18 27.54
N GLY A 384 -27.13 18.27 27.59
CA GLY A 384 -26.40 18.57 28.82
C GLY A 384 -26.76 19.94 29.35
N ASP A 385 -26.84 20.92 28.46
CA ASP A 385 -27.22 22.26 28.87
C ASP A 385 -28.67 22.35 29.38
N LEU A 386 -29.59 21.67 28.70
CA LEU A 386 -30.99 21.63 29.10
C LEU A 386 -31.14 21.03 30.51
N ILE A 387 -30.45 19.94 30.77
CA ILE A 387 -30.53 19.28 32.08
C ILE A 387 -30.01 20.24 33.14
N GLN A 388 -28.95 20.97 32.82
CA GLN A 388 -28.37 21.87 33.83
C GLN A 388 -29.17 23.17 34.08
N LYS A 389 -29.94 23.62 33.08
CA LYS A 389 -30.48 24.99 33.09
CA LYS A 389 -30.49 24.98 33.11
C LYS A 389 -32.01 25.13 33.13
N VAL A 390 -32.75 24.14 32.62
CA VAL A 390 -34.21 24.27 32.55
C VAL A 390 -34.86 24.33 33.93
N SER A 391 -35.65 25.39 34.17
CA SER A 391 -36.28 25.61 35.45
C SER A 391 -37.74 25.19 35.52
N SER A 392 -38.41 25.15 34.37
CA SER A 392 -39.85 24.88 34.31
C SER A 392 -40.18 23.40 34.10
N VAL A 393 -39.24 22.55 34.46
CA VAL A 393 -39.34 21.10 34.21
C VAL A 393 -40.62 20.44 34.73
N MET A 394 -41.10 20.80 35.92
CA MET A 394 -42.32 20.18 36.41
C MET A 394 -43.56 20.61 35.60
N ALA A 395 -43.61 21.88 35.18
CA ALA A 395 -44.68 22.34 34.30
C ALA A 395 -44.65 21.63 32.95
N ILE A 396 -43.44 21.42 32.42
CA ILE A 396 -43.30 20.74 31.15
C ILE A 396 -43.78 19.29 31.32
N ALA A 397 -43.33 18.63 32.40
CA ALA A 397 -43.76 17.25 32.65
C ALA A 397 -45.28 17.15 32.80
N ASP A 398 -45.88 18.11 33.51
CA ASP A 398 -47.32 18.11 33.67
C ASP A 398 -48.01 18.21 32.31
N SER A 399 -47.50 19.07 31.43
CA SER A 399 -48.05 19.22 30.09
C SER A 399 -47.89 17.93 29.28
N LEU A 400 -46.71 17.30 29.33
CA LEU A 400 -46.50 16.04 28.59
C LEU A 400 -47.41 14.93 29.11
N MET A 401 -47.58 14.84 30.42
CA MET A 401 -48.53 13.90 31.01
C MET A 401 -49.97 14.07 30.50
N SER A 402 -50.42 15.32 30.39
CA SER A 402 -51.75 15.60 29.85
C SER A 402 -51.91 15.12 28.41
N GLU A 403 -50.90 15.32 27.58
CA GLU A 403 -51.00 14.90 26.18
C GLU A 403 -50.56 13.44 25.98
N ARG A 404 -50.44 12.73 27.09
CA ARG A 404 -50.13 11.30 27.08
C ARG A 404 -48.84 10.98 26.31
N MET A 405 -47.82 11.82 26.53
CA MET A 405 -46.54 11.64 25.85
C MET A 405 -45.50 11.13 26.81
N ILE A 406 -45.93 10.81 28.03
CA ILE A 406 -45.03 10.27 29.05
C ILE A 406 -45.82 9.27 29.87
N THR A 407 -45.17 8.19 30.29
CA THR A 407 -45.86 7.17 31.07
C THR A 407 -46.09 7.61 32.51
N ASP A 408 -47.09 7.00 33.15
CA ASP A 408 -47.33 7.21 34.57
C ASP A 408 -46.07 6.94 35.39
N GLU A 409 -45.32 5.91 34.99
CA GLU A 409 -44.13 5.49 35.72
C GLU A 409 -43.07 6.60 35.74
N LEU A 410 -42.70 7.05 34.54
CA LEU A 410 -41.68 8.10 34.42
C LEU A 410 -42.17 9.45 34.96
N TYR A 411 -43.44 9.79 34.74
CA TYR A 411 -44.01 10.99 35.32
C TYR A 411 -43.87 10.95 36.84
N SER A 412 -44.14 9.79 37.41
CA SER A 412 -44.06 9.59 38.84
C SER A 412 -42.65 9.91 39.34
N GLU A 413 -41.65 9.40 38.65
CA GLU A 413 -40.28 9.62 39.07
C GLU A 413 -39.89 11.10 38.98
N VAL A 414 -40.35 11.78 37.94
CA VAL A 414 -40.08 13.23 37.79
C VAL A 414 -40.78 13.98 38.92
N HIS A 415 -42.02 13.61 39.20
CA HIS A 415 -42.77 14.22 40.29
C HIS A 415 -42.06 14.15 41.66
N TYR A 416 -41.58 12.96 42.03
CA TYR A 416 -40.93 12.78 43.32
C TYR A 416 -39.49 13.28 43.40
N ALA A 417 -38.87 13.55 42.26
CA ALA A 417 -37.48 14.03 42.28
C ALA A 417 -37.39 15.42 42.89
N ASP A 418 -36.22 15.70 43.46
CA ASP A 418 -35.99 16.86 44.30
C ASP A 418 -35.83 18.21 43.61
N THR A 419 -34.68 18.40 42.98
CA THR A 419 -34.29 19.68 42.38
C THR A 419 -34.48 19.63 40.88
N ASN A 420 -34.42 20.80 40.26
CA ASN A 420 -34.68 20.89 38.81
C ASN A 420 -33.79 20.01 37.95
N GLN A 421 -32.50 19.95 38.27
CA GLN A 421 -31.55 19.20 37.46
C GLN A 421 -31.87 17.71 37.57
N ARG A 422 -32.32 17.30 38.75
CA ARG A 422 -32.60 15.87 38.95
C ARG A 422 -33.90 15.51 38.25
N LYS A 423 -34.89 16.39 38.32
CA LYS A 423 -36.13 16.20 37.56
C LYS A 423 -35.82 16.13 36.06
N MET A 424 -34.94 17.02 35.57
CA MET A 424 -34.56 17.00 34.15
C MET A 424 -33.84 15.75 33.72
N ARG A 425 -32.96 15.23 34.57
CA ARG A 425 -32.23 13.99 34.25
C ARG A 425 -33.25 12.90 34.01
N LEU A 426 -34.23 12.78 34.91
CA LEU A 426 -35.33 11.83 34.74
C LEU A 426 -36.23 12.14 33.56
N LEU A 427 -36.58 13.41 33.37
CA LEU A 427 -37.45 13.74 32.24
C LEU A 427 -36.82 13.36 30.90
N PHE A 428 -35.49 13.48 30.78
CA PHE A 428 -34.83 13.06 29.53
C PHE A 428 -34.98 11.57 29.23
N ARG A 429 -35.20 10.73 30.25
CA ARG A 429 -35.55 9.32 30.00
C ARG A 429 -36.87 9.22 29.24
N ALA A 430 -37.83 10.07 29.60
CA ALA A 430 -39.09 10.09 28.88
C ALA A 430 -38.90 10.66 27.48
N LEU A 431 -38.00 11.62 27.30
CA LEU A 431 -37.76 12.13 25.95
C LEU A 431 -37.13 11.07 25.07
N ASP A 432 -36.21 10.30 25.64
CA ASP A 432 -35.53 9.25 24.91
C ASP A 432 -36.50 8.09 24.62
N SER A 433 -37.53 7.95 25.47
CA SER A 433 -38.58 6.95 25.26
C SER A 433 -39.52 7.28 24.11
N GLY A 434 -39.69 8.57 23.84
CA GLY A 434 -40.70 9.05 22.90
C GLY A 434 -40.15 9.62 21.61
N GLY A 435 -38.84 9.72 21.51
CA GLY A 435 -38.21 10.01 20.23
C GLY A 435 -38.43 11.43 19.76
N ALA A 436 -38.28 11.63 18.46
CA ALA A 436 -38.27 12.97 17.87
C ALA A 436 -39.56 13.75 18.16
N SER A 437 -40.71 13.10 18.16
CA SER A 437 -41.98 13.79 18.35
CA SER A 437 -41.99 13.78 18.35
C SER A 437 -42.14 14.32 19.77
N VAL A 438 -41.78 13.51 20.76
CA VAL A 438 -41.86 13.97 22.14
C VAL A 438 -40.79 15.02 22.42
N LYS A 439 -39.60 14.86 21.85
CA LYS A 439 -38.57 15.88 21.95
C LYS A 439 -39.06 17.20 21.33
N ALA A 440 -39.80 17.13 20.22
CA ALA A 440 -40.31 18.34 19.57
C ALA A 440 -41.34 19.04 20.44
N GLU A 441 -42.15 18.25 21.11
CA GLU A 441 -43.16 18.81 21.99
C GLU A 441 -42.53 19.39 23.26
N PHE A 442 -41.50 18.73 23.77
CA PHE A 442 -40.73 19.30 24.86
C PHE A 442 -40.21 20.69 24.45
N TYR A 443 -39.65 20.79 23.25
CA TYR A 443 -39.12 22.09 22.81
C TYR A 443 -40.23 23.16 22.79
N ARG A 444 -41.40 22.79 22.27
CA ARG A 444 -42.50 23.75 22.14
C ARG A 444 -42.91 24.28 23.50
N LEU A 445 -43.00 23.36 24.46
CA LEU A 445 -43.37 23.72 25.83
C LEU A 445 -42.30 24.58 26.47
N LEU A 446 -41.04 24.23 26.25
CA LEU A 446 -39.94 25.01 26.80
C LEU A 446 -39.94 26.45 26.27
N MET A 447 -40.24 26.61 24.98
CA MET A 447 -40.22 27.93 24.36
C MET A 447 -41.33 28.80 24.95
N GLU A 448 -42.44 28.16 25.30
CA GLU A 448 -43.52 28.84 26.00
C GLU A 448 -43.05 29.28 27.38
N ASN A 449 -42.36 28.40 28.10
CA ASN A 449 -42.04 28.73 29.50
C ASN A 449 -40.76 29.55 29.75
N GLU A 450 -39.75 29.32 28.91
CA GLU A 450 -38.43 29.91 29.13
C GLU A 450 -37.82 30.41 27.81
N PRO A 451 -38.53 31.33 27.15
CA PRO A 451 -38.04 31.85 25.87
C PRO A 451 -36.63 32.44 25.94
N ARG A 452 -36.24 33.06 27.05
CA ARG A 452 -34.90 33.64 27.10
C ARG A 452 -33.84 32.54 27.03
N LEU A 453 -34.05 31.47 27.80
CA LEU A 453 -33.14 30.32 27.77
C LEU A 453 -33.03 29.72 26.37
N VAL A 454 -34.18 29.45 25.74
CA VAL A 454 -34.14 28.88 24.39
C VAL A 454 -33.36 29.75 23.41
N HIS A 455 -33.60 31.06 23.42
CA HIS A 455 -32.87 31.94 22.51
C HIS A 455 -31.38 31.99 22.82
N GLU A 456 -31.02 31.94 24.11
CA GLU A 456 -29.60 31.93 24.46
C GLU A 456 -28.90 30.68 23.90
N LEU A 457 -29.55 29.54 24.09
CA LEU A 457 -28.97 28.25 23.69
C LEU A 457 -28.94 28.12 22.18
N GLU A 458 -29.96 28.64 21.51
CA GLU A 458 -29.99 28.62 20.05
C GLU A 458 -28.88 29.42 19.42
N SER A 459 -28.44 30.48 20.10
CA SER A 459 -27.32 31.26 19.59
C SER A 459 -26.06 30.39 19.59
N ARG A 460 -25.84 29.68 20.70
CA ARG A 460 -24.70 28.79 20.86
C ARG A 460 -24.74 27.65 19.84
N HIS A 461 -25.92 27.03 19.72
CA HIS A 461 -26.13 25.92 18.78
C HIS A 461 -25.71 26.30 17.37
N SER A 462 -26.27 27.38 16.85
CA SER A 462 -25.92 27.86 15.51
C SER A 462 -24.67 28.75 15.56
N MET B 1 8.92 -11.53 28.49
CA MET B 1 9.34 -10.71 27.36
C MET B 1 8.16 -10.47 26.41
N LYS B 2 8.14 -9.30 25.77
CA LYS B 2 7.04 -8.92 24.88
C LYS B 2 6.86 -9.83 23.67
N ILE B 3 7.95 -10.09 22.95
CA ILE B 3 7.92 -11.04 21.85
C ILE B 3 8.69 -12.27 22.30
N GLU B 4 8.13 -13.45 22.02
CA GLU B 4 8.70 -14.70 22.52
C GLU B 4 9.99 -15.05 21.78
N GLU B 5 11.07 -15.25 22.54
CA GLU B 5 12.31 -15.69 21.92
C GLU B 5 12.23 -17.18 21.63
N GLY B 6 12.72 -17.58 20.48
CA GLY B 6 12.84 -18.99 20.14
C GLY B 6 11.78 -19.51 19.21
N LYS B 7 10.99 -18.61 18.63
CA LYS B 7 10.02 -18.98 17.62
CA LYS B 7 10.02 -18.97 17.61
C LYS B 7 9.88 -17.82 16.65
N LEU B 8 9.23 -18.04 15.52
CA LEU B 8 8.92 -16.93 14.62
C LEU B 8 7.42 -16.82 14.40
N VAL B 9 6.91 -15.60 14.59
CA VAL B 9 5.53 -15.24 14.30
C VAL B 9 5.58 -14.32 13.08
N ILE B 10 4.82 -14.72 12.04
CA ILE B 10 4.82 -14.03 10.77
C ILE B 10 3.41 -13.57 10.44
N TRP B 11 3.27 -12.31 10.03
CA TRP B 11 2.01 -11.79 9.52
C TRP B 11 2.05 -11.55 8.02
N ILE B 12 1.00 -12.00 7.34
CA ILE B 12 0.89 -11.80 5.88
C ILE B 12 -0.58 -11.62 5.55
N ASN B 13 -0.90 -10.85 4.51
CA ASN B 13 -2.27 -10.58 4.16
C ASN B 13 -3.03 -11.82 3.71
N GLY B 14 -4.34 -11.86 3.97
CA GLY B 14 -5.15 -13.04 3.73
C GLY B 14 -5.38 -13.39 2.28
N ASP B 15 -4.99 -12.49 1.37
CA ASP B 15 -5.12 -12.77 -0.04
C ASP B 15 -3.86 -13.39 -0.65
N LYS B 16 -2.81 -13.57 0.16
CA LYS B 16 -1.58 -14.19 -0.32
C LYS B 16 -1.52 -15.68 0.06
N GLY B 17 -0.46 -16.37 -0.40
CA GLY B 17 -0.34 -17.81 -0.24
C GLY B 17 0.16 -18.20 1.15
N TYR B 18 -0.68 -18.00 2.17
CA TYR B 18 -0.24 -18.12 3.57
C TYR B 18 -0.14 -19.57 3.99
N ASN B 19 -0.92 -20.44 3.34
CA ASN B 19 -0.77 -21.86 3.60
C ASN B 19 0.57 -22.36 3.03
N GLY B 20 0.94 -21.89 1.84
CA GLY B 20 2.21 -22.22 1.24
C GLY B 20 3.36 -21.77 2.13
N LEU B 21 3.26 -20.55 2.64
CA LEU B 21 4.26 -19.97 3.54
C LEU B 21 4.38 -20.80 4.82
N ALA B 22 3.25 -21.25 5.36
CA ALA B 22 3.29 -22.13 6.53
C ALA B 22 4.04 -23.44 6.25
N GLU B 23 3.97 -23.94 5.02
CA GLU B 23 4.78 -25.13 4.66
C GLU B 23 6.26 -24.83 4.72
N VAL B 24 6.63 -23.60 4.32
CA VAL B 24 8.05 -23.25 4.33
C VAL B 24 8.46 -23.16 5.79
N GLY B 25 7.55 -22.64 6.63
CA GLY B 25 7.78 -22.62 8.06
C GLY B 25 7.96 -24.00 8.69
N LYS B 26 7.20 -24.99 8.25
CA LYS B 26 7.38 -26.39 8.71
C LYS B 26 8.74 -26.96 8.33
N LYS B 27 9.24 -26.59 7.17
CA LYS B 27 10.57 -27.04 6.77
C LYS B 27 11.64 -26.39 7.68
N PHE B 28 11.46 -25.12 8.01
CA PHE B 28 12.40 -24.41 8.88
C PHE B 28 12.41 -25.05 10.27
N GLU B 29 11.22 -25.26 10.83
CA GLU B 29 11.13 -25.93 12.14
C GLU B 29 11.81 -27.32 12.17
N LYS B 30 11.62 -28.11 11.11
CA LYS B 30 12.25 -29.43 11.00
C LYS B 30 13.78 -29.31 11.09
N ASP B 31 14.32 -28.33 10.40
CA ASP B 31 15.78 -28.15 10.31
C ASP B 31 16.40 -27.48 11.52
N THR B 32 15.59 -26.73 12.26
CA THR B 32 16.13 -25.85 13.29
C THR B 32 15.51 -26.06 14.67
N GLY B 33 14.34 -26.69 14.76
CA GLY B 33 13.63 -26.77 16.03
C GLY B 33 12.94 -25.46 16.43
N ILE B 34 12.92 -24.52 15.50
CA ILE B 34 12.28 -23.23 15.70
C ILE B 34 10.91 -23.23 15.03
N LYS B 35 9.86 -23.25 15.85
CA LYS B 35 8.49 -23.23 15.35
C LYS B 35 8.16 -21.92 14.61
N VAL B 36 7.51 -22.05 13.46
CA VAL B 36 7.10 -20.88 12.70
C VAL B 36 5.59 -20.81 12.64
N THR B 37 5.03 -19.67 13.05
CA THR B 37 3.57 -19.53 13.05
C THR B 37 3.17 -18.44 12.08
N VAL B 38 2.35 -18.78 11.08
CA VAL B 38 1.89 -17.81 10.07
C VAL B 38 0.47 -17.40 10.41
N GLU B 39 0.26 -16.08 10.54
CA GLU B 39 -1.06 -15.48 10.83
C GLU B 39 -1.42 -14.47 9.75
N HIS B 40 -2.72 -14.25 9.56
CA HIS B 40 -3.21 -13.24 8.62
C HIS B 40 -4.32 -12.36 9.24
N PRO B 41 -3.98 -11.55 10.25
CA PRO B 41 -5.03 -10.77 10.90
C PRO B 41 -5.62 -9.70 9.98
N ASP B 42 -6.81 -9.23 10.30
CA ASP B 42 -7.45 -8.20 9.51
C ASP B 42 -6.70 -6.90 9.72
N LYS B 43 -6.72 -6.05 8.69
CA LYS B 43 -6.08 -4.74 8.72
C LYS B 43 -4.65 -4.81 9.23
N LEU B 44 -3.90 -5.85 8.83
CA LEU B 44 -2.62 -6.10 9.50
C LEU B 44 -1.65 -4.92 9.27
N GLU B 45 -1.84 -4.17 8.19
CA GLU B 45 -0.95 -3.07 7.84
C GLU B 45 -1.15 -1.87 8.77
N GLU B 46 -2.33 -1.78 9.38
CA GLU B 46 -2.56 -0.81 10.44
C GLU B 46 -2.27 -1.40 11.82
N LYS B 47 -2.50 -2.69 11.97
CA LYS B 47 -2.26 -3.38 13.25
C LYS B 47 -0.77 -3.44 13.57
N PHE B 48 0.07 -3.65 12.57
CA PHE B 48 1.51 -3.81 12.82
C PHE B 48 2.11 -2.62 13.60
N PRO B 49 1.89 -1.38 13.13
CA PRO B 49 2.50 -0.29 13.90
C PRO B 49 1.87 -0.11 15.27
N GLN B 50 0.60 -0.48 15.42
CA GLN B 50 -0.07 -0.39 16.70
C GLN B 50 0.58 -1.25 17.77
N VAL B 51 1.08 -2.41 17.37
CA VAL B 51 1.74 -3.30 18.32
C VAL B 51 3.26 -3.12 18.36
N ALA B 52 3.88 -2.90 17.21
CA ALA B 52 5.33 -2.74 17.14
C ALA B 52 5.77 -1.46 17.84
N ALA B 53 4.93 -0.44 17.84
CA ALA B 53 5.32 0.84 18.50
C ALA B 53 5.40 0.70 20.02
N THR B 54 4.90 -0.40 20.56
CA THR B 54 4.95 -0.65 21.99
C THR B 54 5.86 -1.82 22.27
N GLY B 55 6.61 -2.25 21.26
CA GLY B 55 7.61 -3.28 21.45
C GLY B 55 7.05 -4.68 21.33
N ASP B 56 5.84 -4.80 20.77
CA ASP B 56 5.16 -6.08 20.61
C ASP B 56 4.99 -6.47 19.12
N GLY B 57 4.21 -7.52 18.84
CA GLY B 57 3.90 -7.87 17.46
C GLY B 57 4.65 -9.05 16.87
N PRO B 58 4.48 -9.28 15.54
CA PRO B 58 5.14 -10.41 14.87
C PRO B 58 6.64 -10.17 14.68
N ASP B 59 7.40 -11.26 14.54
CA ASP B 59 8.79 -11.13 14.15
C ASP B 59 8.96 -10.59 12.74
N ILE B 60 8.11 -11.06 11.83
CA ILE B 60 8.23 -10.72 10.43
C ILE B 60 6.86 -10.21 9.95
N ILE B 61 6.88 -9.13 9.16
CA ILE B 61 5.67 -8.52 8.61
CA ILE B 61 5.65 -8.56 8.61
C ILE B 61 5.76 -8.44 7.08
N PHE B 62 4.71 -8.90 6.38
CA PHE B 62 4.66 -8.85 4.91
C PHE B 62 3.61 -7.83 4.46
N TRP B 63 4.00 -6.95 3.54
CA TRP B 63 3.06 -6.02 2.87
C TRP B 63 3.77 -5.52 1.64
N ALA B 64 3.04 -4.86 0.75
CA ALA B 64 3.71 -4.17 -0.34
C ALA B 64 4.61 -3.09 0.23
N HIS B 65 5.65 -2.75 -0.52
CA HIS B 65 6.74 -1.91 -0.03
C HIS B 65 6.26 -0.48 0.30
N ASP B 66 5.09 -0.07 -0.21
CA ASP B 66 4.63 1.29 0.03
C ASP B 66 4.41 1.66 1.50
N ARG B 67 4.12 0.65 2.34
CA ARG B 67 3.92 0.89 3.78
C ARG B 67 5.23 0.97 4.55
N PHE B 68 6.34 0.52 3.93
CA PHE B 68 7.55 0.25 4.73
C PHE B 68 8.36 1.47 5.16
N GLY B 69 8.39 2.53 4.36
CA GLY B 69 9.07 3.73 4.82
C GLY B 69 8.44 4.32 6.08
N GLY B 70 7.12 4.29 6.17
CA GLY B 70 6.44 4.73 7.38
C GLY B 70 6.85 3.88 8.56
N TYR B 71 6.95 2.58 8.35
CA TYR B 71 7.36 1.72 9.45
C TYR B 71 8.78 2.05 9.87
N ALA B 72 9.65 2.26 8.89
CA ALA B 72 11.07 2.52 9.15
C ALA B 72 11.24 3.83 9.90
N GLN B 73 10.59 4.88 9.41
CA GLN B 73 10.66 6.21 10.04
C GLN B 73 10.10 6.20 11.47
N SER B 74 9.15 5.30 11.73
CA SER B 74 8.54 5.19 13.06
C SER B 74 9.33 4.24 13.99
N GLY B 75 10.48 3.76 13.52
CA GLY B 75 11.40 3.00 14.35
C GLY B 75 10.98 1.55 14.57
N LEU B 76 10.26 0.99 13.61
CA LEU B 76 9.61 -0.29 13.84
C LEU B 76 10.32 -1.42 13.17
N LEU B 77 11.36 -1.10 12.39
CA LEU B 77 12.01 -2.13 11.53
C LEU B 77 13.52 -2.32 11.75
N ALA B 78 13.98 -3.57 11.71
CA ALA B 78 15.42 -3.85 11.72
C ALA B 78 16.04 -3.55 10.35
N GLU B 79 17.25 -2.99 10.34
CA GLU B 79 17.98 -2.85 9.07
C GLU B 79 18.40 -4.19 8.50
N ILE B 80 18.26 -4.28 7.19
CA ILE B 80 18.60 -5.48 6.45
C ILE B 80 19.96 -5.28 5.78
N THR B 81 20.86 -6.24 5.97
CA THR B 81 22.22 -6.18 5.43
C THR B 81 22.67 -7.49 4.78
N PRO B 82 22.18 -7.76 3.58
CA PRO B 82 22.56 -9.00 2.87
C PRO B 82 24.03 -9.01 2.47
N ALA B 83 24.65 -10.18 2.48
CA ALA B 83 25.98 -10.33 1.89
C ALA B 83 25.87 -10.13 0.40
N ALA B 84 26.97 -9.79 -0.26
CA ALA B 84 26.95 -9.57 -1.70
C ALA B 84 26.34 -10.77 -2.43
N ALA B 85 26.72 -11.98 -2.01
CA ALA B 85 26.22 -13.19 -2.67
C ALA B 85 24.70 -13.31 -2.63
N PHE B 86 24.09 -12.97 -1.50
CA PHE B 86 22.64 -12.97 -1.43
C PHE B 86 22.02 -11.81 -2.19
N GLN B 87 22.55 -10.60 -1.97
CA GLN B 87 22.03 -9.46 -2.70
C GLN B 87 21.98 -9.71 -4.20
N ASP B 88 23.00 -10.37 -4.74
CA ASP B 88 23.06 -10.69 -6.16
C ASP B 88 21.99 -11.65 -6.63
N LYS B 89 21.27 -12.29 -5.71
CA LYS B 89 20.25 -13.27 -6.10
C LYS B 89 18.92 -12.62 -6.48
N LEU B 90 18.72 -11.36 -6.09
CA LEU B 90 17.47 -10.67 -6.38
C LEU B 90 17.71 -9.53 -7.37
N TYR B 91 16.68 -9.12 -8.10
CA TYR B 91 16.83 -8.00 -9.05
C TYR B 91 17.13 -6.67 -8.35
N PRO B 92 18.05 -5.89 -8.93
CA PRO B 92 18.38 -4.59 -8.34
C PRO B 92 17.19 -3.66 -8.11
N PHE B 93 16.22 -3.60 -9.03
CA PHE B 93 15.09 -2.69 -8.83
C PHE B 93 14.23 -3.10 -7.62
N THR B 94 14.23 -4.39 -7.27
CA THR B 94 13.47 -4.82 -6.10
C THR B 94 14.11 -4.36 -4.77
N TRP B 95 15.45 -4.41 -4.69
CA TRP B 95 16.16 -3.84 -3.56
C TRP B 95 15.92 -2.32 -3.50
N ASP B 96 15.90 -1.66 -4.66
CA ASP B 96 15.54 -0.24 -4.69
C ASP B 96 14.18 0.06 -4.01
N ALA B 97 13.20 -0.83 -4.20
CA ALA B 97 11.85 -0.64 -3.65
C ALA B 97 11.84 -0.63 -2.10
N VAL B 98 12.81 -1.33 -1.51
CA VAL B 98 12.89 -1.49 -0.07
C VAL B 98 14.05 -0.69 0.51
N ARG B 99 14.56 0.27 -0.26
CA ARG B 99 15.61 1.15 0.22
C ARG B 99 15.03 2.48 0.71
N TYR B 100 15.39 2.88 1.92
CA TYR B 100 14.80 4.07 2.51
C TYR B 100 15.88 4.78 3.26
N ASN B 101 16.10 6.05 2.92
CA ASN B 101 17.16 6.84 3.54
C ASN B 101 18.51 6.11 3.59
N GLY B 102 18.88 5.46 2.48
CA GLY B 102 20.19 4.84 2.36
C GLY B 102 20.30 3.42 2.86
N LYS B 103 19.26 2.93 3.55
CA LYS B 103 19.30 1.61 4.17
C LYS B 103 18.25 0.66 3.59
N LEU B 104 18.56 -0.62 3.53
CA LEU B 104 17.54 -1.62 3.19
C LEU B 104 16.71 -1.89 4.43
N ILE B 105 15.39 -1.88 4.27
CA ILE B 105 14.48 -2.03 5.40
C ILE B 105 13.54 -3.23 5.30
N ALA B 106 13.71 -4.04 4.26
CA ALA B 106 12.97 -5.31 4.10
C ALA B 106 13.64 -6.15 3.04
N TYR B 107 13.16 -7.39 2.94
CA TYR B 107 13.53 -8.27 1.87
C TYR B 107 12.44 -8.20 0.82
N PRO B 108 12.78 -7.90 -0.43
CA PRO B 108 11.71 -7.93 -1.46
C PRO B 108 11.40 -9.37 -1.88
N ILE B 109 10.13 -9.65 -2.19
CA ILE B 109 9.69 -11.02 -2.49
C ILE B 109 9.15 -11.19 -3.91
N ALA B 110 8.20 -10.34 -4.29
CA ALA B 110 7.57 -10.46 -5.61
C ALA B 110 7.02 -9.13 -6.10
N VAL B 111 6.92 -9.02 -7.43
CA VAL B 111 6.45 -7.79 -8.07
C VAL B 111 5.02 -7.98 -8.56
N GLU B 112 4.12 -7.11 -8.10
CA GLU B 112 2.70 -7.22 -8.42
C GLU B 112 2.27 -6.02 -9.25
N ALA B 113 1.56 -6.28 -10.35
CA ALA B 113 0.86 -5.23 -11.07
C ALA B 113 -0.50 -5.77 -11.47
N LEU B 114 -1.46 -4.87 -11.56
CA LEU B 114 -2.79 -5.15 -12.10
C LEU B 114 -2.72 -5.35 -13.60
N SER B 115 -3.52 -6.29 -14.08
CA SER B 115 -3.74 -6.45 -15.51
C SER B 115 -5.23 -6.51 -15.84
N LEU B 116 -5.52 -6.49 -17.13
CA LEU B 116 -6.86 -6.74 -17.61
C LEU B 116 -7.05 -8.25 -17.78
N ILE B 117 -8.07 -8.80 -17.12
CA ILE B 117 -8.39 -10.22 -17.22
C ILE B 117 -9.71 -10.31 -17.98
N TYR B 118 -9.75 -11.15 -19.01
CA TYR B 118 -10.92 -11.18 -19.90
C TYR B 118 -11.36 -12.60 -20.18
N ASN B 119 -12.64 -12.75 -20.50
CA ASN B 119 -13.22 -14.05 -20.86
C ASN B 119 -13.06 -14.22 -22.35
N LYS B 120 -12.24 -15.20 -22.75
CA LYS B 120 -11.90 -15.39 -24.16
C LYS B 120 -13.08 -15.97 -24.94
N ASP B 121 -14.03 -16.60 -24.24
CA ASP B 121 -15.22 -17.13 -24.89
C ASP B 121 -16.23 -16.03 -25.18
N LEU B 122 -16.38 -15.09 -24.25
CA LEU B 122 -17.29 -13.97 -24.49
C LEU B 122 -16.65 -12.91 -25.35
N LEU B 123 -15.35 -12.74 -25.20
CA LEU B 123 -14.65 -11.63 -25.81
C LEU B 123 -13.24 -12.04 -26.28
N PRO B 124 -13.14 -12.69 -27.45
CA PRO B 124 -11.82 -13.17 -27.92
C PRO B 124 -10.84 -12.02 -28.22
N ASN B 125 -11.36 -10.86 -28.58
CA ASN B 125 -10.52 -9.71 -28.88
C ASN B 125 -10.90 -8.58 -27.96
N PRO B 126 -10.25 -8.51 -26.78
CA PRO B 126 -10.61 -7.50 -25.79
C PRO B 126 -10.21 -6.11 -26.23
N PRO B 127 -10.90 -5.09 -25.71
CA PRO B 127 -10.70 -3.71 -26.13
C PRO B 127 -9.33 -3.18 -25.77
N LYS B 128 -8.74 -2.39 -26.68
CA LYS B 128 -7.43 -1.81 -26.45
C LYS B 128 -7.58 -0.49 -25.74
N THR B 129 -8.78 0.08 -25.77
CA THR B 129 -9.01 1.41 -25.17
C THR B 129 -10.17 1.41 -24.19
N TRP B 130 -10.09 2.27 -23.17
CA TRP B 130 -11.19 2.45 -22.24
C TRP B 130 -12.41 3.01 -22.98
N GLU B 131 -12.16 3.86 -23.96
CA GLU B 131 -13.21 4.53 -24.71
C GLU B 131 -14.19 3.59 -25.42
N GLU B 132 -13.73 2.38 -25.75
CA GLU B 132 -14.50 1.36 -26.43
CA GLU B 132 -14.65 1.50 -26.46
C GLU B 132 -15.48 0.64 -25.52
N ILE B 133 -15.25 0.76 -24.22
CA ILE B 133 -16.01 -0.02 -23.24
C ILE B 133 -17.55 0.24 -23.25
N PRO B 134 -18.00 1.51 -23.29
CA PRO B 134 -19.45 1.76 -23.35
C PRO B 134 -20.15 1.03 -24.49
N ALA B 135 -19.62 1.06 -25.73
CA ALA B 135 -20.25 0.37 -26.84
C ALA B 135 -20.25 -1.14 -26.65
N LEU B 136 -19.14 -1.66 -26.13
CA LEU B 136 -19.03 -3.09 -25.85
C LEU B 136 -20.06 -3.50 -24.80
N ASP B 137 -20.21 -2.69 -23.77
CA ASP B 137 -21.19 -3.03 -22.74
C ASP B 137 -22.62 -3.09 -23.28
N LYS B 138 -22.96 -2.15 -24.16
CA LYS B 138 -24.31 -2.14 -24.72
C LYS B 138 -24.56 -3.42 -25.49
N GLU B 139 -23.53 -3.86 -26.20
CA GLU B 139 -23.59 -5.09 -26.95
C GLU B 139 -23.82 -6.29 -26.02
N LEU B 140 -23.03 -6.35 -24.97
CA LEU B 140 -23.07 -7.46 -24.03
C LEU B 140 -24.36 -7.45 -23.22
N LYS B 141 -24.86 -6.26 -22.87
CA LYS B 141 -26.13 -6.11 -22.14
C LYS B 141 -27.27 -6.76 -22.90
N ALA B 142 -27.27 -6.62 -24.23
CA ALA B 142 -28.28 -7.26 -25.08
C ALA B 142 -28.30 -8.78 -24.92
N LYS B 143 -27.15 -9.36 -24.55
CA LYS B 143 -27.05 -10.81 -24.37
C LYS B 143 -27.12 -11.16 -22.89
N GLY B 144 -27.45 -10.17 -22.06
CA GLY B 144 -27.59 -10.39 -20.64
C GLY B 144 -26.27 -10.50 -19.88
N LYS B 145 -25.21 -9.93 -20.46
CA LYS B 145 -23.90 -9.93 -19.84
C LYS B 145 -23.50 -8.47 -19.68
N SER B 146 -22.35 -8.22 -19.09
CA SER B 146 -21.83 -6.85 -19.03
C SER B 146 -20.37 -6.89 -19.45
N ALA B 147 -19.83 -5.73 -19.78
CA ALA B 147 -18.45 -5.63 -20.23
C ALA B 147 -17.39 -5.78 -19.16
N LEU B 148 -17.52 -5.02 -18.08
CA LEU B 148 -16.45 -4.88 -17.12
C LEU B 148 -16.97 -4.73 -15.70
N MET B 149 -16.42 -5.53 -14.78
CA MET B 149 -16.63 -5.28 -13.36
C MET B 149 -15.31 -5.42 -12.63
N PHE B 150 -14.99 -4.42 -11.80
CA PHE B 150 -13.81 -4.48 -10.94
C PHE B 150 -14.06 -3.70 -9.65
N ASN B 151 -13.21 -3.92 -8.66
CA ASN B 151 -13.34 -3.31 -7.33
C ASN B 151 -13.27 -1.78 -7.40
N LEU B 152 -14.38 -1.11 -7.10
CA LEU B 152 -14.42 0.34 -7.09
C LEU B 152 -14.27 0.95 -5.71
N GLN B 153 -14.04 0.12 -4.68
CA GLN B 153 -13.98 0.62 -3.32
C GLN B 153 -12.56 0.94 -2.85
N GLU B 154 -11.57 0.33 -3.49
CA GLU B 154 -10.17 0.53 -3.12
C GLU B 154 -9.42 1.23 -4.22
N PRO B 155 -8.73 2.33 -3.86
CA PRO B 155 -8.10 3.17 -4.88
C PRO B 155 -6.98 2.50 -5.68
N TYR B 156 -6.36 1.46 -5.15
CA TYR B 156 -5.43 0.67 -5.95
C TYR B 156 -5.99 0.24 -7.31
N PHE B 157 -7.28 -0.08 -7.35
CA PHE B 157 -7.87 -0.59 -8.61
C PHE B 157 -8.30 0.50 -9.59
N THR B 158 -8.58 1.69 -9.07
CA THR B 158 -9.06 2.78 -9.91
C THR B 158 -7.92 3.71 -10.30
N TRP B 159 -6.85 3.70 -9.51
CA TRP B 159 -5.68 4.54 -9.82
C TRP B 159 -5.10 4.38 -11.24
N PRO B 160 -5.07 3.15 -11.80
CA PRO B 160 -4.42 3.11 -13.13
C PRO B 160 -5.07 4.03 -14.17
N LEU B 161 -6.38 4.19 -14.11
CA LEU B 161 -7.13 5.07 -15.03
C LEU B 161 -6.92 6.51 -14.68
N ILE B 162 -6.88 6.78 -13.38
CA ILE B 162 -6.67 8.15 -12.89
C ILE B 162 -5.26 8.63 -13.25
N ALA B 163 -4.28 7.74 -13.24
CA ALA B 163 -2.91 8.12 -13.55
C ALA B 163 -2.61 8.24 -15.02
N ALA B 164 -3.41 7.57 -15.87
CA ALA B 164 -3.12 7.45 -17.32
C ALA B 164 -2.81 8.75 -18.02
N ASP B 165 -3.65 9.74 -17.81
CA ASP B 165 -3.52 11.05 -18.47
C ASP B 165 -2.79 12.09 -17.61
N GLY B 166 -2.28 11.68 -16.45
CA GLY B 166 -1.44 12.61 -15.68
C GLY B 166 -1.49 12.64 -14.15
N GLY B 167 -2.36 11.86 -13.53
CA GLY B 167 -2.36 11.81 -12.08
C GLY B 167 -1.08 11.19 -11.55
N TYR B 168 -0.61 11.68 -10.40
CA TYR B 168 0.50 11.04 -9.70
C TYR B 168 0.34 11.26 -8.20
N ALA B 169 1.13 10.55 -7.39
CA ALA B 169 1.08 10.75 -5.93
C ALA B 169 1.97 11.93 -5.52
N PHE B 170 3.27 11.72 -5.62
CA PHE B 170 4.27 12.76 -5.31
C PHE B 170 5.22 12.83 -6.49
N LYS B 171 5.53 14.05 -6.92
CA LYS B 171 6.38 14.24 -8.08
C LYS B 171 7.77 13.72 -7.79
N TYR B 172 8.31 12.88 -8.68
CA TYR B 172 9.71 12.45 -8.54
C TYR B 172 10.60 13.25 -9.46
N ALA B 173 11.66 13.82 -8.90
CA ALA B 173 12.63 14.58 -9.67
C ALA B 173 13.99 14.49 -9.02
N ALA B 174 15.04 14.32 -9.83
CA ALA B 174 16.43 14.40 -9.37
C ALA B 174 16.68 13.65 -8.07
N GLY B 175 16.41 12.35 -8.08
CA GLY B 175 16.67 11.53 -6.92
C GLY B 175 15.49 11.29 -5.99
N LYS B 176 14.71 12.32 -5.72
CA LYS B 176 13.72 12.19 -4.65
C LYS B 176 12.28 12.62 -4.93
N TYR B 177 11.39 12.18 -4.06
CA TYR B 177 10.01 12.59 -4.11
C TYR B 177 9.81 13.95 -3.42
N ASP B 178 9.09 14.85 -4.07
CA ASP B 178 8.71 16.13 -3.50
C ASP B 178 7.35 16.00 -2.84
N ILE B 179 7.30 15.97 -1.51
CA ILE B 179 6.02 15.81 -0.82
C ILE B 179 5.13 17.05 -0.88
N LYS B 180 5.67 18.17 -1.33
CA LYS B 180 4.86 19.36 -1.57
C LYS B 180 4.15 19.37 -2.93
N ASP B 181 4.47 18.39 -3.78
CA ASP B 181 3.96 18.37 -5.16
C ASP B 181 3.14 17.07 -5.35
N VAL B 182 1.84 17.19 -5.12
CA VAL B 182 0.89 16.09 -5.14
C VAL B 182 0.10 16.21 -6.44
N GLY B 183 -0.16 15.08 -7.11
CA GLY B 183 -0.70 15.10 -8.46
C GLY B 183 -2.10 14.53 -8.49
N VAL B 184 -2.85 14.83 -7.44
CA VAL B 184 -4.17 14.25 -7.25
C VAL B 184 -5.28 15.03 -7.98
N ASP B 185 -5.10 16.33 -8.15
CA ASP B 185 -6.15 17.13 -8.80
C ASP B 185 -5.72 17.86 -10.09
N ASN B 186 -4.71 17.37 -10.78
CA ASN B 186 -4.40 17.95 -12.08
C ASN B 186 -5.40 17.54 -13.15
N ALA B 187 -5.22 18.08 -14.35
CA ALA B 187 -6.13 17.86 -15.48
C ALA B 187 -6.27 16.36 -15.82
N GLY B 188 -5.16 15.63 -15.69
CA GLY B 188 -5.11 14.23 -16.05
C GLY B 188 -5.91 13.39 -15.09
N ALA B 189 -5.75 13.65 -13.80
CA ALA B 189 -6.45 12.90 -12.76
C ALA B 189 -7.94 13.16 -12.92
N LYS B 190 -8.29 14.43 -13.09
CA LYS B 190 -9.68 14.83 -13.32
C LYS B 190 -10.28 14.12 -14.51
N ALA B 191 -9.55 14.10 -15.62
CA ALA B 191 -10.03 13.39 -16.81
C ALA B 191 -10.30 11.92 -16.56
N GLY B 192 -9.36 11.24 -15.87
CA GLY B 192 -9.53 9.83 -15.65
C GLY B 192 -10.71 9.54 -14.75
N LEU B 193 -10.78 10.23 -13.62
CA LEU B 193 -11.89 9.99 -12.70
C LEU B 193 -13.24 10.34 -13.35
N THR B 194 -13.24 11.36 -14.20
CA THR B 194 -14.47 11.72 -14.87
C THR B 194 -14.91 10.57 -15.79
N PHE B 195 -13.97 9.92 -16.45
CA PHE B 195 -14.35 8.82 -17.32
C PHE B 195 -14.97 7.69 -16.49
N LEU B 196 -14.37 7.40 -15.33
CA LEU B 196 -14.88 6.34 -14.46
C LEU B 196 -16.27 6.67 -13.97
N VAL B 197 -16.49 7.90 -13.54
CA VAL B 197 -17.78 8.31 -13.02
C VAL B 197 -18.86 8.31 -14.10
N ASP B 198 -18.49 8.65 -15.32
CA ASP B 198 -19.42 8.56 -16.44
C ASP B 198 -19.84 7.13 -16.74
N LEU B 199 -18.92 6.18 -16.64
CA LEU B 199 -19.25 4.78 -16.80
C LEU B 199 -20.37 4.38 -15.82
N ILE B 200 -20.26 4.88 -14.59
CA ILE B 200 -21.28 4.65 -13.57
C ILE B 200 -22.61 5.35 -13.88
N LYS B 201 -22.55 6.64 -14.21
CA LYS B 201 -23.74 7.39 -14.59
C LYS B 201 -24.48 6.77 -15.77
N ASN B 202 -23.74 6.14 -16.69
CA ASN B 202 -24.36 5.58 -17.88
C ASN B 202 -24.71 4.12 -17.71
N LYS B 203 -24.59 3.64 -16.46
CA LYS B 203 -25.00 2.29 -16.05
C LYS B 203 -24.16 1.17 -16.65
N HIS B 204 -22.92 1.49 -16.98
CA HIS B 204 -21.96 0.46 -17.40
C HIS B 204 -21.23 -0.16 -16.22
N MET B 205 -21.21 0.56 -15.11
CA MET B 205 -20.68 0.04 -13.85
C MET B 205 -21.54 0.58 -12.70
N ASN B 206 -21.39 0.01 -11.52
CA ASN B 206 -22.21 0.29 -10.36
C ASN B 206 -21.24 0.69 -9.26
N ALA B 207 -21.48 1.83 -8.62
CA ALA B 207 -20.53 2.33 -7.63
C ALA B 207 -20.34 1.38 -6.46
N ASP B 208 -21.30 0.47 -6.28
CA ASP B 208 -21.28 -0.41 -5.10
C ASP B 208 -20.32 -1.59 -5.28
N THR B 209 -19.88 -1.83 -6.51
CA THR B 209 -19.06 -3.00 -6.79
C THR B 209 -17.76 -3.01 -5.99
N ASP B 210 -17.54 -4.13 -5.29
CA ASP B 210 -16.32 -4.33 -4.51
C ASP B 210 -15.53 -5.56 -4.98
N TYR B 211 -14.55 -5.98 -4.22
CA TYR B 211 -13.69 -7.09 -4.67
C TYR B 211 -14.44 -8.39 -4.93
N SER B 212 -15.22 -8.85 -3.97
CA SER B 212 -15.81 -10.17 -4.13
C SER B 212 -16.92 -10.16 -5.15
N ILE B 213 -17.64 -9.04 -5.27
CA ILE B 213 -18.73 -8.94 -6.25
C ILE B 213 -18.18 -9.05 -7.67
N ALA B 214 -17.11 -8.31 -7.95
CA ALA B 214 -16.50 -8.32 -9.27
C ALA B 214 -15.90 -9.70 -9.58
N GLU B 215 -15.29 -10.31 -8.57
CA GLU B 215 -14.67 -11.61 -8.73
C GLU B 215 -15.72 -12.66 -9.05
N ALA B 216 -16.82 -12.64 -8.29
CA ALA B 216 -17.90 -13.63 -8.48
C ALA B 216 -18.49 -13.50 -9.88
N ALA B 217 -18.76 -12.26 -10.30
CA ALA B 217 -19.31 -11.98 -11.62
C ALA B 217 -18.39 -12.48 -12.72
N PHE B 218 -17.09 -12.17 -12.62
CA PHE B 218 -16.20 -12.66 -13.66
C PHE B 218 -16.09 -14.19 -13.63
N ASN B 219 -15.94 -14.77 -12.44
CA ASN B 219 -15.74 -16.21 -12.36
C ASN B 219 -16.99 -17.02 -12.65
N LYS B 220 -18.16 -16.38 -12.63
CA LYS B 220 -19.38 -17.03 -13.10
C LYS B 220 -19.77 -16.74 -14.57
N GLY B 221 -18.90 -16.06 -15.30
CA GLY B 221 -19.15 -15.79 -16.71
C GLY B 221 -20.21 -14.75 -16.98
N GLU B 222 -20.47 -13.86 -16.01
CA GLU B 222 -21.50 -12.80 -16.14
C GLU B 222 -20.95 -11.49 -16.72
N THR B 223 -19.68 -11.21 -16.48
CA THR B 223 -19.03 -10.03 -17.06
C THR B 223 -17.82 -10.49 -17.89
N ALA B 224 -17.52 -9.80 -18.99
CA ALA B 224 -16.46 -10.19 -19.94
C ALA B 224 -15.07 -9.89 -19.43
N MET B 225 -14.93 -8.94 -18.53
CA MET B 225 -13.60 -8.45 -18.09
C MET B 225 -13.60 -8.04 -16.64
N THR B 226 -12.41 -8.11 -16.03
CA THR B 226 -12.19 -7.56 -14.68
C THR B 226 -10.77 -7.04 -14.66
N ILE B 227 -10.43 -6.37 -13.56
CA ILE B 227 -9.08 -5.90 -13.34
C ILE B 227 -8.62 -6.48 -12.01
N ASN B 228 -7.53 -7.24 -12.03
CA ASN B 228 -7.03 -7.84 -10.80
C ASN B 228 -5.58 -8.21 -10.93
N GLY B 229 -5.00 -8.68 -9.81
CA GLY B 229 -3.59 -9.02 -9.71
C GLY B 229 -3.39 -10.51 -9.67
N PRO B 230 -2.12 -10.97 -9.62
CA PRO B 230 -1.78 -12.39 -9.76
C PRO B 230 -2.39 -13.27 -8.68
N TRP B 231 -2.62 -12.74 -7.49
CA TRP B 231 -3.21 -13.52 -6.39
C TRP B 231 -4.60 -14.00 -6.77
N ALA B 232 -5.26 -13.30 -7.69
CA ALA B 232 -6.61 -13.67 -8.12
C ALA B 232 -6.69 -14.86 -9.07
N TRP B 233 -5.57 -15.27 -9.67
CA TRP B 233 -5.64 -16.28 -10.73
C TRP B 233 -6.05 -17.66 -10.22
N SER B 234 -5.70 -18.00 -8.97
CA SER B 234 -6.06 -19.29 -8.40
CA SER B 234 -6.07 -19.29 -8.39
C SER B 234 -7.56 -19.54 -8.46
N ASN B 235 -8.34 -18.57 -8.01
CA ASN B 235 -9.79 -18.72 -8.02
C ASN B 235 -10.35 -18.81 -9.44
N ILE B 236 -9.71 -18.11 -10.39
CA ILE B 236 -10.24 -18.12 -11.76
C ILE B 236 -9.94 -19.50 -12.37
N ASP B 237 -8.82 -20.10 -12.00
CA ASP B 237 -8.54 -21.45 -12.50
C ASP B 237 -9.66 -22.39 -12.07
N THR B 238 -9.97 -22.40 -10.78
CA THR B 238 -11.03 -23.26 -10.23
C THR B 238 -12.37 -23.05 -10.94
N SER B 239 -12.63 -21.81 -11.34
CA SER B 239 -13.94 -21.45 -11.90
C SER B 239 -14.24 -22.03 -13.28
N ALA B 240 -13.20 -22.52 -13.96
CA ALA B 240 -13.27 -23.08 -15.31
C ALA B 240 -13.52 -22.07 -16.43
N VAL B 241 -13.44 -20.77 -16.12
CA VAL B 241 -13.52 -19.79 -17.19
C VAL B 241 -12.27 -19.79 -18.07
N ASN B 242 -12.50 -19.74 -19.38
CA ASN B 242 -11.40 -19.64 -20.34
C ASN B 242 -10.94 -18.18 -20.38
N TYR B 243 -10.03 -17.86 -19.47
CA TYR B 243 -9.57 -16.48 -19.29
C TYR B 243 -8.19 -16.21 -19.86
N GLY B 244 -7.97 -14.95 -20.20
CA GLY B 244 -6.65 -14.45 -20.58
C GLY B 244 -6.27 -13.26 -19.73
N VAL B 245 -4.98 -12.97 -19.69
CA VAL B 245 -4.48 -11.85 -18.88
C VAL B 245 -3.68 -10.98 -19.86
N THR B 246 -3.97 -9.68 -19.90
CA THR B 246 -3.42 -8.85 -20.95
C THR B 246 -3.18 -7.42 -20.53
N VAL B 247 -2.64 -6.64 -21.45
CA VAL B 247 -2.39 -5.24 -21.21
C VAL B 247 -3.68 -4.47 -20.89
N LEU B 248 -3.60 -3.58 -19.91
CA LEU B 248 -4.76 -2.75 -19.56
C LEU B 248 -5.13 -1.84 -20.73
N PRO B 249 -6.40 -1.44 -20.83
CA PRO B 249 -6.79 -0.56 -21.93
C PRO B 249 -6.15 0.84 -21.79
N THR B 250 -5.95 1.53 -22.91
CA THR B 250 -5.40 2.88 -22.86
C THR B 250 -6.49 3.92 -22.60
N PHE B 251 -6.08 5.10 -22.13
CA PHE B 251 -7.05 6.18 -21.93
C PHE B 251 -6.50 7.43 -22.59
N LYS B 252 -7.29 8.04 -23.48
CA LYS B 252 -6.79 9.17 -24.25
C LYS B 252 -5.47 8.80 -24.93
N GLY B 253 -5.42 7.54 -25.35
CA GLY B 253 -4.29 6.98 -26.11
C GLY B 253 -3.07 6.68 -25.27
N GLN B 254 -3.14 6.90 -23.96
CA GLN B 254 -1.99 6.64 -23.09
CA GLN B 254 -2.01 6.66 -23.06
C GLN B 254 -2.22 5.41 -22.23
N PRO B 255 -1.14 4.66 -21.94
CA PRO B 255 -1.36 3.43 -21.18
C PRO B 255 -1.96 3.66 -19.80
N SER B 256 -2.85 2.76 -19.33
CA SER B 256 -3.18 2.76 -17.91
C SER B 256 -1.88 2.56 -17.12
N LYS B 257 -1.78 3.25 -16.00
CA LYS B 257 -0.52 3.21 -15.24
C LYS B 257 -0.74 2.68 -13.84
N PRO B 258 -0.72 1.36 -13.67
CA PRO B 258 -0.91 0.81 -12.33
C PRO B 258 0.26 1.18 -11.43
N PHE B 259 -0.02 1.47 -10.17
CA PHE B 259 1.03 1.59 -9.16
C PHE B 259 1.54 0.17 -8.83
N VAL B 260 2.84 -0.03 -8.99
CA VAL B 260 3.47 -1.35 -8.88
C VAL B 260 3.94 -1.58 -7.44
N GLY B 261 3.55 -2.73 -6.89
CA GLY B 261 3.87 -3.08 -5.51
C GLY B 261 4.89 -4.20 -5.49
N VAL B 262 5.81 -4.12 -4.56
CA VAL B 262 6.75 -5.19 -4.26
C VAL B 262 6.40 -5.75 -2.91
N LEU B 263 5.80 -6.95 -2.90
CA LEU B 263 5.54 -7.68 -1.66
C LEU B 263 6.87 -7.81 -0.97
N SER B 264 6.94 -7.35 0.29
CA SER B 264 8.20 -7.28 1.04
C SER B 264 8.02 -7.83 2.44
N ALA B 265 9.12 -8.36 2.99
CA ALA B 265 9.12 -8.90 4.35
C ALA B 265 10.09 -8.11 5.23
N GLY B 266 9.56 -7.47 6.26
CA GLY B 266 10.38 -6.71 7.20
C GLY B 266 10.50 -7.44 8.53
N ILE B 267 11.53 -7.10 9.30
CA ILE B 267 11.79 -7.75 10.60
C ILE B 267 11.52 -6.69 11.66
N ASN B 268 10.64 -7.01 12.61
CA ASN B 268 10.28 -6.12 13.71
C ASN B 268 11.54 -5.72 14.50
N ALA B 269 11.74 -4.41 14.65
CA ALA B 269 12.84 -3.87 15.46
C ALA B 269 12.92 -4.46 16.89
N ALA B 270 11.77 -4.87 17.43
CA ALA B 270 11.73 -5.41 18.78
C ALA B 270 11.93 -6.92 18.86
N SER B 271 12.03 -7.56 17.71
CA SER B 271 12.22 -9.02 17.71
C SER B 271 13.53 -9.41 18.37
N PRO B 272 13.49 -10.41 19.28
CA PRO B 272 14.73 -11.07 19.73
C PRO B 272 15.18 -12.21 18.85
N ASN B 273 14.50 -12.38 17.70
CA ASN B 273 14.74 -13.52 16.81
C ASN B 273 15.23 -13.07 15.44
N LYS B 274 15.93 -11.94 15.39
CA LYS B 274 16.30 -11.36 14.11
C LYS B 274 17.19 -12.24 13.23
N GLU B 275 18.14 -12.96 13.85
CA GLU B 275 19.10 -13.72 13.06
C GLU B 275 18.44 -14.91 12.44
N LEU B 276 17.55 -15.54 13.20
CA LEU B 276 16.80 -16.66 12.65
C LEU B 276 15.75 -16.23 11.64
N ALA B 277 15.22 -15.02 11.79
CA ALA B 277 14.31 -14.45 10.80
C ALA B 277 15.04 -14.24 9.48
N LYS B 278 16.29 -13.75 9.54
CA LYS B 278 17.11 -13.57 8.34
C LYS B 278 17.37 -14.95 7.70
N GLU B 279 17.68 -15.95 8.53
CA GLU B 279 17.87 -17.29 8.00
C GLU B 279 16.62 -17.79 7.31
N PHE B 280 15.46 -17.56 7.93
CA PHE B 280 14.20 -18.03 7.34
C PHE B 280 13.97 -17.36 5.98
N LEU B 281 14.13 -16.05 5.94
CA LEU B 281 13.83 -15.28 4.73
C LEU B 281 14.84 -15.53 3.61
N GLU B 282 16.13 -15.54 3.92
CA GLU B 282 17.15 -15.68 2.88
C GLU B 282 17.29 -17.10 2.38
N ASN B 283 17.26 -18.05 3.32
CA ASN B 283 17.67 -19.41 3.03
C ASN B 283 16.53 -20.43 2.99
N TYR B 284 15.31 -20.01 3.32
CA TYR B 284 14.15 -20.91 3.18
C TYR B 284 13.12 -20.32 2.24
N LEU B 285 12.68 -19.10 2.51
CA LEU B 285 11.65 -18.50 1.66
C LEU B 285 12.17 -18.11 0.29
N LEU B 286 13.25 -17.33 0.28
CA LEU B 286 13.82 -16.85 -0.98
C LEU B 286 14.77 -17.84 -1.65
N THR B 287 14.21 -19.03 -1.89
CA THR B 287 14.81 -20.07 -2.69
C THR B 287 13.76 -20.51 -3.70
N ASP B 288 14.18 -21.29 -4.71
CA ASP B 288 13.22 -21.76 -5.71
C ASP B 288 12.11 -22.59 -5.04
N GLU B 289 12.49 -23.39 -4.06
CA GLU B 289 11.57 -24.29 -3.39
C GLU B 289 10.61 -23.53 -2.49
N GLY B 290 11.13 -22.52 -1.82
CA GLY B 290 10.29 -21.76 -0.92
C GLY B 290 9.21 -20.95 -1.63
N LEU B 291 9.64 -20.16 -2.62
CA LEU B 291 8.73 -19.40 -3.45
C LEU B 291 7.76 -20.29 -4.22
N GLU B 292 8.20 -21.45 -4.68
CA GLU B 292 7.28 -22.37 -5.34
C GLU B 292 6.13 -22.79 -4.43
N ALA B 293 6.45 -23.11 -3.17
CA ALA B 293 5.44 -23.43 -2.18
C ALA B 293 4.39 -22.34 -1.99
N VAL B 294 4.84 -21.10 -1.87
CA VAL B 294 3.92 -19.98 -1.74
C VAL B 294 3.13 -19.74 -3.03
N ASN B 295 3.86 -19.72 -4.15
CA ASN B 295 3.28 -19.47 -5.47
C ASN B 295 2.20 -20.49 -5.84
N LYS B 296 2.40 -21.74 -5.45
CA LYS B 296 1.42 -22.78 -5.74
C LYS B 296 0.13 -22.60 -4.96
N ASP B 297 0.21 -21.96 -3.79
CA ASP B 297 -0.96 -21.60 -3.01
C ASP B 297 -1.76 -20.45 -3.68
N LYS B 298 -1.18 -19.23 -3.69
CA LYS B 298 -1.68 -18.07 -4.46
C LYS B 298 -0.50 -17.50 -5.28
N PRO B 299 -0.68 -17.28 -6.59
CA PRO B 299 0.43 -16.74 -7.41
C PRO B 299 0.96 -15.40 -6.88
N LEU B 300 2.29 -15.31 -6.80
CA LEU B 300 2.99 -14.16 -6.26
C LEU B 300 3.18 -13.04 -7.28
N GLY B 301 3.06 -13.37 -8.56
CA GLY B 301 3.43 -12.45 -9.62
C GLY B 301 4.87 -12.71 -10.07
N ALA B 302 5.58 -11.65 -10.45
CA ALA B 302 6.97 -11.81 -10.92
C ALA B 302 7.93 -11.76 -9.73
N VAL B 303 8.60 -12.86 -9.42
CA VAL B 303 9.33 -12.91 -8.15
C VAL B 303 10.66 -12.15 -8.19
N ALA B 304 11.12 -11.72 -7.02
CA ALA B 304 12.36 -10.95 -6.90
C ALA B 304 13.58 -11.84 -7.11
N LEU B 305 13.42 -13.15 -6.88
CA LEU B 305 14.53 -14.09 -6.99
C LEU B 305 14.78 -14.45 -8.45
N LYS B 306 15.95 -14.05 -8.98
CA LYS B 306 16.27 -14.22 -10.40
C LYS B 306 16.13 -15.67 -10.87
N SER B 307 16.62 -16.60 -10.06
CA SER B 307 16.61 -17.98 -10.45
C SER B 307 15.22 -18.58 -10.65
N TYR B 308 14.25 -18.18 -9.84
CA TYR B 308 12.90 -18.72 -9.96
C TYR B 308 12.06 -17.92 -10.95
N GLU B 309 12.34 -16.63 -11.07
CA GLU B 309 11.68 -15.83 -12.08
C GLU B 309 11.94 -16.36 -13.49
N GLU B 310 13.08 -17.00 -13.70
CA GLU B 310 13.41 -17.62 -14.99
C GLU B 310 12.30 -18.56 -15.45
N GLU B 311 11.80 -19.37 -14.51
CA GLU B 311 10.68 -20.25 -14.78
C GLU B 311 9.35 -19.49 -14.92
N LEU B 312 9.07 -18.54 -14.03
CA LEU B 312 7.78 -17.83 -14.03
C LEU B 312 7.58 -16.97 -15.29
N ALA B 313 8.66 -16.39 -15.79
CA ALA B 313 8.60 -15.52 -16.97
C ALA B 313 8.05 -16.23 -18.24
N LYS B 314 8.09 -17.56 -18.26
CA LYS B 314 7.59 -18.33 -19.41
C LYS B 314 6.06 -18.30 -19.56
N ASP B 315 5.38 -17.93 -18.49
CA ASP B 315 3.91 -17.88 -18.38
C ASP B 315 3.41 -16.58 -19.01
N PRO B 316 2.55 -16.67 -20.05
CA PRO B 316 2.04 -15.41 -20.62
C PRO B 316 1.36 -14.48 -19.61
N ARG B 317 0.85 -15.02 -18.51
CA ARG B 317 0.15 -14.19 -17.52
C ARG B 317 1.18 -13.34 -16.81
N ILE B 318 2.36 -13.91 -16.62
CA ILE B 318 3.46 -13.18 -16.01
C ILE B 318 4.08 -12.12 -16.94
N ALA B 319 4.24 -12.46 -18.23
CA ALA B 319 4.65 -11.46 -19.23
C ALA B 319 3.72 -10.25 -19.20
N ALA B 320 2.41 -10.49 -19.12
CA ALA B 320 1.44 -9.40 -19.13
C ALA B 320 1.58 -8.56 -17.86
N THR B 321 1.83 -9.22 -16.73
CA THR B 321 2.00 -8.55 -15.46
C THR B 321 3.15 -7.58 -15.58
N MET B 322 4.26 -8.05 -16.17
CA MET B 322 5.46 -7.23 -16.34
C MET B 322 5.28 -6.12 -17.37
N GLU B 323 4.49 -6.40 -18.41
CA GLU B 323 4.14 -5.37 -19.38
C GLU B 323 3.34 -4.25 -18.73
N ASN B 324 2.33 -4.61 -17.95
CA ASN B 324 1.58 -3.61 -17.23
C ASN B 324 2.44 -2.89 -16.19
N ALA B 325 3.33 -3.62 -15.53
CA ALA B 325 4.23 -3.03 -14.55
C ALA B 325 5.15 -1.98 -15.19
N GLN B 326 5.65 -2.28 -16.38
CA GLN B 326 6.58 -1.37 -17.08
C GLN B 326 5.89 -0.11 -17.55
N LYS B 327 4.60 -0.22 -17.88
CA LYS B 327 3.80 0.98 -18.20
C LYS B 327 3.35 1.79 -16.98
N GLY B 328 3.37 1.16 -15.79
CA GLY B 328 2.98 1.83 -14.56
C GLY B 328 4.14 2.53 -13.85
N GLU B 329 4.03 2.69 -12.54
CA GLU B 329 5.06 3.35 -11.74
C GLU B 329 5.25 2.54 -10.48
N ILE B 330 6.50 2.33 -10.09
CA ILE B 330 6.74 1.70 -8.79
C ILE B 330 6.19 2.64 -7.71
N MET B 331 5.52 2.10 -6.69
CA MET B 331 5.04 2.99 -5.61
C MET B 331 6.22 3.62 -4.87
N PRO B 332 6.06 4.88 -4.46
CA PRO B 332 7.00 5.40 -3.46
C PRO B 332 6.89 4.59 -2.16
N ASN B 333 7.98 4.48 -1.41
CA ASN B 333 7.91 3.85 -0.09
C ASN B 333 7.87 4.86 1.07
N ILE B 334 7.82 6.16 0.77
CA ILE B 334 7.92 7.18 1.81
C ILE B 334 6.74 7.14 2.80
N PRO B 335 6.96 7.63 4.02
CA PRO B 335 5.91 7.52 5.05
C PRO B 335 4.59 8.20 4.67
N GLN B 336 4.64 9.19 3.78
CA GLN B 336 3.46 9.92 3.37
C GLN B 336 2.51 9.17 2.44
N MET B 337 2.91 7.98 1.99
CA MET B 337 2.07 7.24 1.07
C MET B 337 0.71 6.89 1.66
N SER B 338 0.65 6.56 2.95
CA SER B 338 -0.64 6.20 3.54
C SER B 338 -1.59 7.39 3.47
N ALA B 339 -1.06 8.59 3.66
CA ALA B 339 -1.85 9.80 3.54
C ALA B 339 -2.48 9.96 2.14
N PHE B 340 -1.67 9.75 1.13
CA PHE B 340 -2.12 9.76 -0.25
C PHE B 340 -3.26 8.77 -0.47
N TRP B 341 -3.06 7.52 -0.05
CA TRP B 341 -4.09 6.52 -0.25
C TRP B 341 -5.42 6.79 0.43
N TYR B 342 -5.39 7.18 1.71
CA TYR B 342 -6.61 7.51 2.45
C TYR B 342 -7.36 8.62 1.72
N ALA B 343 -6.61 9.61 1.25
CA ALA B 343 -7.27 10.75 0.59
C ALA B 343 -7.90 10.34 -0.74
N VAL B 344 -7.21 9.53 -1.53
CA VAL B 344 -7.71 9.12 -2.84
C VAL B 344 -8.89 8.16 -2.65
N ARG B 345 -8.83 7.30 -1.64
CA ARG B 345 -9.95 6.41 -1.34
C ARG B 345 -11.25 7.20 -1.14
N THR B 346 -11.21 8.23 -0.31
CA THR B 346 -12.39 9.04 -0.06
C THR B 346 -12.86 9.73 -1.35
N ALA B 347 -11.92 10.25 -2.13
CA ALA B 347 -12.29 11.00 -3.34
C ALA B 347 -13.02 10.11 -4.33
N VAL B 348 -12.52 8.91 -4.56
CA VAL B 348 -13.18 8.06 -5.53
C VAL B 348 -14.55 7.59 -5.04
N ILE B 349 -14.64 7.20 -3.78
CA ILE B 349 -15.92 6.75 -3.27
C ILE B 349 -16.94 7.89 -3.34
N ASN B 350 -16.54 9.11 -2.97
CA ASN B 350 -17.49 10.22 -3.02
C ASN B 350 -17.92 10.61 -4.44
N ALA B 351 -16.98 10.58 -5.38
CA ALA B 351 -17.30 10.91 -6.77
C ALA B 351 -18.20 9.85 -7.41
N ALA B 352 -17.89 8.58 -7.18
CA ALA B 352 -18.63 7.49 -7.81
C ALA B 352 -20.06 7.44 -7.29
N SER B 353 -20.24 7.83 -6.03
CA SER B 353 -21.55 7.85 -5.39
C SER B 353 -22.33 9.13 -5.65
N GLY B 354 -21.67 10.12 -6.23
CA GLY B 354 -22.31 11.41 -6.45
C GLY B 354 -22.40 12.33 -5.24
N ARG B 355 -21.75 11.95 -4.14
CA ARG B 355 -21.68 12.82 -2.96
C ARG B 355 -20.94 14.11 -3.30
N GLN B 356 -19.89 13.99 -4.11
CA GLN B 356 -19.18 15.17 -4.61
C GLN B 356 -18.97 15.07 -6.11
N THR B 357 -18.77 16.21 -6.75
CA THR B 357 -18.33 16.21 -8.14
C THR B 357 -16.90 15.69 -8.19
N VAL B 358 -16.48 15.27 -9.37
CA VAL B 358 -15.09 14.87 -9.57
C VAL B 358 -14.14 16.00 -9.18
N ASP B 359 -14.41 17.20 -9.68
CA ASP B 359 -13.53 18.33 -9.39
CA ASP B 359 -13.56 18.35 -9.38
C ASP B 359 -13.44 18.59 -7.88
N ALA B 360 -14.58 18.57 -7.19
CA ALA B 360 -14.64 18.82 -5.75
C ALA B 360 -13.94 17.75 -4.94
N ALA B 361 -14.26 16.51 -5.27
CA ALA B 361 -13.64 15.35 -4.62
C ALA B 361 -12.11 15.35 -4.76
N LEU B 362 -11.59 15.54 -5.96
CA LEU B 362 -10.13 15.55 -6.14
C LEU B 362 -9.44 16.81 -5.56
N ALA B 363 -10.13 17.95 -5.58
CA ALA B 363 -9.60 19.17 -4.96
C ALA B 363 -9.44 18.97 -3.46
N ALA B 364 -10.45 18.35 -2.83
CA ALA B 364 -10.37 18.07 -1.40
C ALA B 364 -9.27 17.05 -1.11
N ALA B 365 -9.13 16.03 -1.95
CA ALA B 365 -8.15 15.03 -1.65
C ALA B 365 -6.73 15.56 -1.81
N GLN B 366 -6.56 16.46 -2.77
CA GLN B 366 -5.29 17.11 -3.01
C GLN B 366 -4.90 17.93 -1.78
N THR B 367 -5.83 18.74 -1.28
CA THR B 367 -5.56 19.57 -0.11
C THR B 367 -5.23 18.67 1.07
N ASN B 368 -6.04 17.65 1.30
CA ASN B 368 -5.88 16.85 2.49
C ASN B 368 -4.60 16.02 2.48
N ALA B 369 -4.26 15.47 1.31
CA ALA B 369 -3.05 14.67 1.13
C ALA B 369 -1.82 15.54 1.28
N ALA B 370 -1.81 16.69 0.61
CA ALA B 370 -0.72 17.63 0.76
C ALA B 370 -0.52 18.14 2.21
N ARG B 371 -1.62 18.49 2.89
CA ARG B 371 -1.53 18.98 4.28
C ARG B 371 -0.95 17.88 5.18
N ALA B 372 -1.49 16.68 5.04
CA ALA B 372 -1.08 15.59 5.92
C ALA B 372 0.37 15.18 5.64
N ALA B 373 0.81 15.32 4.39
CA ALA B 373 2.14 14.87 4.01
C ALA B 373 3.17 15.82 4.63
N ALA B 374 2.92 17.12 4.49
CA ALA B 374 3.84 18.11 5.07
C ALA B 374 3.80 18.09 6.60
N ALA B 375 2.62 17.92 7.18
CA ALA B 375 2.51 17.87 8.64
C ALA B 375 3.23 16.65 9.24
N SER B 376 3.09 15.48 8.61
CA SER B 376 3.72 14.29 9.18
C SER B 376 5.23 14.30 8.97
N GLU B 377 5.70 14.87 7.87
CA GLU B 377 7.14 14.96 7.66
C GLU B 377 7.74 15.88 8.73
N PHE B 378 7.03 16.94 9.07
CA PHE B 378 7.49 17.89 10.09
C PHE B 378 7.61 17.21 11.45
N VAL B 379 6.57 16.45 11.82
CA VAL B 379 6.53 15.77 13.11
C VAL B 379 7.68 14.77 13.27
N ASP B 380 7.96 14.02 12.21
CA ASP B 380 9.03 13.01 12.21
C ASP B 380 10.40 13.71 12.28
N ALA B 381 10.54 14.80 11.54
CA ALA B 381 11.80 15.55 11.46
C ALA B 381 12.19 16.25 12.73
N LEU B 382 11.20 16.73 13.47
CA LEU B 382 11.43 17.56 14.66
CA LEU B 382 11.47 17.54 14.65
C LEU B 382 11.12 16.82 15.96
N ARG B 383 11.10 15.50 15.90
CA ARG B 383 10.71 14.64 17.02
C ARG B 383 11.35 15.03 18.36
N GLY B 384 12.68 15.17 18.36
CA GLY B 384 13.45 15.52 19.55
C GLY B 384 13.10 16.88 20.13
N ASP B 385 12.99 17.87 19.24
CA ASP B 385 12.59 19.21 19.66
C ASP B 385 11.16 19.28 20.19
N LEU B 386 10.25 18.57 19.52
CA LEU B 386 8.86 18.52 19.97
C LEU B 386 8.79 17.90 21.36
N ILE B 387 9.49 16.80 21.57
CA ILE B 387 9.46 16.17 22.89
C ILE B 387 9.96 17.13 23.97
N GLN B 388 11.01 17.89 23.64
CA GLN B 388 11.61 18.79 24.62
C GLN B 388 10.78 20.05 24.89
N LYS B 389 9.99 20.50 23.90
CA LYS B 389 9.41 21.86 23.94
C LYS B 389 7.89 21.98 24.02
N VAL B 390 7.16 20.96 23.62
CA VAL B 390 5.70 21.09 23.52
C VAL B 390 5.10 21.17 24.93
N SER B 391 4.31 22.21 25.19
CA SER B 391 3.69 22.43 26.50
C SER B 391 2.21 22.03 26.62
N SER B 392 1.51 21.95 25.48
CA SER B 392 0.06 21.65 25.48
C SER B 392 -0.26 20.16 25.28
N VAL B 393 0.69 19.31 25.65
CA VAL B 393 0.60 17.86 25.43
C VAL B 393 -0.64 17.25 26.06
N MET B 394 -1.00 17.70 27.26
CA MET B 394 -2.20 17.15 27.88
C MET B 394 -3.48 17.43 27.09
N ALA B 395 -3.63 18.65 26.59
CA ALA B 395 -4.72 19.02 25.70
C ALA B 395 -4.70 18.23 24.38
N ILE B 396 -3.51 18.09 23.81
CA ILE B 396 -3.36 17.32 22.57
C ILE B 396 -3.78 15.86 22.84
N ALA B 397 -3.28 15.28 23.93
CA ALA B 397 -3.65 13.93 24.32
C ALA B 397 -5.19 13.76 24.46
N ASP B 398 -5.81 14.72 25.16
CA ASP B 398 -7.28 14.73 25.33
C ASP B 398 -8.00 14.73 23.97
N SER B 399 -7.53 15.57 23.05
CA SER B 399 -8.12 15.66 21.72
C SER B 399 -7.99 14.35 20.95
N LEU B 400 -6.79 13.78 20.98
CA LEU B 400 -6.55 12.52 20.29
C LEU B 400 -7.38 11.38 20.86
N MET B 401 -7.49 11.33 22.18
CA MET B 401 -8.42 10.40 22.85
C MET B 401 -9.86 10.55 22.34
N SER B 402 -10.35 11.78 22.18
CA SER B 402 -11.69 12.02 21.64
C SER B 402 -11.89 11.43 20.25
N GLU B 403 -10.80 11.35 19.48
CA GLU B 403 -10.86 10.86 18.11
C GLU B 403 -10.44 9.40 17.98
N ARG B 404 -10.29 8.73 19.11
CA ARG B 404 -9.89 7.31 19.12
C ARG B 404 -8.56 7.12 18.42
N MET B 405 -7.64 8.05 18.65
CA MET B 405 -6.32 8.00 18.03
C MET B 405 -5.23 7.63 19.02
N ILE B 406 -5.64 7.26 20.23
CA ILE B 406 -4.69 6.81 21.25
C ILE B 406 -5.41 5.82 22.13
N THR B 407 -4.69 4.77 22.55
CA THR B 407 -5.27 3.75 23.39
C THR B 407 -5.55 4.29 24.79
N ASP B 408 -6.50 3.67 25.47
CA ASP B 408 -6.81 4.00 26.85
C ASP B 408 -5.57 3.80 27.69
N GLU B 409 -4.83 2.73 27.44
CA GLU B 409 -3.64 2.43 28.21
C GLU B 409 -2.55 3.50 28.07
N LEU B 410 -2.27 3.89 26.83
CA LEU B 410 -1.26 4.93 26.60
C LEU B 410 -1.77 6.29 27.06
N TYR B 411 -3.05 6.59 26.83
CA TYR B 411 -3.58 7.85 27.33
C TYR B 411 -3.43 7.95 28.85
N SER B 412 -3.71 6.86 29.56
CA SER B 412 -3.54 6.84 31.00
C SER B 412 -2.08 7.16 31.40
N GLU B 413 -1.13 6.53 30.73
CA GLU B 413 0.29 6.81 30.99
C GLU B 413 0.62 8.30 30.80
N VAL B 414 0.13 8.88 29.71
CA VAL B 414 0.36 10.30 29.45
C VAL B 414 -0.28 11.16 30.53
N HIS B 415 -1.51 10.84 30.90
CA HIS B 415 -2.21 11.56 31.97
C HIS B 415 -1.42 11.64 33.28
N TYR B 416 -0.82 10.53 33.71
CA TYR B 416 -0.17 10.49 35.03
C TYR B 416 1.30 10.89 35.00
N ALA B 417 1.87 11.00 33.81
CA ALA B 417 3.29 11.36 33.71
C ALA B 417 3.52 12.77 34.27
N ASP B 418 4.67 12.96 34.92
CA ASP B 418 4.91 14.05 35.85
C ASP B 418 5.08 15.43 35.21
N THR B 419 5.87 15.48 34.14
CA THR B 419 6.20 16.73 33.46
C THR B 419 5.92 16.61 31.96
N ASN B 420 5.89 17.76 31.28
CA ASN B 420 5.52 17.78 29.87
C ASN B 420 6.44 16.96 28.97
N GLN B 421 7.74 16.95 29.27
CA GLN B 421 8.68 16.18 28.46
C GLN B 421 8.43 14.68 28.59
N ARG B 422 8.05 14.24 29.79
CA ARG B 422 7.81 12.82 29.98
C ARG B 422 6.50 12.44 29.32
N LYS B 423 5.49 13.30 29.44
CA LYS B 423 4.23 13.12 28.72
C LYS B 423 4.48 12.99 27.22
N MET B 424 5.34 13.86 26.67
CA MET B 424 5.61 13.82 25.23
C MET B 424 6.34 12.57 24.76
N ARG B 425 7.31 12.09 25.56
CA ARG B 425 8.04 10.87 25.25
C ARG B 425 7.01 9.76 25.10
N LEU B 426 6.06 9.67 26.04
CA LEU B 426 5.01 8.65 25.95
C LEU B 426 4.09 8.85 24.74
N LEU B 427 3.71 10.11 24.51
CA LEU B 427 2.78 10.44 23.44
C LEU B 427 3.36 10.04 22.09
N PHE B 428 4.66 10.21 21.91
CA PHE B 428 5.25 9.77 20.65
C PHE B 428 5.08 8.28 20.34
N ARG B 429 4.86 7.44 21.36
CA ARG B 429 4.52 6.03 21.08
C ARG B 429 3.17 5.94 20.40
N ALA B 430 2.23 6.81 20.77
CA ALA B 430 0.91 6.84 20.12
C ALA B 430 1.03 7.35 18.69
N LEU B 431 1.92 8.33 18.49
CA LEU B 431 2.11 8.86 17.15
C LEU B 431 2.72 7.79 16.24
N ASP B 432 3.70 7.04 16.76
CA ASP B 432 4.31 6.01 15.93
C ASP B 432 3.38 4.80 15.65
N SER B 433 2.45 4.60 16.58
CA SER B 433 1.39 3.60 16.46
C SER B 433 0.39 3.95 15.38
N GLY B 434 0.15 5.25 15.17
CA GLY B 434 -0.89 5.69 14.27
C GLY B 434 -0.44 6.26 12.94
N GLY B 435 0.85 6.27 12.69
CA GLY B 435 1.35 6.66 11.39
C GLY B 435 1.09 8.10 10.98
N ALA B 436 1.24 8.38 9.69
CA ALA B 436 1.24 9.75 9.18
C ALA B 436 -0.08 10.49 9.49
N SER B 437 -1.20 9.75 9.49
CA SER B 437 -2.51 10.35 9.71
C SER B 437 -2.64 10.89 11.15
N VAL B 438 -2.19 10.11 12.14
CA VAL B 438 -2.25 10.56 13.52
C VAL B 438 -1.19 11.62 13.73
N LYS B 439 -0.05 11.48 13.08
CA LYS B 439 0.98 12.52 13.18
C LYS B 439 0.47 13.83 12.59
N ALA B 440 -0.29 13.74 11.51
CA ALA B 440 -0.84 14.95 10.89
C ALA B 440 -1.85 15.64 11.80
N GLU B 441 -2.67 14.84 12.49
CA GLU B 441 -3.63 15.40 13.45
C GLU B 441 -2.94 16.01 14.70
N PHE B 442 -1.86 15.37 15.15
CA PHE B 442 -1.03 15.95 16.21
C PHE B 442 -0.57 17.35 15.78
N TYR B 443 -0.09 17.46 14.54
CA TYR B 443 0.36 18.75 14.04
C TYR B 443 -0.78 19.79 14.06
N ARG B 444 -1.95 19.41 13.55
CA ARG B 444 -3.10 20.32 13.48
C ARG B 444 -3.41 20.87 14.87
N LEU B 445 -3.42 19.97 15.85
CA LEU B 445 -3.76 20.34 17.22
C LEU B 445 -2.66 21.22 17.80
N LEU B 446 -1.40 20.88 17.54
CA LEU B 446 -0.26 21.69 18.04
C LEU B 446 -0.30 23.11 17.47
N MET B 447 -0.64 23.22 16.19
CA MET B 447 -0.75 24.54 15.58
C MET B 447 -1.85 25.39 16.24
N GLU B 448 -2.95 24.74 16.62
CA GLU B 448 -4.01 25.42 17.36
C GLU B 448 -3.54 25.90 18.72
N ASN B 449 -2.83 25.06 19.46
CA ASN B 449 -2.45 25.36 20.84
C ASN B 449 -1.20 26.23 20.98
N GLU B 450 -0.26 25.98 20.08
CA GLU B 450 1.10 26.53 20.21
C GLU B 450 1.65 27.08 18.88
N PRO B 451 0.93 28.05 18.28
CA PRO B 451 1.37 28.55 16.97
C PRO B 451 2.78 29.17 16.96
N ARG B 452 3.20 29.81 18.05
CA ARG B 452 4.53 30.45 18.08
C ARG B 452 5.59 29.37 18.01
N LEU B 453 5.42 28.29 18.77
CA LEU B 453 6.39 27.21 18.73
C LEU B 453 6.45 26.60 17.35
N VAL B 454 5.30 26.38 16.73
CA VAL B 454 5.28 25.71 15.42
C VAL B 454 6.01 26.55 14.40
N HIS B 455 5.75 27.86 14.41
CA HIS B 455 6.37 28.75 13.42
C HIS B 455 7.89 28.77 13.59
N GLU B 456 8.33 28.71 14.84
CA GLU B 456 9.76 28.73 15.15
C GLU B 456 10.45 27.47 14.64
N LEU B 457 9.80 26.33 14.86
CA LEU B 457 10.37 25.06 14.47
C LEU B 457 10.35 24.93 12.95
N GLU B 458 9.26 25.36 12.33
CA GLU B 458 9.15 25.36 10.86
C GLU B 458 10.22 26.21 10.21
N SER B 459 10.52 27.36 10.80
CA SER B 459 11.52 28.27 10.26
C SER B 459 12.90 27.62 10.18
N ARG B 460 13.19 26.78 11.17
CA ARG B 460 14.46 26.04 11.24
C ARG B 460 14.47 24.84 10.29
N HIS B 461 13.38 24.08 10.29
CA HIS B 461 13.24 22.93 9.40
C HIS B 461 13.38 23.36 7.93
N SER B 462 12.69 24.45 7.58
CA SER B 462 12.67 24.97 6.21
C SER B 462 14.08 25.17 5.65
N GLU B 463 14.96 25.74 6.48
CA GLU B 463 16.34 25.98 6.08
C GLU B 463 17.27 24.91 6.66
N MET C 1 49.48 -12.72 19.39
CA MET C 1 49.87 -11.99 18.19
C MET C 1 48.70 -11.90 17.22
N LYS C 2 48.67 -10.84 16.42
CA LYS C 2 47.53 -10.56 15.57
C LYS C 2 47.39 -11.49 14.34
N ILE C 3 48.41 -11.53 13.48
CA ILE C 3 48.40 -12.52 12.40
C ILE C 3 49.15 -13.75 12.90
N GLU C 4 48.63 -14.93 12.57
CA GLU C 4 49.19 -16.17 13.08
C GLU C 4 50.46 -16.57 12.35
N GLU C 5 51.50 -16.86 13.12
CA GLU C 5 52.77 -17.25 12.55
C GLU C 5 52.77 -18.74 12.24
N GLY C 6 53.28 -19.12 11.09
CA GLY C 6 53.43 -20.52 10.78
C GLY C 6 52.39 -21.08 9.85
N LYS C 7 51.61 -20.19 9.23
CA LYS C 7 50.69 -20.55 8.17
C LYS C 7 50.51 -19.35 7.25
N LEU C 8 49.86 -19.57 6.11
CA LEU C 8 49.56 -18.48 5.17
C LEU C 8 48.05 -18.36 4.98
N VAL C 9 47.53 -17.15 5.17
CA VAL C 9 46.14 -16.84 4.81
C VAL C 9 46.19 -15.94 3.57
N ILE C 10 45.43 -16.29 2.53
CA ILE C 10 45.46 -15.57 1.25
C ILE C 10 44.03 -15.10 0.93
N TRP C 11 43.87 -13.81 0.59
CA TRP C 11 42.58 -13.26 0.12
C TRP C 11 42.65 -13.02 -1.38
N ILE C 12 41.64 -13.51 -2.10
CA ILE C 12 41.54 -13.30 -3.55
C ILE C 12 40.05 -13.15 -3.88
N ASN C 13 39.72 -12.38 -4.91
CA ASN C 13 38.33 -12.11 -5.24
C ASN C 13 37.58 -13.37 -5.69
N GLY C 14 36.28 -13.41 -5.40
CA GLY C 14 35.48 -14.60 -5.70
C GLY C 14 35.24 -14.89 -7.17
N ASP C 15 35.64 -13.98 -8.06
CA ASP C 15 35.52 -14.26 -9.50
C ASP C 15 36.80 -14.88 -10.08
N LYS C 16 37.81 -15.09 -9.22
CA LYS C 16 39.09 -15.66 -9.66
C LYS C 16 39.16 -17.15 -9.33
N GLY C 17 40.20 -17.82 -9.82
CA GLY C 17 40.33 -19.26 -9.64
C GLY C 17 40.82 -19.66 -8.25
N TYR C 18 40.01 -19.35 -7.23
CA TYR C 18 40.47 -19.56 -5.84
C TYR C 18 40.59 -21.03 -5.44
N ASN C 19 39.84 -21.91 -6.10
CA ASN C 19 39.98 -23.34 -5.84
C ASN C 19 41.27 -23.88 -6.46
N GLY C 20 41.65 -23.36 -7.63
CA GLY C 20 42.93 -23.69 -8.20
C GLY C 20 44.10 -23.21 -7.34
N LEU C 21 43.95 -22.00 -6.81
CA LEU C 21 44.95 -21.43 -5.91
C LEU C 21 45.07 -22.27 -4.65
N ALA C 22 43.94 -22.75 -4.12
CA ALA C 22 43.96 -23.63 -2.94
C ALA C 22 44.76 -24.91 -3.21
N GLU C 23 44.61 -25.48 -4.41
CA GLU C 23 45.45 -26.61 -4.83
C GLU C 23 46.94 -26.31 -4.78
N VAL C 24 47.35 -25.14 -5.28
CA VAL C 24 48.75 -24.74 -5.19
C VAL C 24 49.14 -24.66 -3.70
N GLY C 25 48.22 -24.18 -2.87
CA GLY C 25 48.40 -24.20 -1.42
C GLY C 25 48.63 -25.57 -0.82
N LYS C 26 47.91 -26.58 -1.31
CA LYS C 26 48.11 -27.94 -0.83
C LYS C 26 49.47 -28.47 -1.23
N LYS C 27 49.98 -28.08 -2.39
CA LYS C 27 51.33 -28.46 -2.82
CA LYS C 27 51.32 -28.48 -2.80
C LYS C 27 52.38 -27.85 -1.89
N PHE C 28 52.18 -26.58 -1.52
CA PHE C 28 53.08 -25.90 -0.60
C PHE C 28 53.09 -26.59 0.77
N GLU C 29 51.91 -27.00 1.25
CA GLU C 29 51.82 -27.67 2.53
C GLU C 29 52.51 -29.03 2.54
N LYS C 30 52.35 -29.83 1.48
CA LYS C 30 53.03 -31.13 1.42
C LYS C 30 54.56 -30.95 1.44
N ASP C 31 55.08 -29.90 0.82
CA ASP C 31 56.52 -29.69 0.74
C ASP C 31 57.13 -29.05 1.98
N THR C 32 56.32 -28.31 2.74
CA THR C 32 56.82 -27.43 3.81
C THR C 32 56.21 -27.63 5.18
N GLY C 33 55.06 -28.28 5.25
CA GLY C 33 54.34 -28.40 6.51
C GLY C 33 53.59 -27.13 6.90
N ILE C 34 53.55 -26.18 5.99
CA ILE C 34 52.90 -24.89 6.23
C ILE C 34 51.54 -24.87 5.52
N LYS C 35 50.48 -24.80 6.33
CA LYS C 35 49.10 -24.79 5.83
C LYS C 35 48.77 -23.49 5.12
N VAL C 36 48.09 -23.59 3.97
CA VAL C 36 47.71 -22.41 3.21
C VAL C 36 46.19 -22.36 3.10
N THR C 37 45.60 -21.25 3.53
CA THR C 37 44.16 -21.07 3.57
C THR C 37 43.78 -19.96 2.62
N VAL C 38 42.93 -20.29 1.65
CA VAL C 38 42.50 -19.28 0.68
C VAL C 38 41.05 -18.89 0.96
N GLU C 39 40.83 -17.58 1.10
CA GLU C 39 39.51 -17.04 1.37
C GLU C 39 39.16 -16.00 0.33
N HIS C 40 37.85 -15.78 0.13
CA HIS C 40 37.33 -14.79 -0.82
C HIS C 40 36.18 -13.97 -0.24
N PRO C 41 36.47 -13.20 0.82
CA PRO C 41 35.39 -12.45 1.46
C PRO C 41 34.86 -11.34 0.55
N ASP C 42 33.63 -10.90 0.81
CA ASP C 42 33.07 -9.79 0.06
C ASP C 42 33.85 -8.49 0.32
N LYS C 43 33.91 -7.62 -0.70
CA LYS C 43 34.51 -6.30 -0.54
C LYS C 43 35.91 -6.38 0.06
N LEU C 44 36.67 -7.42 -0.33
CA LEU C 44 37.98 -7.67 0.28
C LEU C 44 38.98 -6.56 0.02
N GLU C 45 38.81 -5.85 -1.10
CA GLU C 45 39.66 -4.71 -1.41
C GLU C 45 39.46 -3.51 -0.48
N GLU C 46 38.28 -3.43 0.14
CA GLU C 46 38.02 -2.42 1.20
C GLU C 46 38.30 -3.01 2.57
N LYS C 47 38.07 -4.31 2.72
CA LYS C 47 38.30 -4.96 3.99
C LYS C 47 39.79 -5.01 4.33
N PHE C 48 40.64 -5.20 3.31
CA PHE C 48 42.07 -5.39 3.53
C PHE C 48 42.70 -4.21 4.30
N PRO C 49 42.51 -2.96 3.83
CA PRO C 49 43.10 -1.87 4.63
C PRO C 49 42.45 -1.67 5.99
N GLN C 50 41.18 -2.04 6.15
CA GLN C 50 40.53 -1.95 7.44
C GLN C 50 41.19 -2.81 8.51
N VAL C 51 41.60 -4.02 8.14
CA VAL C 51 42.30 -4.90 9.06
C VAL C 51 43.82 -4.66 9.07
N ALA C 52 44.41 -4.45 7.89
CA ALA C 52 45.87 -4.33 7.81
C ALA C 52 46.36 -3.08 8.52
N ALA C 53 45.53 -2.04 8.55
CA ALA C 53 45.94 -0.80 9.16
C ALA C 53 46.05 -0.92 10.68
N THR C 54 45.46 -1.96 11.26
CA THR C 54 45.59 -2.21 12.69
C THR C 54 46.48 -3.41 12.97
N GLY C 55 47.19 -3.87 11.93
CA GLY C 55 48.18 -4.91 12.11
C GLY C 55 47.65 -6.32 11.96
N ASP C 56 46.44 -6.43 11.41
CA ASP C 56 45.74 -7.71 11.25
C ASP C 56 45.59 -8.04 9.76
N GLY C 57 44.81 -9.08 9.42
CA GLY C 57 44.54 -9.41 8.03
C GLY C 57 45.22 -10.63 7.46
N PRO C 58 45.06 -10.85 6.14
CA PRO C 58 45.70 -12.00 5.48
C PRO C 58 47.19 -11.77 5.29
N ASP C 59 47.94 -12.85 5.14
CA ASP C 59 49.34 -12.71 4.76
C ASP C 59 49.56 -12.15 3.35
N ILE C 60 48.71 -12.57 2.42
CA ILE C 60 48.84 -12.24 1.00
C ILE C 60 47.48 -11.74 0.51
N ILE C 61 47.49 -10.64 -0.24
CA ILE C 61 46.29 -10.03 -0.79
C ILE C 61 46.43 -9.96 -2.32
N PHE C 62 45.42 -10.48 -3.00
CA PHE C 62 45.34 -10.39 -4.46
C PHE C 62 44.30 -9.39 -4.90
N TRP C 63 44.67 -8.51 -5.86
CA TRP C 63 43.71 -7.62 -6.54
C TRP C 63 44.42 -7.02 -7.73
N ALA C 64 43.70 -6.30 -8.59
CA ALA C 64 44.36 -5.62 -9.69
C ALA C 64 45.28 -4.56 -9.10
N HIS C 65 46.33 -4.26 -9.84
CA HIS C 65 47.38 -3.38 -9.36
C HIS C 65 46.89 -1.98 -9.04
N ASP C 66 45.72 -1.57 -9.53
CA ASP C 66 45.25 -0.19 -9.27
C ASP C 66 44.99 0.10 -7.79
N ARG C 67 44.75 -0.92 -6.98
CA ARG C 67 44.51 -0.70 -5.55
C ARG C 67 45.82 -0.57 -4.77
N PHE C 68 46.95 -0.93 -5.40
CA PHE C 68 48.16 -1.22 -4.60
C PHE C 68 48.96 -0.02 -4.13
N GLY C 69 48.99 1.02 -4.94
CA GLY C 69 49.68 2.24 -4.53
C GLY C 69 49.10 2.83 -3.26
N GLY C 70 47.76 2.82 -3.17
CA GLY C 70 47.08 3.29 -1.97
C GLY C 70 47.44 2.40 -0.79
N TYR C 71 47.49 1.09 -1.01
CA TYR C 71 47.88 0.21 0.10
C TYR C 71 49.31 0.53 0.56
N ALA C 72 50.22 0.70 -0.41
CA ALA C 72 51.63 1.03 -0.09
C ALA C 72 51.78 2.35 0.62
N GLN C 73 51.07 3.37 0.17
CA GLN C 73 51.13 4.69 0.76
C GLN C 73 50.55 4.65 2.17
N SER C 74 49.66 3.70 2.42
CA SER C 74 49.02 3.55 3.73
C SER C 74 49.89 2.68 4.66
N GLY C 75 50.99 2.15 4.12
CA GLY C 75 51.95 1.41 4.93
C GLY C 75 51.56 -0.04 5.19
N LEU C 76 50.79 -0.60 4.25
CA LEU C 76 50.18 -1.91 4.48
C LEU C 76 50.91 -3.05 3.81
N LEU C 77 51.91 -2.75 2.96
CA LEU C 77 52.56 -3.75 2.11
C LEU C 77 54.07 -3.86 2.38
N ALA C 78 54.59 -5.07 2.23
CA ALA C 78 56.01 -5.30 2.34
C ALA C 78 56.69 -5.08 0.98
N GLU C 79 57.89 -4.50 0.99
CA GLU C 79 58.64 -4.35 -0.27
C GLU C 79 59.05 -5.70 -0.86
N ILE C 80 58.87 -5.80 -2.16
CA ILE C 80 59.18 -6.99 -2.91
C ILE C 80 60.56 -6.79 -3.55
N THR C 81 61.47 -7.75 -3.37
CA THR C 81 62.81 -7.65 -3.94
C THR C 81 63.27 -8.95 -4.64
N PRO C 82 62.76 -9.17 -5.84
CA PRO C 82 63.14 -10.39 -6.58
C PRO C 82 64.61 -10.36 -7.05
N ALA C 83 65.24 -11.53 -7.06
CA ALA C 83 66.57 -11.68 -7.66
C ALA C 83 66.46 -11.46 -9.17
N ALA C 84 67.61 -11.15 -9.81
CA ALA C 84 67.60 -10.82 -11.22
C ALA C 84 67.04 -12.00 -12.04
N ALA C 85 67.43 -13.22 -11.67
CA ALA C 85 66.95 -14.40 -12.36
C ALA C 85 65.42 -14.50 -12.29
N PHE C 86 64.85 -14.15 -11.15
CA PHE C 86 63.40 -14.17 -11.05
C PHE C 86 62.73 -13.00 -11.80
N GLN C 87 63.29 -11.79 -11.73
CA GLN C 87 62.72 -10.64 -12.45
C GLN C 87 62.64 -10.99 -13.94
N ASP C 88 63.68 -11.63 -14.47
CA ASP C 88 63.70 -12.03 -15.88
C ASP C 88 62.58 -12.99 -16.29
N LYS C 89 61.93 -13.64 -15.33
CA LYS C 89 60.90 -14.61 -15.66
C LYS C 89 59.56 -13.93 -15.99
N LEU C 90 59.40 -12.66 -15.62
CA LEU C 90 58.12 -11.96 -15.85
C LEU C 90 58.32 -10.80 -16.83
N TYR C 91 57.29 -10.40 -17.56
CA TYR C 91 57.45 -9.32 -18.54
C TYR C 91 57.67 -7.97 -17.83
N PRO C 92 58.58 -7.14 -18.36
CA PRO C 92 58.84 -5.81 -17.79
C PRO C 92 57.60 -4.96 -17.55
N PHE C 93 56.63 -4.93 -18.45
CA PHE C 93 55.49 -4.03 -18.23
C PHE C 93 54.64 -4.50 -17.04
N THR C 94 54.72 -5.78 -16.70
CA THR C 94 53.96 -6.26 -15.54
C THR C 94 54.64 -5.82 -14.23
N TRP C 95 55.97 -5.84 -14.21
CA TRP C 95 56.67 -5.31 -13.05
C TRP C 95 56.40 -3.79 -12.90
N ASP C 96 56.32 -3.07 -14.02
CA ASP C 96 56.04 -1.64 -13.97
C ASP C 96 54.72 -1.33 -13.28
N ALA C 97 53.74 -2.21 -13.50
CA ALA C 97 52.41 -2.05 -12.92
C ALA C 97 52.47 -2.06 -11.40
N VAL C 98 53.43 -2.79 -10.84
CA VAL C 98 53.52 -2.94 -9.38
C VAL C 98 54.68 -2.15 -8.79
N ARG C 99 55.20 -1.19 -9.55
CA ARG C 99 56.28 -0.35 -9.04
C ARG C 99 55.68 0.99 -8.60
N TYR C 100 55.93 1.35 -7.35
CA TYR C 100 55.39 2.57 -6.76
C TYR C 100 56.51 3.29 -6.04
N ASN C 101 56.74 4.55 -6.42
CA ASN C 101 57.84 5.35 -5.87
C ASN C 101 59.19 4.62 -5.85
N GLY C 102 59.50 3.96 -6.97
CA GLY C 102 60.78 3.31 -7.16
C GLY C 102 60.94 1.98 -6.43
N LYS C 103 59.85 1.45 -5.85
CA LYS C 103 59.89 0.15 -5.18
C LYS C 103 58.84 -0.80 -5.71
N LEU C 104 59.18 -2.08 -5.78
CA LEU C 104 58.18 -3.08 -6.12
C LEU C 104 57.33 -3.35 -4.90
N ILE C 105 56.01 -3.32 -5.07
CA ILE C 105 55.14 -3.51 -3.92
C ILE C 105 54.22 -4.73 -4.03
N ALA C 106 54.37 -5.54 -5.08
CA ALA C 106 53.58 -6.78 -5.25
C ALA C 106 54.24 -7.60 -6.32
N TYR C 107 53.81 -8.86 -6.45
CA TYR C 107 54.18 -9.73 -7.56
C TYR C 107 53.07 -9.68 -8.58
N PRO C 108 53.40 -9.37 -9.84
CA PRO C 108 52.36 -9.34 -10.86
C PRO C 108 52.04 -10.76 -11.29
N ILE C 109 50.78 -11.04 -11.62
CA ILE C 109 50.34 -12.42 -11.88
C ILE C 109 49.79 -12.55 -13.29
N ALA C 110 48.88 -11.67 -13.66
CA ALA C 110 48.24 -11.80 -14.97
C ALA C 110 47.63 -10.50 -15.47
N VAL C 111 47.57 -10.38 -16.79
CA VAL C 111 47.03 -9.19 -17.45
C VAL C 111 45.61 -9.43 -17.93
N GLU C 112 44.70 -8.53 -17.55
CA GLU C 112 43.29 -8.63 -17.83
C GLU C 112 42.87 -7.43 -18.63
N ALA C 113 42.11 -7.66 -19.69
CA ALA C 113 41.39 -6.58 -20.34
C ALA C 113 40.03 -7.14 -20.76
N LEU C 114 39.07 -6.23 -20.80
CA LEU C 114 37.75 -6.55 -21.35
C LEU C 114 37.79 -6.76 -22.86
N SER C 115 36.96 -7.70 -23.34
CA SER C 115 36.74 -7.91 -24.76
C SER C 115 35.26 -8.02 -25.09
N LEU C 116 34.94 -7.88 -26.37
CA LEU C 116 33.58 -8.15 -26.80
C LEU C 116 33.42 -9.68 -26.98
N ILE C 117 32.43 -10.25 -26.33
CA ILE C 117 32.18 -11.68 -26.43
C ILE C 117 30.86 -11.80 -27.17
N TYR C 118 30.83 -12.64 -28.21
CA TYR C 118 29.65 -12.69 -29.07
C TYR C 118 29.23 -14.12 -29.38
N ASN C 119 27.94 -14.30 -29.66
CA ASN C 119 27.37 -15.59 -30.01
C ASN C 119 27.47 -15.76 -31.52
N LYS C 120 28.37 -16.63 -31.96
CA LYS C 120 28.62 -16.84 -33.40
C LYS C 120 27.43 -17.41 -34.14
N ASP C 121 26.50 -18.03 -33.43
CA ASP C 121 25.32 -18.58 -34.08
C ASP C 121 24.25 -17.51 -34.32
N LEU C 122 24.12 -16.57 -33.39
CA LEU C 122 23.16 -15.46 -33.58
C LEU C 122 23.75 -14.39 -34.48
N LEU C 123 25.07 -14.25 -34.41
CA LEU C 123 25.75 -13.09 -34.96
C LEU C 123 27.12 -13.51 -35.48
N PRO C 124 27.19 -14.11 -36.68
CA PRO C 124 28.52 -14.53 -37.15
C PRO C 124 29.49 -13.40 -37.44
N ASN C 125 28.97 -12.20 -37.73
CA ASN C 125 29.77 -11.04 -38.05
C ASN C 125 29.44 -9.90 -37.08
N PRO C 126 30.11 -9.89 -35.92
CA PRO C 126 29.77 -8.90 -34.91
C PRO C 126 30.14 -7.48 -35.34
N PRO C 127 29.43 -6.49 -34.77
CA PRO C 127 29.60 -5.12 -35.25
C PRO C 127 30.97 -4.56 -34.87
N LYS C 128 31.50 -3.76 -35.77
CA LYS C 128 32.78 -3.12 -35.53
C LYS C 128 32.59 -1.79 -34.82
N THR C 129 31.37 -1.25 -34.88
CA THR C 129 31.06 0.01 -34.21
C THR C 129 29.94 -0.06 -33.19
N TRP C 130 30.04 0.79 -32.16
CA TRP C 130 28.95 0.99 -31.18
C TRP C 130 27.72 1.52 -31.91
N GLU C 131 27.93 2.36 -32.91
CA GLU C 131 26.84 3.06 -33.56
C GLU C 131 25.87 2.12 -34.29
N GLU C 132 26.35 0.96 -34.68
CA GLU C 132 25.45 0.07 -35.41
C GLU C 132 24.63 -0.85 -34.49
N ILE C 133 24.80 -0.75 -33.19
CA ILE C 133 24.12 -1.61 -32.27
C ILE C 133 22.58 -1.38 -32.14
N PRO C 134 22.13 -0.13 -32.15
CA PRO C 134 20.68 0.06 -32.14
C PRO C 134 19.97 -0.65 -33.31
N ALA C 135 20.52 -0.58 -34.52
CA ALA C 135 19.87 -1.20 -35.65
C ALA C 135 19.93 -2.72 -35.54
N LEU C 136 21.06 -3.22 -35.05
CA LEU C 136 21.21 -4.65 -34.80
C LEU C 136 20.21 -5.15 -33.76
N ASP C 137 20.05 -4.38 -32.70
CA ASP C 137 19.11 -4.75 -31.65
C ASP C 137 17.70 -4.81 -32.17
N LYS C 138 17.34 -3.93 -33.11
CA LYS C 138 16.00 -3.89 -33.65
C LYS C 138 15.75 -5.18 -34.43
N GLU C 139 16.76 -5.61 -35.17
CA GLU C 139 16.64 -6.84 -35.93
C GLU C 139 16.49 -8.06 -35.02
N LEU C 140 17.27 -8.08 -33.94
CA LEU C 140 17.25 -9.19 -32.99
C LEU C 140 15.99 -9.23 -32.12
N LYS C 141 15.47 -8.07 -31.74
CA LYS C 141 14.23 -8.02 -30.96
C LYS C 141 13.10 -8.70 -31.72
N ALA C 142 13.10 -8.54 -33.04
CA ALA C 142 12.08 -9.15 -33.89
C ALA C 142 12.18 -10.67 -33.84
N LYS C 143 13.34 -11.18 -33.43
CA LYS C 143 13.55 -12.61 -33.25
C LYS C 143 13.43 -13.00 -31.77
N GLY C 144 13.04 -12.05 -30.93
CA GLY C 144 12.92 -12.29 -29.50
C GLY C 144 14.27 -12.42 -28.82
N LYS C 145 15.29 -11.79 -29.41
CA LYS C 145 16.63 -11.71 -28.84
C LYS C 145 16.98 -10.24 -28.62
N SER C 146 18.15 -9.96 -28.03
CA SER C 146 18.64 -8.59 -27.95
C SER C 146 20.07 -8.62 -28.44
N ALA C 147 20.60 -7.45 -28.80
CA ALA C 147 21.97 -7.31 -29.30
C ALA C 147 23.04 -7.45 -28.20
N LEU C 148 22.88 -6.73 -27.11
CA LEU C 148 23.97 -6.54 -26.14
C LEU C 148 23.49 -6.42 -24.69
N MET C 149 24.06 -7.22 -23.80
CA MET C 149 23.88 -6.97 -22.36
C MET C 149 25.20 -7.12 -21.64
N PHE C 150 25.52 -6.14 -20.80
CA PHE C 150 26.73 -6.17 -19.99
C PHE C 150 26.52 -5.37 -18.68
N ASN C 151 27.40 -5.60 -17.71
CA ASN C 151 27.28 -5.02 -16.38
C ASN C 151 27.35 -3.50 -16.46
N LEU C 152 26.26 -2.82 -16.06
CA LEU C 152 26.19 -1.36 -16.10
C LEU C 152 26.44 -0.77 -14.71
N GLN C 153 26.66 -1.64 -13.72
CA GLN C 153 26.79 -1.20 -12.32
C GLN C 153 28.21 -0.85 -11.88
N GLU C 154 29.20 -1.37 -12.59
CA GLU C 154 30.60 -1.15 -12.23
C GLU C 154 31.27 -0.38 -13.34
N PRO C 155 31.93 0.74 -12.98
CA PRO C 155 32.49 1.61 -14.03
C PRO C 155 33.60 0.96 -14.86
N TYR C 156 34.20 -0.11 -14.33
CA TYR C 156 35.17 -0.86 -15.11
C TYR C 156 34.59 -1.26 -16.46
N PHE C 157 33.31 -1.64 -16.50
CA PHE C 157 32.70 -2.13 -17.75
C PHE C 157 32.26 -1.04 -18.74
N THR C 158 32.00 0.16 -18.20
CA THR C 158 31.51 1.26 -19.03
C THR C 158 32.60 2.25 -19.43
N TRP C 159 33.67 2.26 -18.65
CA TRP C 159 34.84 3.10 -18.94
C TRP C 159 35.37 3.01 -20.37
N PRO C 160 35.41 1.80 -20.97
CA PRO C 160 36.01 1.72 -22.32
C PRO C 160 35.31 2.64 -23.32
N LEU C 161 34.02 2.84 -23.11
CA LEU C 161 33.21 3.64 -24.03
C LEU C 161 33.30 5.10 -23.65
N ILE C 162 33.34 5.36 -22.35
CA ILE C 162 33.52 6.73 -21.88
C ILE C 162 34.89 7.29 -22.30
N ALA C 163 35.90 6.43 -22.27
CA ALA C 163 37.27 6.80 -22.60
C ALA C 163 37.50 6.99 -24.08
N ALA C 164 36.70 6.30 -24.90
CA ALA C 164 36.97 6.23 -26.33
C ALA C 164 37.17 7.59 -26.99
N ASP C 165 36.31 8.56 -26.69
CA ASP C 165 36.34 9.84 -27.38
C ASP C 165 37.12 10.92 -26.62
N GLY C 166 37.74 10.56 -25.50
CA GLY C 166 38.62 11.51 -24.85
C GLY C 166 38.65 11.51 -23.35
N GLY C 167 37.77 10.72 -22.72
CA GLY C 167 37.81 10.58 -21.27
C GLY C 167 39.10 9.95 -20.78
N TYR C 168 39.60 10.47 -19.67
CA TYR C 168 40.76 9.87 -19.00
C TYR C 168 40.66 10.08 -17.49
N ALA C 169 41.38 9.28 -16.72
CA ALA C 169 41.40 9.42 -15.26
C ALA C 169 42.34 10.56 -14.90
N PHE C 170 43.63 10.32 -15.08
CA PHE C 170 44.66 11.31 -14.77
C PHE C 170 45.61 11.42 -15.94
N LYS C 171 45.92 12.66 -16.33
CA LYS C 171 46.80 12.85 -17.49
C LYS C 171 48.22 12.41 -17.15
N TYR C 172 48.84 11.65 -18.04
CA TYR C 172 50.22 11.26 -17.83
C TYR C 172 51.14 12.22 -18.57
N ALA C 173 52.04 12.84 -17.82
CA ALA C 173 52.93 13.86 -18.35
C ALA C 173 54.19 13.89 -17.51
N ALA C 174 55.31 14.23 -18.14
CA ALA C 174 56.57 14.45 -17.43
C ALA C 174 56.88 13.35 -16.43
N GLY C 175 56.81 12.11 -16.89
CA GLY C 175 57.14 10.96 -16.07
C GLY C 175 56.22 10.69 -14.89
N LYS C 176 55.04 11.29 -14.87
CA LYS C 176 54.11 11.06 -13.76
C LYS C 176 52.66 11.31 -14.13
N TYR C 177 51.76 10.76 -13.32
CA TYR C 177 50.35 11.07 -13.46
C TYR C 177 50.08 12.39 -12.73
N ASP C 178 49.41 13.31 -13.42
CA ASP C 178 49.12 14.63 -12.89
C ASP C 178 47.76 14.62 -12.19
N ILE C 179 47.76 14.54 -10.86
CA ILE C 179 46.53 14.40 -10.09
C ILE C 179 45.60 15.60 -10.17
N LYS C 180 46.13 16.71 -10.70
CA LYS C 180 45.33 17.91 -10.89
C LYS C 180 44.62 17.91 -12.26
N ASP C 181 45.06 17.03 -13.15
CA ASP C 181 44.48 16.95 -14.49
C ASP C 181 43.61 15.69 -14.66
N VAL C 182 42.33 15.84 -14.36
CA VAL C 182 41.33 14.78 -14.39
C VAL C 182 40.48 14.97 -15.63
N GLY C 183 40.15 13.88 -16.31
CA GLY C 183 39.48 13.94 -17.61
C GLY C 183 38.13 13.27 -17.61
N VAL C 184 37.40 13.46 -16.53
CA VAL C 184 36.10 12.81 -16.31
C VAL C 184 34.93 13.60 -16.95
N ASP C 185 35.06 14.90 -17.09
CA ASP C 185 33.95 15.73 -17.62
C ASP C 185 34.26 16.47 -18.92
N ASN C 186 35.29 16.05 -19.65
CA ASN C 186 35.54 16.65 -20.97
C ASN C 186 34.51 16.21 -22.03
N ALA C 187 34.59 16.79 -23.23
CA ALA C 187 33.60 16.51 -24.28
C ALA C 187 33.54 15.04 -24.65
N GLY C 188 34.70 14.38 -24.60
CA GLY C 188 34.78 12.99 -25.01
C GLY C 188 34.06 12.06 -24.07
N ALA C 189 34.27 12.29 -22.78
CA ALA C 189 33.62 11.50 -21.74
C ALA C 189 32.12 11.70 -21.82
N LYS C 190 31.69 12.94 -21.97
CA LYS C 190 30.27 13.25 -22.03
C LYS C 190 29.63 12.56 -23.22
N ALA C 191 30.34 12.52 -24.33
CA ALA C 191 29.81 11.90 -25.55
C ALA C 191 29.59 10.41 -25.33
N GLY C 192 30.58 9.74 -24.73
CA GLY C 192 30.48 8.32 -24.45
C GLY C 192 29.34 7.99 -23.51
N LEU C 193 29.25 8.71 -22.40
CA LEU C 193 28.21 8.41 -21.43
C LEU C 193 26.82 8.75 -22.00
N THR C 194 26.73 9.80 -22.80
CA THR C 194 25.47 10.13 -23.48
C THR C 194 25.04 9.01 -24.42
N PHE C 195 25.99 8.47 -25.15
CA PHE C 195 25.66 7.35 -26.03
C PHE C 195 25.13 6.16 -25.20
N LEU C 196 25.81 5.81 -24.12
CA LEU C 196 25.37 4.71 -23.25
C LEU C 196 23.95 4.95 -22.74
N VAL C 197 23.69 6.17 -22.26
CA VAL C 197 22.37 6.44 -21.70
C VAL C 197 21.32 6.45 -22.81
N ASP C 198 21.70 6.88 -24.00
CA ASP C 198 20.75 6.81 -25.12
C ASP C 198 20.39 5.37 -25.49
N LEU C 199 21.34 4.45 -25.37
CA LEU C 199 20.99 3.04 -25.56
C LEU C 199 19.91 2.63 -24.60
N ILE C 200 20.04 3.09 -23.35
CA ILE C 200 19.06 2.79 -22.31
C ILE C 200 17.70 3.42 -22.59
N LYS C 201 17.68 4.73 -22.88
CA LYS C 201 16.43 5.42 -23.18
C LYS C 201 15.66 4.84 -24.37
N ASN C 202 16.40 4.33 -25.35
CA ASN C 202 15.82 3.69 -26.53
C ASN C 202 15.57 2.20 -26.37
N LYS C 203 15.72 1.73 -25.13
CA LYS C 203 15.40 0.35 -24.75
C LYS C 203 16.25 -0.71 -25.43
N HIS C 204 17.47 -0.35 -25.80
CA HIS C 204 18.42 -1.37 -26.24
C HIS C 204 19.21 -1.97 -25.07
N MET C 205 19.17 -1.31 -23.92
CA MET C 205 19.75 -1.83 -22.69
C MET C 205 18.86 -1.37 -21.55
N ASN C 206 19.08 -1.93 -20.37
CA ASN C 206 18.25 -1.64 -19.21
C ASN C 206 19.19 -1.24 -18.09
N ALA C 207 18.90 -0.10 -17.43
CA ALA C 207 19.71 0.42 -16.35
C ALA C 207 19.97 -0.59 -15.24
N ASP C 208 19.03 -1.51 -15.04
CA ASP C 208 19.06 -2.55 -13.99
CA ASP C 208 19.17 -2.45 -13.94
C ASP C 208 20.21 -3.54 -14.19
N THR C 209 20.59 -3.76 -15.44
CA THR C 209 21.51 -4.87 -15.75
C THR C 209 22.83 -4.86 -14.97
N ASP C 210 23.11 -5.98 -14.31
CA ASP C 210 24.33 -6.12 -13.52
C ASP C 210 25.11 -7.33 -14.05
N TYR C 211 26.15 -7.74 -13.32
CA TYR C 211 27.00 -8.83 -13.77
C TYR C 211 26.23 -10.14 -13.97
N SER C 212 25.48 -10.58 -12.96
CA SER C 212 24.81 -11.87 -13.04
CA SER C 212 24.81 -11.88 -13.05
C SER C 212 23.70 -11.88 -14.09
N ILE C 213 23.03 -10.74 -14.25
CA ILE C 213 21.95 -10.65 -15.24
C ILE C 213 22.47 -10.78 -16.69
N ALA C 214 23.53 -10.04 -17.01
CA ALA C 214 24.11 -10.08 -18.35
C ALA C 214 24.72 -11.44 -18.61
N GLU C 215 25.40 -12.00 -17.61
CA GLU C 215 26.00 -13.31 -17.79
C GLU C 215 24.94 -14.38 -18.07
N ALA C 216 23.84 -14.36 -17.31
CA ALA C 216 22.79 -15.34 -17.53
C ALA C 216 22.15 -15.19 -18.91
N ALA C 217 21.91 -13.95 -19.32
CA ALA C 217 21.33 -13.68 -20.63
C ALA C 217 22.21 -14.21 -21.75
N PHE C 218 23.51 -13.89 -21.70
CA PHE C 218 24.39 -14.38 -22.76
C PHE C 218 24.53 -15.91 -22.73
N ASN C 219 24.70 -16.47 -21.55
CA ASN C 219 24.99 -17.89 -21.44
C ASN C 219 23.76 -18.73 -21.72
N LYS C 220 22.60 -18.09 -21.67
CA LYS C 220 21.38 -18.75 -22.07
C LYS C 220 20.96 -18.42 -23.51
N GLY C 221 21.82 -17.68 -24.22
CA GLY C 221 21.59 -17.41 -25.62
C GLY C 221 20.46 -16.44 -25.90
N GLU C 222 20.19 -15.54 -24.97
CA GLU C 222 19.10 -14.56 -25.12
C GLU C 222 19.62 -13.26 -25.73
N THR C 223 20.90 -12.98 -25.50
CA THR C 223 21.53 -11.79 -26.07
C THR C 223 22.75 -12.17 -26.89
N ALA C 224 23.01 -11.44 -27.97
CA ALA C 224 24.03 -11.82 -28.95
C ALA C 224 25.45 -11.44 -28.53
N MET C 225 25.57 -10.53 -27.58
CA MET C 225 26.90 -10.03 -27.19
C MET C 225 26.92 -9.63 -25.72
N THR C 226 28.09 -9.73 -25.14
CA THR C 226 28.32 -9.20 -23.81
C THR C 226 29.74 -8.62 -23.76
N ILE C 227 30.09 -8.00 -22.65
CA ILE C 227 31.44 -7.48 -22.51
C ILE C 227 31.98 -7.98 -21.19
N ASN C 228 33.07 -8.75 -21.26
CA ASN C 228 33.60 -9.34 -20.03
C ASN C 228 35.07 -9.66 -20.18
N GLY C 229 35.65 -10.16 -19.08
CA GLY C 229 37.08 -10.45 -19.01
C GLY C 229 37.32 -11.96 -19.02
N PRO C 230 38.59 -12.38 -18.99
CA PRO C 230 38.90 -13.81 -19.17
C PRO C 230 38.31 -14.72 -18.11
N TRP C 231 38.08 -14.21 -16.92
CA TRP C 231 37.53 -15.02 -15.83
C TRP C 231 36.12 -15.54 -16.11
N ALA C 232 35.43 -14.91 -17.06
CA ALA C 232 34.07 -15.30 -17.41
C ALA C 232 33.97 -16.47 -18.39
N TRP C 233 35.11 -16.80 -19.04
CA TRP C 233 35.10 -17.77 -20.11
C TRP C 233 34.73 -19.15 -19.59
N SER C 234 35.08 -19.45 -18.33
CA SER C 234 34.75 -20.75 -17.73
CA SER C 234 34.76 -20.77 -17.77
C SER C 234 33.25 -21.06 -17.79
N ASN C 235 32.46 -20.14 -17.30
CA ASN C 235 31.02 -20.32 -17.30
C ASN C 235 30.45 -20.37 -18.71
N ILE C 236 31.03 -19.61 -19.63
CA ILE C 236 30.52 -19.64 -20.98
C ILE C 236 30.83 -21.00 -21.63
N ASP C 237 32.01 -21.56 -21.36
CA ASP C 237 32.29 -22.92 -21.80
C ASP C 237 31.19 -23.90 -21.35
N THR C 238 30.87 -23.87 -20.06
CA THR C 238 29.85 -24.79 -19.54
C THR C 238 28.47 -24.59 -20.19
N SER C 239 28.13 -23.35 -20.51
CA SER C 239 26.83 -22.99 -21.09
C SER C 239 26.52 -23.55 -22.48
N ALA C 240 27.55 -24.03 -23.18
CA ALA C 240 27.39 -24.57 -24.54
C ALA C 240 27.15 -23.54 -25.65
N VAL C 241 27.24 -22.25 -25.34
CA VAL C 241 27.17 -21.23 -26.38
C VAL C 241 28.40 -21.28 -27.32
N ASN C 242 28.16 -21.14 -28.62
CA ASN C 242 29.24 -21.10 -29.62
C ASN C 242 29.74 -19.65 -29.66
N TYR C 243 30.62 -19.32 -28.72
CA TYR C 243 31.05 -17.93 -28.55
C TYR C 243 32.41 -17.61 -29.17
N GLY C 244 32.59 -16.36 -29.53
CA GLY C 244 33.89 -15.82 -29.91
C GLY C 244 34.27 -14.62 -29.03
N VAL C 245 35.56 -14.30 -29.07
CA VAL C 245 36.10 -13.22 -28.26
C VAL C 245 36.84 -12.30 -29.23
N THR C 246 36.53 -11.02 -29.20
CA THR C 246 37.00 -10.15 -30.26
C THR C 246 37.18 -8.73 -29.81
N VAL C 247 37.70 -7.92 -30.73
CA VAL C 247 37.94 -6.52 -30.50
C VAL C 247 36.62 -5.79 -30.12
N LEU C 248 36.70 -4.91 -29.10
CA LEU C 248 35.56 -4.06 -28.71
C LEU C 248 35.14 -3.17 -29.87
N PRO C 249 33.86 -2.79 -29.93
CA PRO C 249 33.43 -1.90 -31.03
C PRO C 249 34.06 -0.51 -30.89
N THR C 250 34.19 0.21 -32.00
CA THR C 250 34.66 1.60 -31.91
C THR C 250 33.54 2.57 -31.60
N PHE C 251 33.90 3.75 -31.10
CA PHE C 251 32.95 4.83 -30.88
C PHE C 251 33.47 6.12 -31.49
N LYS C 252 32.65 6.77 -32.32
CA LYS C 252 33.08 7.95 -33.06
C LYS C 252 34.38 7.66 -33.80
N GLY C 253 34.49 6.43 -34.29
CA GLY C 253 35.63 6.01 -35.09
C GLY C 253 36.90 5.64 -34.33
N GLN C 254 36.84 5.69 -33.00
CA GLN C 254 38.02 5.50 -32.18
C GLN C 254 37.86 4.24 -31.34
N PRO C 255 38.96 3.55 -31.03
CA PRO C 255 38.80 2.29 -30.28
C PRO C 255 38.21 2.50 -28.89
N SER C 256 37.41 1.54 -28.43
CA SER C 256 37.08 1.48 -27.01
C SER C 256 38.39 1.23 -26.26
N LYS C 257 38.54 1.89 -25.13
CA LYS C 257 39.78 1.87 -24.37
C LYS C 257 39.58 1.27 -22.98
N PRO C 258 39.64 -0.07 -22.88
CA PRO C 258 39.55 -0.68 -21.55
C PRO C 258 40.72 -0.26 -20.64
N PHE C 259 40.44 -0.13 -19.35
CA PHE C 259 41.48 0.08 -18.36
C PHE C 259 42.08 -1.28 -18.02
N VAL C 260 43.35 -1.48 -18.35
CA VAL C 260 44.01 -2.78 -18.19
C VAL C 260 44.47 -3.02 -16.75
N GLY C 261 44.15 -4.21 -16.24
CA GLY C 261 44.45 -4.55 -14.85
C GLY C 261 45.46 -5.67 -14.84
N VAL C 262 46.41 -5.58 -13.91
CA VAL C 262 47.35 -6.66 -13.70
C VAL C 262 47.02 -7.22 -12.33
N LEU C 263 46.51 -8.45 -12.32
CA LEU C 263 46.22 -9.14 -11.06
C LEU C 263 47.57 -9.30 -10.38
N SER C 264 47.62 -8.85 -9.13
CA SER C 264 48.84 -8.74 -8.35
C SER C 264 48.66 -9.33 -6.96
N ALA C 265 49.75 -9.80 -6.39
CA ALA C 265 49.73 -10.39 -5.04
C ALA C 265 50.69 -9.60 -4.16
N GLY C 266 50.18 -8.96 -3.11
CA GLY C 266 51.00 -8.20 -2.17
C GLY C 266 51.11 -8.96 -0.86
N ILE C 267 52.15 -8.65 -0.12
CA ILE C 267 52.39 -9.25 1.20
C ILE C 267 52.14 -8.19 2.29
N ASN C 268 51.28 -8.54 3.26
CA ASN C 268 50.93 -7.67 4.37
C ASN C 268 52.17 -7.26 5.17
N ALA C 269 52.37 -5.95 5.33
CA ALA C 269 53.45 -5.42 6.15
C ALA C 269 53.49 -6.01 7.56
N ALA C 270 52.32 -6.41 8.06
CA ALA C 270 52.23 -6.98 9.41
C ALA C 270 52.43 -8.50 9.50
N SER C 271 52.57 -9.19 8.36
CA SER C 271 52.73 -10.65 8.38
C SER C 271 54.06 -11.07 8.99
N PRO C 272 54.04 -12.02 9.94
CA PRO C 272 55.29 -12.61 10.44
C PRO C 272 55.75 -13.75 9.51
N ASN C 273 55.07 -13.90 8.39
CA ASN C 273 55.29 -15.01 7.45
C ASN C 273 55.79 -14.57 6.08
N LYS C 274 56.47 -13.42 6.04
CA LYS C 274 56.87 -12.79 4.76
C LYS C 274 57.78 -13.70 3.93
N GLU C 275 58.72 -14.40 4.57
CA GLU C 275 59.66 -15.21 3.79
C GLU C 275 58.98 -16.41 3.17
N LEU C 276 58.09 -17.08 3.90
CA LEU C 276 57.39 -18.22 3.31
C LEU C 276 56.36 -17.76 2.27
N ALA C 277 55.80 -16.56 2.46
CA ALA C 277 54.93 -15.94 1.46
C ALA C 277 55.69 -15.72 0.15
N LYS C 278 56.91 -15.20 0.24
CA LYS C 278 57.72 -15.03 -0.96
C LYS C 278 58.03 -16.36 -1.62
N GLU C 279 58.34 -17.37 -0.82
CA GLU C 279 58.54 -18.71 -1.38
C GLU C 279 57.30 -19.23 -2.07
N PHE C 280 56.16 -19.05 -1.43
CA PHE C 280 54.89 -19.46 -2.06
C PHE C 280 54.67 -18.75 -3.40
N LEU C 281 54.78 -17.43 -3.42
CA LEU C 281 54.50 -16.67 -4.62
C LEU C 281 55.52 -16.93 -5.75
N GLU C 282 56.82 -16.90 -5.44
CA GLU C 282 57.85 -17.07 -6.48
C GLU C 282 58.02 -18.49 -6.96
N ASN C 283 57.94 -19.44 -6.05
CA ASN C 283 58.37 -20.80 -6.35
C ASN C 283 57.27 -21.87 -6.44
N TYR C 284 56.04 -21.47 -6.12
CA TYR C 284 54.87 -22.35 -6.28
C TYR C 284 53.82 -21.74 -7.20
N LEU C 285 53.38 -20.51 -6.93
CA LEU C 285 52.40 -19.88 -7.80
C LEU C 285 52.94 -19.48 -9.13
N LEU C 286 54.02 -18.70 -9.14
CA LEU C 286 54.58 -18.19 -10.42
C LEU C 286 55.50 -19.20 -11.11
N THR C 287 54.92 -20.38 -11.38
CA THR C 287 55.55 -21.46 -12.15
C THR C 287 54.54 -21.91 -13.18
N ASP C 288 54.98 -22.65 -14.19
CA ASP C 288 54.04 -23.18 -15.19
C ASP C 288 52.91 -23.97 -14.49
N GLU C 289 53.29 -24.81 -13.53
CA GLU C 289 52.35 -25.69 -12.84
C GLU C 289 51.38 -24.93 -11.93
N GLY C 290 51.90 -23.92 -11.23
CA GLY C 290 51.05 -23.12 -10.36
C GLY C 290 49.98 -22.35 -11.12
N LEU C 291 50.41 -21.63 -12.16
CA LEU C 291 49.46 -20.83 -12.91
C LEU C 291 48.50 -21.70 -13.69
N GLU C 292 48.97 -22.86 -14.16
CA GLU C 292 48.06 -23.78 -14.83
C GLU C 292 46.90 -24.17 -13.91
N ALA C 293 47.21 -24.38 -12.63
CA ALA C 293 46.19 -24.88 -11.70
C ALA C 293 45.10 -23.84 -11.53
N VAL C 294 45.54 -22.59 -11.38
CA VAL C 294 44.64 -21.47 -11.21
C VAL C 294 43.86 -21.23 -12.49
N ASN C 295 44.59 -21.19 -13.61
CA ASN C 295 44.00 -20.90 -14.91
C ASN C 295 42.93 -21.94 -15.32
N LYS C 296 43.13 -23.19 -14.95
CA LYS C 296 42.15 -24.23 -15.25
C LYS C 296 40.85 -24.04 -14.46
N ASP C 297 40.94 -23.37 -13.32
CA ASP C 297 39.76 -23.06 -12.51
C ASP C 297 38.96 -21.90 -13.14
N LYS C 298 39.58 -20.71 -13.17
CA LYS C 298 39.06 -19.59 -13.97
CA LYS C 298 39.06 -19.61 -13.98
C LYS C 298 40.22 -19.01 -14.78
N PRO C 299 40.03 -18.79 -16.10
CA PRO C 299 41.16 -18.16 -16.83
C PRO C 299 41.66 -16.81 -16.27
N LEU C 300 42.98 -16.70 -16.20
CA LEU C 300 43.71 -15.55 -15.67
C LEU C 300 43.85 -14.42 -16.70
N GLY C 301 43.74 -14.77 -17.99
CA GLY C 301 44.09 -13.83 -19.05
C GLY C 301 45.51 -14.10 -19.52
N ALA C 302 46.22 -13.04 -19.90
CA ALA C 302 47.61 -13.19 -20.37
C ALA C 302 48.57 -13.13 -19.19
N VAL C 303 49.15 -14.27 -18.82
CA VAL C 303 49.89 -14.32 -17.54
C VAL C 303 51.23 -13.60 -17.60
N ALA C 304 51.69 -13.14 -16.44
CA ALA C 304 52.96 -12.40 -16.35
C ALA C 304 54.21 -13.25 -16.59
N LEU C 305 54.09 -14.55 -16.34
CA LEU C 305 55.19 -15.50 -16.45
C LEU C 305 55.39 -15.88 -17.90
N LYS C 306 56.52 -15.47 -18.46
CA LYS C 306 56.78 -15.64 -19.88
C LYS C 306 56.63 -17.07 -20.35
N SER C 307 57.16 -18.02 -19.58
CA SER C 307 57.18 -19.40 -20.02
C SER C 307 55.80 -19.98 -20.23
N TYR C 308 54.85 -19.59 -19.39
CA TYR C 308 53.49 -20.13 -19.51
C TYR C 308 52.65 -19.30 -20.48
N GLU C 309 52.89 -17.99 -20.53
CA GLU C 309 52.21 -17.13 -21.50
C GLU C 309 52.51 -17.53 -22.95
N GLU C 310 53.70 -18.08 -23.21
CA GLU C 310 54.02 -18.55 -24.58
C GLU C 310 53.04 -19.64 -25.05
N GLU C 311 52.52 -20.44 -24.12
CA GLU C 311 51.43 -21.37 -24.46
C GLU C 311 50.06 -20.70 -24.55
N LEU C 312 49.72 -19.88 -23.56
CA LEU C 312 48.42 -19.19 -23.55
C LEU C 312 48.21 -18.23 -24.74
N ALA C 313 49.30 -17.61 -25.21
CA ALA C 313 49.26 -16.72 -26.37
C ALA C 313 48.69 -17.38 -27.62
N LYS C 314 48.73 -18.71 -27.67
CA LYS C 314 48.25 -19.42 -28.85
C LYS C 314 46.73 -19.44 -28.99
N ASP C 315 46.03 -19.14 -27.90
CA ASP C 315 44.57 -19.15 -27.81
C ASP C 315 44.07 -17.85 -28.44
N PRO C 316 43.17 -17.94 -29.44
CA PRO C 316 42.63 -16.71 -30.05
C PRO C 316 41.93 -15.78 -29.06
N ARG C 317 41.44 -16.30 -27.94
CA ARG C 317 40.75 -15.47 -26.95
C ARG C 317 41.78 -14.61 -26.22
N ILE C 318 42.97 -15.16 -26.02
CA ILE C 318 44.06 -14.42 -25.38
C ILE C 318 44.61 -13.36 -26.34
N ALA C 319 44.75 -13.71 -27.62
CA ALA C 319 45.11 -12.74 -28.65
C ALA C 319 44.17 -11.55 -28.63
N ALA C 320 42.86 -11.82 -28.54
CA ALA C 320 41.85 -10.75 -28.54
C ALA C 320 41.98 -9.92 -27.27
N THR C 321 42.24 -10.60 -26.17
CA THR C 321 42.47 -9.90 -24.91
C THR C 321 43.61 -8.92 -25.02
N MET C 322 44.74 -9.36 -25.60
CA MET C 322 45.88 -8.46 -25.75
C MET C 322 45.67 -7.37 -26.82
N GLU C 323 44.89 -7.66 -27.85
CA GLU C 323 44.53 -6.63 -28.83
C GLU C 323 43.76 -5.48 -28.15
N ASN C 324 42.77 -5.84 -27.34
CA ASN C 324 42.00 -4.86 -26.58
C ASN C 324 42.85 -4.13 -25.52
N ALA C 325 43.75 -4.85 -24.87
CA ALA C 325 44.66 -4.25 -23.89
C ALA C 325 45.53 -3.19 -24.57
N GLN C 326 46.04 -3.49 -25.76
CA GLN C 326 46.91 -2.54 -26.47
C GLN C 326 46.17 -1.29 -26.88
N LYS C 327 44.89 -1.41 -27.20
CA LYS C 327 44.06 -0.23 -27.51
C LYS C 327 43.66 0.57 -26.26
N GLY C 328 43.74 -0.07 -25.08
CA GLY C 328 43.40 0.62 -23.83
C GLY C 328 44.61 1.24 -23.15
N GLU C 329 44.48 1.49 -21.86
CA GLU C 329 45.55 2.12 -21.06
C GLU C 329 45.75 1.29 -19.79
N ILE C 330 47.01 1.13 -19.39
CA ILE C 330 47.31 0.46 -18.14
C ILE C 330 46.73 1.35 -17.04
N MET C 331 46.10 0.75 -16.05
CA MET C 331 45.63 1.56 -14.95
C MET C 331 46.81 2.16 -14.19
N PRO C 332 46.71 3.43 -13.79
CA PRO C 332 47.65 3.96 -12.78
C PRO C 332 47.55 3.10 -11.51
N ASN C 333 48.63 3.02 -10.74
CA ASN C 333 48.54 2.37 -9.45
C ASN C 333 48.48 3.37 -8.29
N ILE C 334 48.39 4.66 -8.60
CA ILE C 334 48.55 5.73 -7.59
C ILE C 334 47.43 5.68 -6.53
N PRO C 335 47.67 6.26 -5.33
CA PRO C 335 46.64 6.09 -4.29
C PRO C 335 45.30 6.70 -4.66
N GLN C 336 45.30 7.68 -5.56
CA GLN C 336 44.10 8.41 -5.91
C GLN C 336 43.13 7.60 -6.77
N MET C 337 43.54 6.42 -7.20
CA MET C 337 42.70 5.65 -8.12
C MET C 337 41.33 5.28 -7.53
N SER C 338 41.28 4.97 -6.24
CA SER C 338 40.03 4.52 -5.63
C SER C 338 39.04 5.69 -5.59
N ALA C 339 39.55 6.89 -5.34
CA ALA C 339 38.72 8.09 -5.39
C ALA C 339 38.16 8.36 -6.79
N PHE C 340 38.95 8.07 -7.82
CA PHE C 340 38.49 8.21 -9.18
C PHE C 340 37.36 7.21 -9.44
N TRP C 341 37.56 5.96 -9.05
CA TRP C 341 36.57 4.92 -9.35
C TRP C 341 35.24 5.15 -8.61
N TYR C 342 35.31 5.60 -7.36
CA TYR C 342 34.08 5.83 -6.62
C TYR C 342 33.27 6.92 -7.30
N ALA C 343 33.96 7.94 -7.81
CA ALA C 343 33.31 9.11 -8.40
C ALA C 343 32.66 8.76 -9.72
N VAL C 344 33.32 7.92 -10.51
CA VAL C 344 32.79 7.54 -11.81
C VAL C 344 31.64 6.54 -11.61
N ARG C 345 31.74 5.71 -10.59
CA ARG C 345 30.70 4.71 -10.34
C ARG C 345 29.35 5.37 -10.07
N THR C 346 29.38 6.38 -9.22
CA THR C 346 28.18 7.11 -8.93
C THR C 346 27.65 7.81 -10.16
N ALA C 347 28.54 8.42 -10.95
CA ALA C 347 28.10 9.17 -12.12
C ALA C 347 27.38 8.27 -13.12
N VAL C 348 27.95 7.11 -13.42
CA VAL C 348 27.34 6.24 -14.39
C VAL C 348 25.99 5.68 -13.92
N ILE C 349 25.97 5.23 -12.68
CA ILE C 349 24.74 4.73 -12.09
C ILE C 349 23.63 5.80 -12.04
N ASN C 350 23.96 7.03 -11.67
CA ASN C 350 22.94 8.09 -11.57
C ASN C 350 22.45 8.50 -12.95
N ALA C 351 23.37 8.58 -13.91
CA ALA C 351 23.00 9.00 -15.26
C ALA C 351 22.17 7.92 -15.95
N ALA C 352 22.53 6.65 -15.74
CA ALA C 352 21.79 5.55 -16.35
C ALA C 352 20.38 5.44 -15.80
N SER C 353 20.25 5.76 -14.51
CA SER C 353 18.99 5.59 -13.78
C SER C 353 18.04 6.75 -14.01
N GLY C 354 18.60 7.92 -14.30
CA GLY C 354 17.81 9.12 -14.45
C GLY C 354 17.90 10.02 -13.22
N ARG C 355 18.68 9.61 -12.24
CA ARG C 355 18.82 10.39 -11.00
C ARG C 355 19.59 11.70 -11.19
N GLN C 356 20.49 11.71 -12.16
CA GLN C 356 21.15 12.94 -12.57
C GLN C 356 21.20 12.90 -14.08
N THR C 357 21.28 14.09 -14.66
CA THR C 357 21.53 14.22 -16.07
C THR C 357 22.98 13.85 -16.31
N VAL C 358 23.29 13.44 -17.54
CA VAL C 358 24.66 13.12 -17.91
C VAL C 358 25.61 14.27 -17.58
N ASP C 359 25.25 15.49 -17.97
CA ASP C 359 26.07 16.66 -17.67
C ASP C 359 26.37 16.82 -16.18
N ALA C 360 25.32 16.82 -15.36
CA ALA C 360 25.51 17.01 -13.92
C ALA C 360 26.25 15.83 -13.29
N ALA C 361 26.06 14.64 -13.83
CA ALA C 361 26.70 13.43 -13.28
C ALA C 361 28.22 13.48 -13.43
N LEU C 362 28.70 13.88 -14.60
CA LEU C 362 30.13 13.99 -14.86
C LEU C 362 30.79 15.25 -14.30
N ALA C 363 30.05 16.36 -14.26
CA ALA C 363 30.53 17.56 -13.60
C ALA C 363 30.81 17.30 -12.14
N ALA C 364 29.91 16.56 -11.49
CA ALA C 364 30.11 16.24 -10.08
C ALA C 364 31.28 15.30 -9.90
N ALA C 365 31.38 14.32 -10.78
CA ALA C 365 32.44 13.33 -10.61
C ALA C 365 33.80 13.99 -10.82
N GLN C 366 33.88 14.88 -11.79
CA GLN C 366 35.13 15.60 -12.09
C GLN C 366 35.61 16.40 -10.88
N THR C 367 34.73 17.25 -10.32
CA THR C 367 35.03 18.06 -9.13
C THR C 367 35.37 17.18 -7.93
N ASN C 368 34.58 16.14 -7.70
CA ASN C 368 34.86 15.28 -6.58
C ASN C 368 36.15 14.49 -6.72
N ALA C 369 36.42 13.93 -7.90
CA ALA C 369 37.68 13.21 -8.09
C ALA C 369 38.88 14.13 -7.95
N ALA C 370 38.82 15.30 -8.58
CA ALA C 370 39.95 16.24 -8.55
C ALA C 370 40.23 16.76 -7.13
N ARG C 371 39.17 17.06 -6.40
CA ARG C 371 39.33 17.52 -5.03
C ARG C 371 39.86 16.41 -4.14
N ALA C 372 39.26 15.22 -4.23
CA ALA C 372 39.72 14.10 -3.41
C ALA C 372 41.17 13.71 -3.70
N ALA C 373 41.56 13.78 -4.97
CA ALA C 373 42.93 13.46 -5.39
C ALA C 373 43.93 14.40 -4.77
N ALA C 374 43.66 15.71 -4.89
CA ALA C 374 44.55 16.72 -4.34
C ALA C 374 44.58 16.61 -2.81
N ALA C 375 43.41 16.41 -2.21
CA ALA C 375 43.30 16.42 -0.75
C ALA C 375 44.03 15.23 -0.15
N SER C 376 43.79 14.04 -0.69
CA SER C 376 44.43 12.86 -0.13
C SER C 376 45.95 12.91 -0.32
N GLU C 377 46.39 13.55 -1.41
CA GLU C 377 47.81 13.68 -1.66
C GLU C 377 48.45 14.57 -0.61
N PHE C 378 47.76 15.65 -0.29
CA PHE C 378 48.20 16.57 0.74
C PHE C 378 48.34 15.84 2.07
N VAL C 379 47.33 15.04 2.40
CA VAL C 379 47.25 14.40 3.71
C VAL C 379 48.36 13.36 3.85
N ASP C 380 48.71 12.68 2.78
CA ASP C 380 49.84 11.76 2.82
C ASP C 380 51.21 12.44 2.85
N ALA C 381 51.33 13.57 2.15
CA ALA C 381 52.57 14.34 2.10
C ALA C 381 52.92 15.02 3.42
N LEU C 382 51.88 15.42 4.14
CA LEU C 382 52.05 16.27 5.32
C LEU C 382 51.75 15.53 6.62
N ARG C 383 51.73 14.19 6.56
CA ARG C 383 51.36 13.33 7.69
C ARG C 383 52.00 13.71 9.03
N GLY C 384 53.32 13.83 9.05
CA GLY C 384 54.03 14.13 10.29
C GLY C 384 53.71 15.52 10.82
N ASP C 385 53.63 16.49 9.92
CA ASP C 385 53.26 17.84 10.34
C ASP C 385 51.81 17.89 10.85
N LEU C 386 50.91 17.15 10.21
CA LEU C 386 49.52 17.13 10.66
C LEU C 386 49.39 16.53 12.07
N ILE C 387 50.07 15.40 12.30
CA ILE C 387 50.05 14.77 13.62
C ILE C 387 50.58 15.73 14.69
N GLN C 388 51.61 16.48 14.35
CA GLN C 388 52.21 17.40 15.32
C GLN C 388 51.37 18.64 15.58
N LYS C 389 50.58 19.07 14.59
CA LYS C 389 50.02 20.41 14.64
C LYS C 389 48.49 20.52 14.72
N VAL C 390 47.79 19.51 14.27
CA VAL C 390 46.33 19.63 14.24
C VAL C 390 45.75 19.73 15.65
N SER C 391 44.91 20.73 15.85
CA SER C 391 44.31 20.98 17.15
C SER C 391 42.87 20.53 17.25
N SER C 392 42.20 20.34 16.12
CA SER C 392 40.74 20.11 16.10
C SER C 392 40.44 18.64 15.90
N VAL C 393 41.39 17.77 16.26
CA VAL C 393 41.30 16.34 15.99
C VAL C 393 40.05 15.69 16.60
N MET C 394 39.65 16.11 17.79
CA MET C 394 38.48 15.48 18.41
C MET C 394 37.20 15.79 17.62
N ALA C 395 37.04 17.05 17.20
CA ALA C 395 35.90 17.43 16.37
C ALA C 395 35.93 16.74 15.02
N ILE C 396 37.11 16.56 14.45
CA ILE C 396 37.24 15.84 13.19
C ILE C 396 36.86 14.38 13.40
N ALA C 397 37.34 13.74 14.47
CA ALA C 397 36.98 12.35 14.70
C ALA C 397 35.47 12.20 14.94
N ASP C 398 34.85 13.15 15.64
CA ASP C 398 33.42 13.10 15.88
C ASP C 398 32.66 13.14 14.56
N SER C 399 33.15 13.95 13.63
CA SER C 399 32.52 14.07 12.32
C SER C 399 32.73 12.80 11.48
N LEU C 400 33.95 12.25 11.49
CA LEU C 400 34.20 11.00 10.79
C LEU C 400 33.31 9.90 11.39
N MET C 401 33.15 9.91 12.71
CA MET C 401 32.26 8.95 13.37
C MET C 401 30.81 9.07 12.93
N SER C 402 30.36 10.30 12.64
CA SER C 402 28.98 10.53 12.23
C SER C 402 28.72 10.07 10.80
N GLU C 403 29.79 9.92 10.03
CA GLU C 403 29.70 9.44 8.66
C GLU C 403 30.16 7.99 8.56
N ARG C 404 30.32 7.34 9.71
CA ARG C 404 30.74 5.93 9.74
C ARG C 404 32.06 5.71 9.00
N MET C 405 32.94 6.73 9.00
CA MET C 405 34.21 6.60 8.32
C MET C 405 35.31 6.20 9.29
N ILE C 406 34.90 5.80 10.49
CA ILE C 406 35.84 5.35 11.49
C ILE C 406 35.16 4.26 12.32
N THR C 407 35.92 3.26 12.76
CA THR C 407 35.32 2.17 13.53
C THR C 407 35.09 2.62 14.97
N ASP C 408 34.08 2.03 15.62
CA ASP C 408 33.79 2.31 17.02
C ASP C 408 35.02 2.10 17.90
N GLU C 409 35.83 1.11 17.55
CA GLU C 409 37.00 0.71 18.34
C GLU C 409 38.09 1.79 18.25
N LEU C 410 38.38 2.25 17.04
CA LEU C 410 39.37 3.32 16.89
C LEU C 410 38.84 4.68 17.36
N TYR C 411 37.55 4.94 17.14
CA TYR C 411 36.97 6.18 17.63
C TYR C 411 37.14 6.23 19.14
N SER C 412 36.86 5.11 19.80
CA SER C 412 37.00 5.04 21.25
C SER C 412 38.45 5.32 21.64
N GLU C 413 39.39 4.72 20.92
CA GLU C 413 40.79 5.00 21.23
C GLU C 413 41.14 6.49 21.11
N VAL C 414 40.70 7.15 20.05
CA VAL C 414 40.95 8.58 19.87
C VAL C 414 40.29 9.39 20.97
N HIS C 415 39.07 9.01 21.32
CA HIS C 415 38.34 9.68 22.38
C HIS C 415 39.09 9.69 23.72
N TYR C 416 39.63 8.54 24.13
CA TYR C 416 40.25 8.43 25.46
C TYR C 416 41.70 8.93 25.50
N ALA C 417 42.33 9.10 24.35
CA ALA C 417 43.72 9.56 24.31
C ALA C 417 43.82 10.98 24.86
N ASP C 418 44.99 11.27 25.41
CA ASP C 418 45.21 12.40 26.31
C ASP C 418 45.34 13.76 25.62
N THR C 419 46.30 13.85 24.71
CA THR C 419 46.66 15.09 24.06
C THR C 419 46.38 15.01 22.57
N ASN C 420 46.34 16.19 21.93
CA ASN C 420 46.05 16.26 20.49
C ASN C 420 46.98 15.41 19.61
N GLN C 421 48.28 15.41 19.93
CA GLN C 421 49.25 14.67 19.13
C GLN C 421 48.98 13.19 19.27
N ARG C 422 48.62 12.72 20.46
CA ARG C 422 48.35 11.26 20.59
C ARG C 422 47.02 10.85 19.93
N LYS C 423 46.01 11.71 20.03
CA LYS C 423 44.77 11.53 19.29
C LYS C 423 45.03 11.48 17.79
N MET C 424 45.89 12.38 17.31
CA MET C 424 46.25 12.39 15.89
C MET C 424 46.99 11.14 15.40
N ARG C 425 47.91 10.64 16.24
CA ARG C 425 48.65 9.42 15.90
C ARG C 425 47.64 8.28 15.69
N LEU C 426 46.70 8.16 16.64
CA LEU C 426 45.64 7.16 16.51
C LEU C 426 44.72 7.43 15.34
N LEU C 427 44.27 8.68 15.15
CA LEU C 427 43.39 8.98 14.03
C LEU C 427 43.99 8.59 12.67
N PHE C 428 45.30 8.74 12.52
CA PHE C 428 45.92 8.37 11.25
C PHE C 428 45.77 6.89 10.92
N ARG C 429 45.60 6.04 11.95
CA ARG C 429 45.25 4.64 11.69
C ARG C 429 43.92 4.50 10.96
N ALA C 430 42.95 5.32 11.33
CA ALA C 430 41.66 5.35 10.65
C ALA C 430 41.81 5.91 9.25
N LEU C 431 42.74 6.83 9.07
CA LEU C 431 42.91 7.41 7.74
C LEU C 431 43.54 6.40 6.82
N ASP C 432 44.52 5.64 7.32
CA ASP C 432 45.14 4.59 6.54
C ASP C 432 44.14 3.46 6.33
N SER C 433 43.23 3.25 7.29
CA SER C 433 42.20 2.21 7.10
C SER C 433 41.21 2.57 5.99
N GLY C 434 40.97 3.86 5.77
CA GLY C 434 39.95 4.30 4.83
C GLY C 434 40.41 4.78 3.46
N GLY C 435 41.71 4.79 3.22
CA GLY C 435 42.21 5.21 1.92
C GLY C 435 41.95 6.65 1.52
N ALA C 436 42.06 6.90 0.22
CA ALA C 436 42.01 8.26 -0.33
C ALA C 436 40.73 9.01 0.04
N SER C 437 39.61 8.30 0.01
CA SER C 437 38.31 8.91 0.28
C SER C 437 38.21 9.46 1.69
N VAL C 438 38.64 8.66 2.67
CA VAL C 438 38.63 9.12 4.06
C VAL C 438 39.68 10.21 4.31
N LYS C 439 40.85 10.11 3.67
CA LYS C 439 41.85 11.18 3.76
C LYS C 439 41.30 12.52 3.21
N ALA C 440 40.52 12.43 2.14
CA ALA C 440 39.94 13.62 1.52
C ALA C 440 38.91 14.24 2.45
N GLU C 441 38.14 13.40 3.12
CA GLU C 441 37.16 13.92 4.06
C GLU C 441 37.84 14.49 5.31
N PHE C 442 38.94 13.88 5.76
CA PHE C 442 39.70 14.50 6.85
C PHE C 442 40.15 15.90 6.43
N TYR C 443 40.66 16.00 5.21
CA TYR C 443 41.08 17.30 4.69
C TYR C 443 39.94 18.32 4.69
N ARG C 444 38.78 17.93 4.18
CA ARG C 444 37.64 18.85 4.12
C ARG C 444 37.26 19.35 5.51
N LEU C 445 37.25 18.43 6.48
CA LEU C 445 36.95 18.80 7.85
C LEU C 445 38.03 19.72 8.46
N LEU C 446 39.30 19.40 8.20
CA LEU C 446 40.40 20.23 8.68
C LEU C 446 40.36 21.66 8.13
N MET C 447 40.03 21.81 6.86
CA MET C 447 39.93 23.15 6.28
C MET C 447 38.80 23.95 6.90
N GLU C 448 37.69 23.29 7.24
CA GLU C 448 36.64 23.95 7.99
C GLU C 448 37.12 24.42 9.37
N ASN C 449 37.91 23.62 10.06
CA ASN C 449 38.27 23.90 11.46
C ASN C 449 39.49 24.78 11.65
N GLU C 450 40.48 24.56 10.78
CA GLU C 450 41.80 25.14 10.94
C GLU C 450 42.36 25.71 9.63
N PRO C 451 41.64 26.66 9.01
CA PRO C 451 42.05 27.13 7.68
C PRO C 451 43.43 27.76 7.65
N ARG C 452 43.83 28.45 8.72
CA ARG C 452 45.14 29.05 8.73
CA ARG C 452 45.15 29.06 8.79
C ARG C 452 46.23 27.99 8.67
N LEU C 453 46.09 26.94 9.48
CA LEU C 453 47.05 25.83 9.43
C LEU C 453 47.11 25.20 8.04
N VAL C 454 45.95 24.95 7.44
CA VAL C 454 45.91 24.32 6.12
C VAL C 454 46.65 25.17 5.10
N HIS C 455 46.44 26.48 5.11
CA HIS C 455 47.07 27.32 4.11
C HIS C 455 48.58 27.45 4.35
N GLU C 456 48.98 27.47 5.61
CA GLU C 456 50.39 27.44 5.98
C GLU C 456 51.09 26.19 5.43
N LEU C 457 50.42 25.04 5.56
CA LEU C 457 51.01 23.77 5.14
C LEU C 457 50.97 23.64 3.62
N GLU C 458 49.95 24.23 3.00
CA GLU C 458 49.84 24.20 1.55
C GLU C 458 50.91 25.05 0.90
N SER C 459 51.42 26.02 1.66
CA SER C 459 52.52 26.84 1.18
C SER C 459 53.79 26.01 1.04
N ARG C 460 54.16 25.34 2.13
CA ARG C 460 55.37 24.53 2.15
C ARG C 460 55.26 23.30 1.25
N HIS C 461 54.04 22.79 1.06
CA HIS C 461 53.86 21.66 0.15
C HIS C 461 53.99 22.07 -1.34
N SER C 462 54.06 23.37 -1.58
CA SER C 462 54.42 23.87 -2.91
C SER C 462 55.87 24.37 -2.89
#